data_1ZAJ
#
_entry.id   1ZAJ
#
_cell.length_a   83.044
_cell.length_b   103.327
_cell.length_c   84.360
_cell.angle_alpha   90.00
_cell.angle_beta   98.86
_cell.angle_gamma   90.00
#
_symmetry.space_group_name_H-M   'P 1 21 1'
#
loop_
_entity.id
_entity.type
_entity.pdbx_description
1 polymer 'Fructose-bisphosphate aldolase A'
2 non-polymer D-MANNITOL-1,6-DIPHOSPHATE
3 water water
#
_entity_poly.entity_id   1
_entity_poly.type   'polypeptide(L)'
_entity_poly.pdbx_seq_one_letter_code
;PHSHPALTPEQKKELSDIAHRIVAPGKGILAADESTGSIAKRLQSIGTENTEENRRFYRQLLLTADDRVNPCIGGVILFH
ETLYQKADDGRPFPQVIKSKGGVVGIKVDKGVVPLAGTNGETTTQGLDGLSERCAQYKKDGADFAKWRCVLKIGEHTPSA
LAIMENANVLARYASICQQNGIVPIVEPEILPDGDHDLKRCQYVTEKVLAAVYKALSDHHIYLEGTLLKPNMVTPGHACT
QKYSHEEIAMATVTALRRTVPPAVTGVTFLSGGQSEEEASINLNAINKCPLLKPWALTFSYGRALQASALKAWGGKKENL
KAAQEEYVKRALANSLACQGKYTPSGQAGAAASESLFISNHAY
;
_entity_poly.pdbx_strand_id   A,B,C,D
#
loop_
_chem_comp.id
_chem_comp.type
_chem_comp.name
_chem_comp.formula
M2P non-polymer D-MANNITOL-1,6-DIPHOSPHATE 'C6 H16 O12 P2'
#
# COMPACT_ATOMS: atom_id res chain seq x y z
N PRO A 1 -0.89 24.05 9.23
CA PRO A 1 0.35 23.35 9.65
C PRO A 1 0.37 23.10 11.15
N HIS A 2 0.08 21.86 11.55
CA HIS A 2 0.06 21.50 12.97
C HIS A 2 0.82 20.19 13.23
N SER A 3 0.83 19.31 12.24
CA SER A 3 1.50 18.01 12.35
C SER A 3 0.73 17.11 13.31
N HIS A 4 -0.10 17.73 14.15
CA HIS A 4 -0.91 17.02 15.13
C HIS A 4 -0.09 15.98 15.89
N PRO A 5 0.97 16.44 16.59
CA PRO A 5 1.83 15.54 17.35
C PRO A 5 0.99 14.59 18.20
N ALA A 6 1.29 13.30 18.12
CA ALA A 6 0.57 12.31 18.88
C ALA A 6 1.00 12.37 20.35
N LEU A 7 2.24 12.80 20.57
CA LEU A 7 2.79 12.88 21.91
C LEU A 7 3.49 14.22 22.17
N THR A 8 3.45 14.67 23.42
CA THR A 8 4.12 15.91 23.78
C THR A 8 5.54 15.49 24.17
N PRO A 9 6.44 16.47 24.36
CA PRO A 9 7.81 16.14 24.76
C PRO A 9 7.90 15.35 26.07
N GLU A 10 7.04 15.71 27.03
CA GLU A 10 7.06 15.03 28.32
C GLU A 10 6.57 13.59 28.19
N GLN A 11 5.55 13.37 27.37
CA GLN A 11 5.04 12.02 27.16
C GLN A 11 6.14 11.17 26.52
N LYS A 12 6.88 11.76 25.58
CA LYS A 12 7.98 11.05 24.92
C LYS A 12 9.06 10.70 25.94
N LYS A 13 9.45 11.70 26.73
CA LYS A 13 10.47 11.52 27.75
C LYS A 13 10.13 10.32 28.64
N GLU A 14 8.89 10.26 29.12
CA GLU A 14 8.45 9.16 29.97
C GLU A 14 8.59 7.79 29.30
N LEU A 15 8.11 7.66 28.07
CA LEU A 15 8.21 6.40 27.35
C LEU A 15 9.65 6.00 27.07
N SER A 16 10.45 6.98 26.63
CA SER A 16 11.86 6.71 26.35
C SER A 16 12.57 6.24 27.61
N ASP A 17 12.35 6.95 28.72
CA ASP A 17 12.98 6.61 29.98
C ASP A 17 12.59 5.19 30.41
N ILE A 18 11.32 4.84 30.25
CA ILE A 18 10.87 3.49 30.62
C ILE A 18 11.53 2.43 29.74
N ALA A 19 11.57 2.67 28.44
CA ALA A 19 12.15 1.70 27.51
C ALA A 19 13.62 1.42 27.80
N HIS A 20 14.39 2.48 28.07
CA HIS A 20 15.81 2.34 28.38
C HIS A 20 16.06 1.61 29.70
N ARG A 21 15.18 1.82 30.68
CA ARG A 21 15.32 1.16 31.98
C ARG A 21 15.17 -0.35 31.87
N ILE A 22 14.27 -0.80 31.01
CA ILE A 22 14.03 -2.23 30.84
C ILE A 22 15.19 -2.96 30.21
N VAL A 23 15.84 -2.33 29.23
CA VAL A 23 16.96 -2.95 28.53
C VAL A 23 18.32 -2.36 28.90
N ALA A 24 18.44 -1.89 30.14
CA ALA A 24 19.71 -1.32 30.61
C ALA A 24 20.76 -2.43 30.50
N PRO A 25 22.02 -2.06 30.31
CA PRO A 25 23.14 -3.01 30.18
C PRO A 25 23.05 -4.18 31.15
N GLY A 26 23.06 -5.39 30.58
CA GLY A 26 22.99 -6.60 31.40
C GLY A 26 21.60 -7.03 31.84
N LYS A 27 20.57 -6.28 31.47
CA LYS A 27 19.20 -6.61 31.88
C LYS A 27 18.32 -7.18 30.77
N GLY A 28 17.41 -8.06 31.16
CA GLY A 28 16.50 -8.67 30.22
C GLY A 28 15.11 -8.72 30.83
N ILE A 29 14.20 -9.40 30.15
CA ILE A 29 12.82 -9.49 30.62
C ILE A 29 12.38 -10.92 30.89
N LEU A 30 11.67 -11.10 32.00
CA LEU A 30 11.11 -12.41 32.34
C LEU A 30 9.68 -12.39 31.79
N ALA A 31 9.39 -13.25 30.82
CA ALA A 31 8.06 -13.32 30.24
C ALA A 31 7.27 -14.39 30.97
N ALA A 32 6.52 -13.99 31.99
CA ALA A 32 5.72 -14.90 32.78
C ALA A 32 4.25 -14.55 32.60
N ASP A 33 3.91 -14.14 31.38
CA ASP A 33 2.55 -13.71 31.07
C ASP A 33 1.64 -14.75 30.42
N GLU A 34 1.91 -16.03 30.66
CA GLU A 34 1.09 -17.09 30.07
C GLU A 34 -0.36 -16.96 30.55
N SER A 35 -1.29 -16.91 29.59
CA SER A 35 -2.70 -16.81 29.92
C SER A 35 -3.14 -18.08 30.65
N THR A 36 -4.37 -18.10 31.14
CA THR A 36 -4.89 -19.24 31.88
C THR A 36 -4.78 -20.55 31.12
N GLY A 37 -5.14 -20.53 29.84
CA GLY A 37 -5.08 -21.74 29.03
C GLY A 37 -3.67 -22.21 28.76
N SER A 38 -2.76 -21.28 28.52
CA SER A 38 -1.37 -21.63 28.23
C SER A 38 -0.64 -22.13 29.47
N ILE A 39 -0.86 -21.48 30.60
CA ILE A 39 -0.18 -21.90 31.83
C ILE A 39 -0.70 -23.29 32.19
N ALA A 40 -1.92 -23.59 31.74
CA ALA A 40 -2.53 -24.88 32.01
C ALA A 40 -1.66 -25.97 31.41
N LYS A 41 -1.15 -25.73 30.21
CA LYS A 41 -0.30 -26.69 29.52
C LYS A 41 1.00 -26.93 30.28
N ARG A 42 1.57 -25.86 30.83
CA ARG A 42 2.83 -25.97 31.57
C ARG A 42 2.63 -26.77 32.85
N LEU A 43 1.59 -26.46 33.60
CA LEU A 43 1.32 -27.15 34.86
C LEU A 43 0.96 -28.61 34.65
N GLN A 44 0.26 -28.89 33.56
CA GLN A 44 -0.13 -30.26 33.24
C GLN A 44 1.08 -31.10 32.88
N SER A 45 2.13 -30.45 32.37
CA SER A 45 3.34 -31.18 32.01
C SER A 45 4.06 -31.67 33.26
N ILE A 46 3.67 -31.13 34.42
CA ILE A 46 4.29 -31.53 35.68
C ILE A 46 3.25 -32.07 36.67
N GLY A 47 2.18 -32.65 36.12
CA GLY A 47 1.12 -33.22 36.93
C GLY A 47 0.53 -32.34 38.00
N THR A 48 0.45 -31.04 37.73
CA THR A 48 -0.11 -30.12 38.71
C THR A 48 -1.46 -29.56 38.27
N GLU A 49 -2.40 -29.48 39.20
CA GLU A 49 -3.73 -28.98 38.88
C GLU A 49 -3.66 -27.49 38.62
N ASN A 50 -4.41 -27.04 37.62
CA ASN A 50 -4.43 -25.63 37.26
C ASN A 50 -5.44 -24.82 38.07
N THR A 51 -5.07 -24.50 39.31
CA THR A 51 -5.92 -23.70 40.18
C THR A 51 -5.28 -22.32 40.28
N GLU A 52 -6.05 -21.32 40.68
CA GLU A 52 -5.47 -19.98 40.78
C GLU A 52 -4.33 -20.01 41.80
N GLU A 53 -4.54 -20.69 42.91
CA GLU A 53 -3.52 -20.77 43.96
C GLU A 53 -2.21 -21.34 43.41
N ASN A 54 -2.28 -22.42 42.64
CA ASN A 54 -1.05 -23.00 42.10
C ASN A 54 -0.36 -22.02 41.16
N ARG A 55 -1.14 -21.28 40.38
CA ARG A 55 -0.59 -20.29 39.46
C ARG A 55 0.04 -19.17 40.28
N ARG A 56 -0.66 -18.73 41.32
CA ARG A 56 -0.16 -17.66 42.18
C ARG A 56 1.15 -18.05 42.85
N PHE A 57 1.20 -19.29 43.34
CA PHE A 57 2.41 -19.78 43.99
C PHE A 57 3.57 -19.87 43.02
N TYR A 58 3.30 -20.37 41.81
CA TYR A 58 4.37 -20.50 40.80
C TYR A 58 4.89 -19.11 40.43
N ARG A 59 4.01 -18.17 40.13
CA ARG A 59 4.43 -16.82 39.79
C ARG A 59 5.17 -16.19 40.98
N GLN A 60 4.65 -16.42 42.19
CA GLN A 60 5.29 -15.90 43.39
C GLN A 60 6.71 -16.46 43.46
N LEU A 61 6.83 -17.76 43.19
CA LEU A 61 8.11 -18.46 43.20
C LEU A 61 9.14 -17.74 42.33
N LEU A 62 8.74 -17.34 41.13
CA LEU A 62 9.64 -16.63 40.22
C LEU A 62 9.91 -15.20 40.68
N LEU A 63 8.84 -14.47 40.96
CA LEU A 63 8.95 -13.08 41.38
C LEU A 63 9.72 -12.85 42.68
N THR A 64 9.70 -13.84 43.57
CA THR A 64 10.40 -13.70 44.85
C THR A 64 11.76 -14.36 44.94
N ALA A 65 12.33 -14.74 43.79
CA ALA A 65 13.66 -15.33 43.78
C ALA A 65 14.58 -14.32 44.47
N ASP A 66 15.69 -14.79 45.03
CA ASP A 66 16.59 -13.90 45.76
C ASP A 66 17.14 -12.73 44.94
N ASP A 67 17.79 -11.80 45.63
CA ASP A 67 18.33 -10.59 45.02
C ASP A 67 19.36 -10.77 43.91
N ARG A 68 19.81 -12.00 43.68
CA ARG A 68 20.79 -12.21 42.61
C ARG A 68 20.21 -11.89 41.23
N VAL A 69 18.89 -12.01 41.08
CA VAL A 69 18.23 -11.74 39.78
C VAL A 69 18.00 -10.25 39.53
N ASN A 70 18.09 -9.44 40.58
CA ASN A 70 17.87 -8.00 40.47
C ASN A 70 18.61 -7.35 39.29
N PRO A 71 19.94 -7.55 39.21
CA PRO A 71 20.72 -6.96 38.12
C PRO A 71 20.40 -7.58 36.76
N CYS A 72 19.75 -8.74 36.77
CA CYS A 72 19.41 -9.47 35.56
C CYS A 72 18.04 -9.18 34.97
N ILE A 73 17.11 -8.73 35.81
CA ILE A 73 15.77 -8.47 35.34
C ILE A 73 15.38 -6.99 35.33
N GLY A 74 15.29 -6.44 34.11
CA GLY A 74 14.92 -5.04 33.96
C GLY A 74 13.41 -4.89 33.89
N GLY A 75 12.72 -5.98 33.57
CA GLY A 75 11.28 -5.95 33.48
C GLY A 75 10.68 -7.34 33.61
N VAL A 76 9.41 -7.40 33.98
CA VAL A 76 8.72 -8.68 34.12
C VAL A 76 7.32 -8.55 33.55
N ILE A 77 7.01 -9.40 32.57
CA ILE A 77 5.70 -9.37 31.93
C ILE A 77 4.71 -10.27 32.67
N LEU A 78 3.53 -9.72 32.98
CA LEU A 78 2.50 -10.48 33.69
C LEU A 78 1.19 -10.58 32.93
N PHE A 79 0.42 -11.60 33.27
CA PHE A 79 -0.90 -11.81 32.69
C PHE A 79 -1.82 -11.07 33.67
N HIS A 80 -2.94 -10.54 33.16
CA HIS A 80 -3.88 -9.79 33.99
C HIS A 80 -4.08 -10.34 35.40
N GLU A 81 -4.43 -11.62 35.49
CA GLU A 81 -4.66 -12.26 36.78
C GLU A 81 -3.54 -11.99 37.79
N THR A 82 -2.31 -12.25 37.37
CA THR A 82 -1.15 -12.10 38.23
C THR A 82 -0.87 -10.67 38.67
N LEU A 83 -1.23 -9.72 37.83
CA LEU A 83 -1.00 -8.32 38.14
C LEU A 83 -1.75 -7.91 39.42
N TYR A 84 -2.86 -8.58 39.70
CA TYR A 84 -3.66 -8.26 40.87
C TYR A 84 -3.60 -9.29 41.99
N GLN A 85 -2.62 -10.18 41.93
CA GLN A 85 -2.46 -11.19 42.99
C GLN A 85 -1.41 -10.66 43.98
N LYS A 86 -1.36 -11.26 45.16
CA LYS A 86 -0.40 -10.83 46.18
C LYS A 86 0.46 -12.00 46.65
N ALA A 87 1.65 -11.67 47.15
CA ALA A 87 2.56 -12.67 47.68
C ALA A 87 2.02 -13.05 49.06
N ASP A 88 2.54 -14.12 49.65
CA ASP A 88 2.10 -14.58 50.96
C ASP A 88 2.21 -13.50 52.03
N ASP A 89 3.14 -12.56 51.85
CA ASP A 89 3.34 -11.49 52.81
C ASP A 89 2.38 -10.31 52.58
N GLY A 90 1.41 -10.51 51.70
CA GLY A 90 0.44 -9.45 51.44
C GLY A 90 0.85 -8.38 50.44
N ARG A 91 2.08 -8.41 49.96
CA ARG A 91 2.53 -7.42 48.99
C ARG A 91 2.03 -7.73 47.57
N PRO A 92 1.53 -6.71 46.87
CA PRO A 92 1.05 -6.94 45.50
C PRO A 92 2.24 -7.36 44.64
N PHE A 93 2.05 -8.34 43.76
CA PHE A 93 3.16 -8.77 42.91
C PHE A 93 3.85 -7.59 42.23
N PRO A 94 3.08 -6.60 41.75
CA PRO A 94 3.77 -5.47 41.11
C PRO A 94 4.76 -4.83 42.08
N GLN A 95 4.37 -4.75 43.35
CA GLN A 95 5.25 -4.16 44.37
C GLN A 95 6.51 -5.02 44.53
N VAL A 96 6.34 -6.34 44.51
CA VAL A 96 7.48 -7.23 44.64
C VAL A 96 8.46 -6.94 43.50
N ILE A 97 7.95 -6.95 42.28
CA ILE A 97 8.78 -6.70 41.11
C ILE A 97 9.56 -5.38 41.21
N LYS A 98 8.86 -4.30 41.53
CA LYS A 98 9.52 -3.00 41.63
C LYS A 98 10.53 -2.91 42.76
N SER A 99 10.29 -3.61 43.87
CA SER A 99 11.21 -3.57 45.00
C SER A 99 12.54 -4.21 44.64
N LYS A 100 12.53 -5.04 43.60
CA LYS A 100 13.74 -5.71 43.15
C LYS A 100 14.35 -5.00 41.94
N GLY A 101 13.90 -3.77 41.67
CA GLY A 101 14.42 -3.00 40.56
C GLY A 101 13.86 -3.30 39.18
N GLY A 102 12.78 -4.08 39.12
CA GLY A 102 12.20 -4.40 37.83
C GLY A 102 11.02 -3.55 37.43
N VAL A 103 10.84 -3.37 36.13
CA VAL A 103 9.71 -2.61 35.61
C VAL A 103 8.59 -3.63 35.40
N VAL A 104 7.37 -3.27 35.76
CA VAL A 104 6.21 -4.17 35.61
C VAL A 104 5.57 -4.04 34.23
N GLY A 105 5.37 -5.18 33.58
CA GLY A 105 4.75 -5.20 32.26
C GLY A 105 3.47 -6.02 32.26
N ILE A 106 2.58 -5.71 31.32
CA ILE A 106 1.29 -6.40 31.24
C ILE A 106 0.99 -6.84 29.81
N LYS A 107 0.60 -8.10 29.65
CA LYS A 107 0.23 -8.60 28.32
C LYS A 107 -1.19 -8.10 28.10
N VAL A 108 -1.46 -7.55 26.92
CA VAL A 108 -2.77 -7.01 26.64
C VAL A 108 -3.52 -7.56 25.42
N ASP A 109 -2.92 -8.47 24.67
CA ASP A 109 -3.62 -9.03 23.52
C ASP A 109 -4.58 -10.11 24.00
N LYS A 110 -5.57 -10.44 23.18
CA LYS A 110 -6.54 -11.46 23.55
C LYS A 110 -6.48 -12.71 22.67
N GLY A 111 -5.25 -13.06 22.29
CA GLY A 111 -5.04 -14.24 21.49
C GLY A 111 -5.21 -14.04 20.00
N VAL A 112 -4.80 -15.07 19.26
CA VAL A 112 -4.87 -15.05 17.82
C VAL A 112 -6.25 -15.50 17.33
N VAL A 113 -6.61 -15.06 16.12
CA VAL A 113 -7.88 -15.44 15.51
C VAL A 113 -7.57 -15.78 14.05
N PRO A 114 -8.25 -16.78 13.50
CA PRO A 114 -7.99 -17.16 12.10
C PRO A 114 -8.33 -16.10 11.06
N LEU A 115 -7.49 -16.01 10.03
CA LEU A 115 -7.72 -15.07 8.93
C LEU A 115 -8.36 -15.90 7.80
N ALA A 116 -9.64 -15.64 7.56
CA ALA A 116 -10.38 -16.36 6.52
C ALA A 116 -9.70 -16.26 5.15
N GLY A 117 -9.74 -17.35 4.40
CA GLY A 117 -9.13 -17.35 3.07
C GLY A 117 -7.63 -17.56 3.03
N THR A 118 -7.02 -17.89 4.17
CA THR A 118 -5.58 -18.11 4.22
C THR A 118 -5.32 -19.55 4.63
N ASN A 119 -4.09 -20.01 4.45
CA ASN A 119 -3.75 -21.37 4.83
C ASN A 119 -3.37 -21.43 6.30
N GLY A 120 -4.37 -21.39 7.16
CA GLY A 120 -4.14 -21.47 8.60
C GLY A 120 -3.39 -20.32 9.24
N GLU A 121 -3.47 -19.14 8.64
CA GLU A 121 -2.78 -17.99 9.20
C GLU A 121 -3.70 -17.25 10.16
N THR A 122 -3.10 -16.42 11.02
CA THR A 122 -3.87 -15.68 12.01
C THR A 122 -3.45 -14.24 12.17
N THR A 123 -4.29 -13.50 12.89
CA THR A 123 -3.98 -12.13 13.27
C THR A 123 -4.29 -12.16 14.76
N THR A 124 -4.16 -11.03 15.44
CA THR A 124 -4.39 -11.02 16.87
C THR A 124 -5.44 -10.00 17.25
N GLN A 125 -6.29 -10.35 18.21
CA GLN A 125 -7.35 -9.46 18.68
C GLN A 125 -6.99 -8.90 20.05
N GLY A 126 -7.73 -7.89 20.50
CA GLY A 126 -7.47 -7.31 21.80
C GLY A 126 -7.46 -5.78 21.85
N LEU A 127 -7.86 -5.13 20.77
CA LEU A 127 -7.88 -3.66 20.73
C LEU A 127 -9.09 -3.02 21.38
N ASP A 128 -10.20 -3.76 21.49
CA ASP A 128 -11.41 -3.19 22.08
C ASP A 128 -11.23 -2.79 23.53
N GLY A 129 -11.52 -1.53 23.83
CA GLY A 129 -11.38 -1.02 25.18
C GLY A 129 -9.94 -1.01 25.68
N LEU A 130 -8.98 -1.18 24.78
CA LEU A 130 -7.58 -1.21 25.17
C LEU A 130 -7.08 0.07 25.82
N SER A 131 -7.57 1.22 25.36
CA SER A 131 -7.13 2.48 25.95
C SER A 131 -7.46 2.53 27.43
N GLU A 132 -8.72 2.24 27.77
CA GLU A 132 -9.16 2.24 29.15
C GLU A 132 -8.39 1.20 29.95
N ARG A 133 -8.12 0.05 29.35
CA ARG A 133 -7.38 -1.01 30.02
C ARG A 133 -5.95 -0.53 30.32
N CYS A 134 -5.32 0.13 29.36
CA CYS A 134 -3.96 0.65 29.55
C CYS A 134 -3.93 1.71 30.66
N ALA A 135 -4.94 2.58 30.66
CA ALA A 135 -5.00 3.62 31.68
C ALA A 135 -5.10 2.96 33.06
N GLN A 136 -5.95 1.93 33.16
CA GLN A 136 -6.11 1.22 34.43
C GLN A 136 -4.81 0.50 34.83
N TYR A 137 -4.19 -0.18 33.87
CA TYR A 137 -2.96 -0.89 34.14
C TYR A 137 -1.86 0.06 34.61
N LYS A 138 -1.73 1.20 33.94
CA LYS A 138 -0.72 2.19 34.31
C LYS A 138 -0.91 2.60 35.76
N LYS A 139 -2.15 2.92 36.11
CA LYS A 139 -2.49 3.33 37.47
C LYS A 139 -2.17 2.23 38.48
N ASP A 140 -2.33 0.98 38.06
CA ASP A 140 -2.07 -0.15 38.95
C ASP A 140 -0.63 -0.69 38.92
N GLY A 141 0.30 0.12 38.42
CA GLY A 141 1.69 -0.32 38.43
C GLY A 141 2.44 -0.71 37.17
N ALA A 142 1.75 -0.93 36.06
CA ALA A 142 2.43 -1.32 34.83
C ALA A 142 2.97 -0.13 34.05
N ASP A 143 4.16 -0.30 33.48
CA ASP A 143 4.78 0.74 32.66
C ASP A 143 5.01 0.31 31.21
N PHE A 144 4.89 -0.98 30.94
CA PHE A 144 5.02 -1.45 29.56
C PHE A 144 4.04 -2.59 29.31
N ALA A 145 3.79 -2.86 28.03
CA ALA A 145 2.85 -3.92 27.66
C ALA A 145 3.46 -4.82 26.62
N LYS A 146 2.76 -5.90 26.30
CA LYS A 146 3.22 -6.83 25.30
C LYS A 146 2.02 -7.36 24.51
N TRP A 147 2.22 -7.49 23.21
CA TRP A 147 1.19 -7.97 22.29
C TRP A 147 1.88 -8.90 21.30
N ARG A 148 1.36 -10.12 21.17
CA ARG A 148 1.95 -11.11 20.28
C ARG A 148 1.15 -11.46 19.03
N CYS A 149 1.81 -11.32 17.89
CA CYS A 149 1.24 -11.67 16.60
C CYS A 149 2.03 -12.91 16.22
N VAL A 150 1.39 -13.85 15.54
CA VAL A 150 2.06 -15.09 15.15
C VAL A 150 1.97 -15.34 13.65
N LEU A 151 3.13 -15.53 13.02
CA LEU A 151 3.18 -15.80 11.58
C LEU A 151 3.94 -17.11 11.40
N LYS A 152 3.69 -17.78 10.27
CA LYS A 152 4.36 -19.05 10.03
C LYS A 152 4.94 -19.15 8.63
N ILE A 153 6.08 -19.82 8.54
CA ILE A 153 6.77 -20.01 7.28
C ILE A 153 6.27 -21.33 6.69
N GLY A 154 5.71 -21.25 5.49
CA GLY A 154 5.17 -22.43 4.82
C GLY A 154 5.21 -22.23 3.32
N GLU A 155 4.70 -23.22 2.58
CA GLU A 155 4.69 -23.14 1.12
C GLU A 155 4.15 -21.82 0.56
N HIS A 156 3.14 -21.26 1.22
CA HIS A 156 2.53 -20.00 0.77
C HIS A 156 2.37 -18.97 1.88
N THR A 157 3.00 -19.21 3.02
CA THR A 157 2.91 -18.30 4.15
C THR A 157 4.31 -17.84 4.58
N PRO A 158 4.43 -16.63 5.15
CA PRO A 158 3.36 -15.66 5.45
C PRO A 158 2.84 -14.97 4.20
N SER A 159 1.52 -14.88 4.06
CA SER A 159 0.92 -14.25 2.88
C SER A 159 0.97 -12.72 3.01
N ALA A 160 0.72 -12.04 1.89
CA ALA A 160 0.73 -10.58 1.88
C ALA A 160 -0.30 -10.05 2.88
N LEU A 161 -1.47 -10.69 2.94
CA LEU A 161 -2.52 -10.27 3.86
C LEU A 161 -2.08 -10.45 5.31
N ALA A 162 -1.55 -11.63 5.64
CA ALA A 162 -1.11 -11.90 7.01
C ALA A 162 -0.09 -10.89 7.48
N ILE A 163 0.91 -10.63 6.64
CA ILE A 163 1.94 -9.68 6.99
C ILE A 163 1.34 -8.28 7.18
N MET A 164 0.55 -7.85 6.19
CA MET A 164 -0.09 -6.54 6.25
C MET A 164 -0.95 -6.35 7.49
N GLU A 165 -1.88 -7.30 7.70
CA GLU A 165 -2.80 -7.24 8.84
C GLU A 165 -2.12 -7.27 10.21
N ASN A 166 -1.17 -8.18 10.41
CA ASN A 166 -0.50 -8.28 11.69
C ASN A 166 0.34 -7.04 11.99
N ALA A 167 1.00 -6.49 10.98
CA ALA A 167 1.80 -5.28 11.16
C ALA A 167 0.89 -4.12 11.53
N ASN A 168 -0.28 -4.05 10.90
CA ASN A 168 -1.22 -2.96 11.18
C ASN A 168 -1.81 -3.02 12.59
N VAL A 169 -2.23 -4.19 13.05
CA VAL A 169 -2.81 -4.30 14.38
C VAL A 169 -1.75 -4.04 15.46
N LEU A 170 -0.50 -4.38 15.15
CA LEU A 170 0.60 -4.14 16.07
C LEU A 170 0.78 -2.63 16.22
N ALA A 171 0.60 -1.91 15.12
CA ALA A 171 0.74 -0.45 15.14
C ALA A 171 -0.38 0.22 15.94
N ARG A 172 -1.60 -0.32 15.83
CA ARG A 172 -2.74 0.21 16.56
C ARG A 172 -2.53 -0.02 18.05
N TYR A 173 -2.04 -1.21 18.39
CA TYR A 173 -1.78 -1.56 19.79
C TYR A 173 -0.72 -0.62 20.35
N ALA A 174 0.34 -0.40 19.58
CA ALA A 174 1.43 0.47 20.00
C ALA A 174 0.97 1.91 20.19
N SER A 175 0.09 2.37 19.29
CA SER A 175 -0.42 3.74 19.36
C SER A 175 -1.23 3.97 20.64
N ILE A 176 -2.14 3.07 20.92
CA ILE A 176 -2.98 3.17 22.10
C ILE A 176 -2.12 3.13 23.37
N CYS A 177 -1.13 2.24 23.40
CA CYS A 177 -0.27 2.15 24.57
C CYS A 177 0.45 3.48 24.85
N GLN A 178 1.08 4.03 23.82
CA GLN A 178 1.81 5.27 23.99
C GLN A 178 0.94 6.45 24.43
N GLN A 179 -0.34 6.41 24.11
CA GLN A 179 -1.26 7.48 24.50
C GLN A 179 -1.53 7.40 26.00
N ASN A 180 -1.20 6.26 26.61
CA ASN A 180 -1.45 6.07 28.03
C ASN A 180 -0.19 5.90 28.88
N GLY A 181 0.94 6.38 28.38
CA GLY A 181 2.19 6.28 29.13
C GLY A 181 2.73 4.87 29.27
N ILE A 182 2.29 3.96 28.41
CA ILE A 182 2.74 2.58 28.44
C ILE A 182 3.66 2.27 27.27
N VAL A 183 4.84 1.71 27.55
CA VAL A 183 5.78 1.37 26.49
C VAL A 183 5.34 0.08 25.84
N PRO A 184 5.11 0.12 24.52
CA PRO A 184 4.68 -1.12 23.86
C PRO A 184 5.80 -2.00 23.34
N ILE A 185 5.75 -3.29 23.70
CA ILE A 185 6.73 -4.23 23.18
C ILE A 185 6.01 -4.86 21.99
N VAL A 186 6.55 -4.64 20.79
CA VAL A 186 5.96 -5.17 19.57
C VAL A 186 6.53 -6.55 19.30
N GLU A 187 5.69 -7.58 19.38
CA GLU A 187 6.15 -8.94 19.13
C GLU A 187 5.57 -9.62 17.90
N PRO A 188 6.29 -9.55 16.79
CA PRO A 188 5.84 -10.18 15.54
C PRO A 188 6.62 -11.50 15.46
N GLU A 189 6.11 -12.52 16.14
CA GLU A 189 6.80 -13.81 16.14
C GLU A 189 6.56 -14.68 14.92
N ILE A 190 7.66 -15.04 14.27
CA ILE A 190 7.62 -15.93 13.12
C ILE A 190 8.03 -17.27 13.72
N LEU A 191 7.09 -18.20 13.76
CA LEU A 191 7.35 -19.52 14.33
C LEU A 191 8.49 -20.25 13.62
N PRO A 192 9.21 -21.10 14.36
CA PRO A 192 10.33 -21.85 13.78
C PRO A 192 9.86 -23.15 13.11
N ASP A 193 8.57 -23.44 13.21
CA ASP A 193 8.00 -24.66 12.64
C ASP A 193 8.21 -24.79 11.13
N GLY A 194 8.62 -25.97 10.70
CA GLY A 194 8.84 -26.22 9.29
C GLY A 194 10.24 -26.74 9.00
N ASP A 195 10.50 -27.06 7.74
CA ASP A 195 11.81 -27.58 7.36
C ASP A 195 12.62 -26.57 6.54
N HIS A 196 12.18 -25.31 6.57
CA HIS A 196 12.85 -24.23 5.86
C HIS A 196 14.23 -24.03 6.48
N ASP A 197 15.17 -23.48 5.71
CA ASP A 197 16.52 -23.26 6.20
C ASP A 197 16.74 -21.86 6.78
N LEU A 198 17.97 -21.60 7.21
CA LEU A 198 18.33 -20.31 7.81
C LEU A 198 18.10 -19.12 6.88
N LYS A 199 18.58 -19.20 5.65
CA LYS A 199 18.39 -18.11 4.70
C LYS A 199 16.92 -17.82 4.52
N ARG A 200 16.10 -18.87 4.50
CA ARG A 200 14.66 -18.70 4.34
C ARG A 200 14.10 -17.90 5.50
N CYS A 201 14.40 -18.31 6.73
CA CYS A 201 13.92 -17.58 7.89
C CYS A 201 14.39 -16.13 7.86
N GLN A 202 15.64 -15.91 7.45
CA GLN A 202 16.19 -14.55 7.40
C GLN A 202 15.41 -13.69 6.40
N TYR A 203 15.09 -14.27 5.25
CA TYR A 203 14.35 -13.56 4.23
C TYR A 203 12.98 -13.10 4.74
N VAL A 204 12.22 -14.04 5.31
CA VAL A 204 10.88 -13.73 5.83
C VAL A 204 10.95 -12.75 7.00
N THR A 205 11.94 -12.91 7.87
CA THR A 205 12.08 -12.01 9.01
C THR A 205 12.32 -10.59 8.50
N GLU A 206 13.18 -10.45 7.50
CA GLU A 206 13.46 -9.14 6.94
C GLU A 206 12.19 -8.52 6.38
N LYS A 207 11.41 -9.29 5.63
CA LYS A 207 10.16 -8.78 5.06
C LYS A 207 9.13 -8.43 6.13
N VAL A 208 8.98 -9.30 7.13
CA VAL A 208 8.02 -9.03 8.20
C VAL A 208 8.38 -7.75 8.96
N LEU A 209 9.66 -7.59 9.31
CA LEU A 209 10.08 -6.41 10.05
C LEU A 209 9.95 -5.12 9.24
N ALA A 210 10.23 -5.17 7.95
CA ALA A 210 10.10 -3.99 7.10
C ALA A 210 8.64 -3.55 7.10
N ALA A 211 7.73 -4.53 7.06
CA ALA A 211 6.30 -4.24 7.07
C ALA A 211 5.90 -3.65 8.42
N VAL A 212 6.46 -4.22 9.48
CA VAL A 212 6.16 -3.76 10.82
C VAL A 212 6.55 -2.30 11.00
N TYR A 213 7.77 -1.94 10.61
CA TYR A 213 8.19 -0.56 10.78
C TYR A 213 7.53 0.45 9.87
N LYS A 214 7.06 0.02 8.71
CA LYS A 214 6.35 0.95 7.84
C LYS A 214 5.00 1.24 8.49
N ALA A 215 4.38 0.20 9.05
CA ALA A 215 3.09 0.36 9.72
C ALA A 215 3.24 1.26 10.94
N LEU A 216 4.30 1.07 11.71
CA LEU A 216 4.51 1.91 12.89
C LEU A 216 4.66 3.37 12.45
N SER A 217 5.34 3.60 11.33
CA SER A 217 5.51 4.96 10.83
C SER A 217 4.16 5.54 10.39
N ASP A 218 3.37 4.74 9.70
CA ASP A 218 2.06 5.17 9.23
C ASP A 218 1.13 5.54 10.38
N HIS A 219 1.33 4.91 11.53
CA HIS A 219 0.51 5.15 12.71
C HIS A 219 1.14 6.13 13.69
N HIS A 220 2.23 6.77 13.27
CA HIS A 220 2.93 7.77 14.07
C HIS A 220 3.46 7.24 15.40
N ILE A 221 4.08 6.06 15.38
CA ILE A 221 4.63 5.47 16.59
C ILE A 221 5.99 6.07 16.95
N TYR A 222 6.14 6.42 18.22
CA TYR A 222 7.39 6.99 18.73
C TYR A 222 8.32 5.81 19.02
N LEU A 223 9.20 5.52 18.06
CA LEU A 223 10.10 4.38 18.15
C LEU A 223 11.01 4.33 19.38
N GLU A 224 11.52 5.49 19.81
CA GLU A 224 12.39 5.51 20.98
C GLU A 224 11.63 5.05 22.22
N GLY A 225 10.30 5.02 22.11
CA GLY A 225 9.47 4.60 23.22
C GLY A 225 8.86 3.22 23.02
N THR A 226 9.56 2.37 22.28
CA THR A 226 9.11 1.01 22.02
C THR A 226 10.27 0.04 22.13
N LEU A 227 9.94 -1.24 22.09
CA LEU A 227 10.93 -2.32 22.10
C LEU A 227 10.43 -3.35 21.09
N LEU A 228 11.36 -4.04 20.44
CA LEU A 228 10.99 -5.06 19.46
C LEU A 228 11.25 -6.43 20.06
N LYS A 229 10.30 -7.34 19.92
CA LYS A 229 10.44 -8.69 20.43
C LYS A 229 10.25 -9.65 19.26
N PRO A 230 11.33 -9.87 18.48
CA PRO A 230 11.25 -10.77 17.33
C PRO A 230 11.88 -12.12 17.61
N ASN A 231 11.61 -13.07 16.71
CA ASN A 231 12.21 -14.39 16.81
C ASN A 231 13.65 -14.17 16.37
N MET A 232 14.55 -15.02 16.84
CA MET A 232 15.93 -14.92 16.38
C MET A 232 15.82 -15.55 15.00
N VAL A 233 16.85 -15.40 14.17
CA VAL A 233 16.80 -15.99 12.84
C VAL A 233 17.46 -17.37 12.93
N THR A 234 16.65 -18.41 12.78
CA THR A 234 17.14 -19.78 12.87
C THR A 234 16.48 -20.66 11.82
N PRO A 235 17.03 -21.87 11.59
CA PRO A 235 16.44 -22.76 10.60
C PRO A 235 15.17 -23.35 11.21
N GLY A 236 14.29 -23.89 10.36
CA GLY A 236 13.08 -24.48 10.87
C GLY A 236 13.43 -25.67 11.73
N HIS A 237 12.55 -26.03 12.66
CA HIS A 237 12.81 -27.17 13.54
C HIS A 237 13.11 -28.47 12.79
N ALA A 238 12.45 -28.67 11.66
CA ALA A 238 12.62 -29.88 10.87
C ALA A 238 13.68 -29.79 9.78
N CYS A 239 14.47 -28.71 9.81
CA CYS A 239 15.51 -28.51 8.80
C CYS A 239 16.67 -29.48 9.02
N THR A 240 17.07 -30.17 7.96
CA THR A 240 18.16 -31.14 8.06
C THR A 240 19.56 -30.52 8.00
N GLN A 241 19.68 -29.30 7.48
CA GLN A 241 20.98 -28.64 7.42
C GLN A 241 21.33 -28.06 8.80
N LYS A 242 22.58 -28.21 9.19
CA LYS A 242 23.03 -27.71 10.50
C LYS A 242 23.79 -26.39 10.39
N TYR A 243 23.63 -25.55 11.41
CA TYR A 243 24.28 -24.26 11.47
C TYR A 243 24.94 -24.04 12.82
N SER A 244 25.93 -23.16 12.86
CA SER A 244 26.63 -22.83 14.10
C SER A 244 25.91 -21.64 14.73
N HIS A 245 26.14 -21.42 16.02
CA HIS A 245 25.50 -20.30 16.70
C HIS A 245 25.98 -19.01 16.06
N GLU A 246 27.22 -19.02 15.57
CA GLU A 246 27.79 -17.85 14.93
C GLU A 246 27.00 -17.52 13.65
N GLU A 247 26.54 -18.57 12.97
CA GLU A 247 25.77 -18.41 11.74
C GLU A 247 24.39 -17.86 12.07
N ILE A 248 23.81 -18.38 13.14
CA ILE A 248 22.50 -17.94 13.59
C ILE A 248 22.61 -16.47 13.99
N ALA A 249 23.70 -16.13 14.68
CA ALA A 249 23.95 -14.77 15.12
C ALA A 249 24.14 -13.80 13.95
N MET A 250 24.86 -14.24 12.93
CA MET A 250 25.12 -13.40 11.76
C MET A 250 23.81 -13.10 11.04
N ALA A 251 23.02 -14.15 10.79
CA ALA A 251 21.74 -13.99 10.12
C ALA A 251 20.78 -13.10 10.90
N THR A 252 20.76 -13.28 12.22
CA THR A 252 19.88 -12.49 13.09
C THR A 252 20.25 -11.02 13.07
N VAL A 253 21.51 -10.73 13.33
CA VAL A 253 22.00 -9.36 13.34
C VAL A 253 21.86 -8.73 11.96
N THR A 254 22.15 -9.50 10.92
CA THR A 254 22.03 -8.99 9.56
C THR A 254 20.58 -8.59 9.26
N ALA A 255 19.65 -9.47 9.57
CA ALA A 255 18.23 -9.16 9.34
C ALA A 255 17.81 -7.90 10.10
N LEU A 256 18.19 -7.80 11.37
CA LEU A 256 17.83 -6.63 12.19
C LEU A 256 18.45 -5.33 11.66
N ARG A 257 19.70 -5.38 11.21
CA ARG A 257 20.39 -4.20 10.69
C ARG A 257 19.76 -3.67 9.40
N ARG A 258 19.09 -4.55 8.67
CA ARG A 258 18.46 -4.18 7.41
C ARG A 258 17.02 -3.68 7.56
N THR A 259 16.48 -3.72 8.76
CA THR A 259 15.09 -3.33 8.95
C THR A 259 14.71 -2.52 10.20
N VAL A 260 15.48 -2.65 11.26
CA VAL A 260 15.17 -1.95 12.51
C VAL A 260 15.89 -0.61 12.67
N PRO A 261 15.15 0.50 12.59
CA PRO A 261 15.74 1.85 12.73
C PRO A 261 16.51 1.95 14.04
N PRO A 262 17.67 2.63 14.02
CA PRO A 262 18.47 2.78 15.24
C PRO A 262 17.75 3.48 16.38
N ALA A 263 16.66 4.17 16.05
CA ALA A 263 15.87 4.88 17.05
C ALA A 263 15.18 3.89 18.01
N VAL A 264 14.99 2.66 17.56
CA VAL A 264 14.37 1.64 18.41
C VAL A 264 15.29 1.42 19.62
N THR A 265 14.74 1.65 20.81
CA THR A 265 15.52 1.52 22.05
C THR A 265 16.12 0.16 22.31
N GLY A 266 15.38 -0.91 22.03
CA GLY A 266 15.93 -2.23 22.28
C GLY A 266 15.22 -3.38 21.59
N VAL A 267 15.96 -4.48 21.45
CA VAL A 267 15.45 -5.70 20.84
C VAL A 267 15.52 -6.79 21.93
N THR A 268 14.36 -7.33 22.30
CA THR A 268 14.27 -8.35 23.33
C THR A 268 13.75 -9.64 22.72
N PHE A 269 14.66 -10.54 22.38
CA PHE A 269 14.32 -11.80 21.75
C PHE A 269 13.46 -12.76 22.56
N LEU A 270 12.56 -13.44 21.87
CA LEU A 270 11.70 -14.46 22.47
C LEU A 270 12.54 -15.73 22.32
N SER A 271 12.32 -16.74 23.16
CA SER A 271 13.11 -17.97 23.04
C SER A 271 12.52 -18.93 22.01
N GLY A 272 11.22 -18.78 21.75
CA GLY A 272 10.53 -19.60 20.77
C GLY A 272 10.72 -21.10 20.72
N GLY A 273 10.83 -21.75 21.87
CA GLY A 273 11.01 -23.19 21.87
C GLY A 273 12.44 -23.65 22.04
N GLN A 274 13.40 -22.74 21.88
CA GLN A 274 14.79 -23.10 22.07
C GLN A 274 14.97 -23.52 23.52
N SER A 275 15.97 -24.36 23.79
CA SER A 275 16.23 -24.80 25.16
C SER A 275 16.87 -23.64 25.93
N GLU A 276 16.90 -23.74 27.25
CA GLU A 276 17.48 -22.70 28.07
C GLU A 276 18.91 -22.36 27.64
N GLU A 277 19.73 -23.39 27.49
CA GLU A 277 21.13 -23.22 27.11
C GLU A 277 21.29 -22.65 25.70
N GLU A 278 20.58 -23.23 24.74
CA GLU A 278 20.65 -22.76 23.35
C GLU A 278 20.29 -21.28 23.28
N ALA A 279 19.18 -20.92 23.92
CA ALA A 279 18.72 -19.54 23.94
C ALA A 279 19.78 -18.59 24.48
N SER A 280 20.50 -19.02 25.50
CA SER A 280 21.54 -18.19 26.11
C SER A 280 22.76 -18.09 25.19
N ILE A 281 23.19 -19.23 24.68
CA ILE A 281 24.35 -19.29 23.79
C ILE A 281 24.13 -18.44 22.54
N ASN A 282 22.93 -18.51 21.98
CA ASN A 282 22.64 -17.72 20.78
C ASN A 282 22.59 -16.22 21.07
N LEU A 283 21.99 -15.86 22.21
CA LEU A 283 21.91 -14.45 22.57
C LEU A 283 23.33 -13.93 22.76
N ASN A 284 24.20 -14.80 23.28
CA ASN A 284 25.60 -14.45 23.50
C ASN A 284 26.32 -14.25 22.17
N ALA A 285 26.13 -15.19 21.25
CA ALA A 285 26.76 -15.10 19.93
C ALA A 285 26.30 -13.83 19.22
N ILE A 286 25.01 -13.51 19.37
CA ILE A 286 24.45 -12.33 18.75
C ILE A 286 25.16 -11.08 19.26
N ASN A 287 25.34 -10.98 20.57
CA ASN A 287 26.00 -9.82 21.15
C ASN A 287 27.50 -9.76 20.79
N LYS A 288 28.07 -10.88 20.38
CA LYS A 288 29.48 -10.91 20.01
C LYS A 288 29.64 -10.72 18.50
N CYS A 289 28.54 -10.66 17.78
CA CYS A 289 28.59 -10.48 16.34
C CYS A 289 29.35 -9.19 16.00
N PRO A 290 30.34 -9.28 15.10
CA PRO A 290 31.20 -8.17 14.65
C PRO A 290 30.50 -6.97 14.01
N LEU A 291 29.31 -7.18 13.47
CA LEU A 291 28.57 -6.10 12.84
C LEU A 291 28.13 -5.05 13.86
N LEU A 292 27.88 -3.83 13.38
CA LEU A 292 27.46 -2.76 14.27
C LEU A 292 25.98 -2.89 14.61
N LYS A 293 25.66 -2.84 15.91
CA LYS A 293 24.27 -2.94 16.37
C LYS A 293 23.93 -1.74 17.23
N PRO A 294 23.10 -0.83 16.70
CA PRO A 294 22.66 0.40 17.37
C PRO A 294 21.58 0.28 18.44
N TRP A 295 21.23 -0.95 18.82
CA TRP A 295 20.21 -1.14 19.84
C TRP A 295 20.63 -2.25 20.78
N ALA A 296 20.10 -2.22 21.99
CA ALA A 296 20.39 -3.25 22.97
C ALA A 296 19.82 -4.55 22.42
N LEU A 297 20.59 -5.63 22.54
CA LEU A 297 20.16 -6.95 22.09
C LEU A 297 20.13 -7.84 23.33
N THR A 298 18.94 -8.05 23.86
CA THR A 298 18.82 -8.83 25.07
C THR A 298 17.67 -9.85 25.02
N PHE A 299 17.25 -10.32 26.17
CA PHE A 299 16.19 -11.33 26.24
C PHE A 299 14.85 -10.89 26.84
N SER A 300 13.82 -11.62 26.46
CA SER A 300 12.47 -11.43 26.96
C SER A 300 11.97 -12.86 26.87
N TYR A 301 12.55 -13.72 27.71
CA TYR A 301 12.26 -15.14 27.74
C TYR A 301 11.16 -15.68 28.62
N GLY A 302 10.46 -16.66 28.09
CA GLY A 302 9.40 -17.33 28.83
C GLY A 302 9.98 -18.68 29.19
N ARG A 303 9.88 -19.61 28.26
CA ARG A 303 10.36 -20.98 28.44
C ARG A 303 11.85 -21.08 28.80
N ALA A 304 12.67 -20.27 28.14
CA ALA A 304 14.12 -20.30 28.38
C ALA A 304 14.56 -19.87 29.78
N LEU A 305 13.63 -19.34 30.58
CA LEU A 305 13.95 -18.92 31.94
C LEU A 305 13.19 -19.76 32.97
N GLN A 306 12.19 -20.51 32.51
CA GLN A 306 11.35 -21.32 33.39
C GLN A 306 11.43 -22.85 33.28
N ALA A 307 11.91 -23.35 32.16
CA ALA A 307 11.98 -24.80 31.95
C ALA A 307 12.44 -25.59 33.18
N SER A 308 13.67 -25.38 33.59
CA SER A 308 14.22 -26.08 34.75
C SER A 308 13.53 -25.78 36.07
N ALA A 309 13.14 -24.53 36.27
CA ALA A 309 12.48 -24.12 37.51
C ALA A 309 11.12 -24.80 37.64
N LEU A 310 10.34 -24.78 36.56
CA LEU A 310 9.03 -25.39 36.57
C LEU A 310 9.17 -26.88 36.89
N LYS A 311 10.15 -27.51 36.27
CA LYS A 311 10.42 -28.94 36.46
C LYS A 311 10.85 -29.24 37.90
N ALA A 312 11.76 -28.44 38.42
CA ALA A 312 12.26 -28.64 39.78
C ALA A 312 11.17 -28.43 40.82
N TRP A 313 10.23 -27.55 40.52
CA TRP A 313 9.13 -27.27 41.44
C TRP A 313 8.19 -28.48 41.52
N GLY A 314 7.72 -28.92 40.36
CA GLY A 314 6.83 -30.07 40.32
C GLY A 314 5.53 -29.89 41.08
N GLY A 315 5.14 -28.64 41.30
CA GLY A 315 3.89 -28.37 42.00
C GLY A 315 3.95 -28.61 43.50
N LYS A 316 5.14 -28.92 44.00
CA LYS A 316 5.34 -29.19 45.42
C LYS A 316 5.98 -27.98 46.10
N LYS A 317 5.26 -27.37 47.04
CA LYS A 317 5.78 -26.19 47.73
C LYS A 317 7.11 -26.47 48.42
N GLU A 318 7.38 -27.72 48.77
CA GLU A 318 8.62 -28.07 49.44
C GLU A 318 9.82 -27.92 48.51
N ASN A 319 9.57 -27.76 47.21
CA ASN A 319 10.66 -27.59 46.26
C ASN A 319 10.89 -26.13 45.87
N LEU A 320 10.37 -25.20 46.69
CA LEU A 320 10.52 -23.78 46.42
C LEU A 320 11.97 -23.38 46.15
N LYS A 321 12.83 -23.59 47.14
CA LYS A 321 14.24 -23.24 47.04
C LYS A 321 14.92 -23.84 45.80
N ALA A 322 14.70 -25.13 45.56
CA ALA A 322 15.31 -25.78 44.40
C ALA A 322 14.79 -25.18 43.10
N ALA A 323 13.48 -24.99 43.00
CA ALA A 323 12.88 -24.42 41.80
C ALA A 323 13.45 -23.03 41.50
N GLN A 324 13.48 -22.17 42.51
CA GLN A 324 13.99 -20.82 42.34
C GLN A 324 15.45 -20.79 41.88
N GLU A 325 16.26 -21.69 42.43
CA GLU A 325 17.67 -21.77 42.07
C GLU A 325 17.89 -21.99 40.57
N GLU A 326 17.01 -22.76 39.95
CA GLU A 326 17.13 -23.02 38.52
C GLU A 326 16.84 -21.74 37.73
N TYR A 327 15.82 -21.01 38.16
CA TYR A 327 15.46 -19.75 37.51
C TYR A 327 16.59 -18.75 37.69
N VAL A 328 17.12 -18.65 38.92
CA VAL A 328 18.21 -17.73 39.20
C VAL A 328 19.41 -18.01 38.30
N LYS A 329 19.70 -19.29 38.08
CA LYS A 329 20.82 -19.65 37.23
C LYS A 329 20.63 -19.14 35.80
N ARG A 330 19.42 -19.28 35.28
CA ARG A 330 19.14 -18.84 33.92
C ARG A 330 19.13 -17.33 33.78
N ALA A 331 18.68 -16.63 34.82
CA ALA A 331 18.66 -15.17 34.76
C ALA A 331 20.11 -14.68 34.73
N LEU A 332 20.95 -15.29 35.55
CA LEU A 332 22.37 -14.92 35.60
C LEU A 332 23.02 -15.21 34.26
N ALA A 333 22.68 -16.37 33.68
CA ALA A 333 23.25 -16.79 32.40
C ALA A 333 22.91 -15.82 31.26
N ASN A 334 21.64 -15.45 31.16
CA ASN A 334 21.22 -14.54 30.09
C ASN A 334 21.65 -13.10 30.32
N SER A 335 21.87 -12.73 31.58
CA SER A 335 22.34 -11.37 31.87
C SER A 335 23.74 -11.27 31.28
N LEU A 336 24.52 -12.33 31.42
CA LEU A 336 25.87 -12.37 30.87
C LEU A 336 25.80 -12.44 29.36
N ALA A 337 24.85 -13.23 28.86
CA ALA A 337 24.67 -13.38 27.42
C ALA A 337 24.35 -12.08 26.71
N CYS A 338 23.47 -11.26 27.29
CA CYS A 338 23.11 -10.00 26.65
C CYS A 338 24.28 -9.00 26.72
N GLN A 339 25.39 -9.43 27.31
CA GLN A 339 26.58 -8.60 27.41
C GLN A 339 27.69 -9.31 26.62
N GLY A 340 27.34 -10.47 26.06
CA GLY A 340 28.30 -11.24 25.29
C GLY A 340 29.40 -11.80 26.17
N LYS A 341 29.08 -12.09 27.43
CA LYS A 341 30.05 -12.62 28.37
C LYS A 341 29.69 -14.01 28.90
N TYR A 342 28.78 -14.70 28.21
CA TYR A 342 28.35 -16.01 28.66
C TYR A 342 29.17 -17.16 28.08
N THR A 343 29.54 -18.08 28.95
CA THR A 343 30.29 -19.26 28.57
C THR A 343 29.76 -20.43 29.36
N PRO A 344 29.02 -21.35 28.73
CA PRO A 344 28.51 -22.48 29.51
C PRO A 344 29.65 -23.47 29.81
N SER A 345 29.52 -24.25 30.88
CA SER A 345 30.54 -25.24 31.24
C SER A 345 31.97 -24.66 31.35
N GLY A 346 32.10 -23.47 31.95
CA GLY A 346 33.42 -22.87 32.08
C GLY A 346 33.39 -21.35 32.21
N GLN A 347 32.63 -20.87 33.20
CA GLN A 347 32.48 -19.44 33.46
C GLN A 347 33.81 -18.82 33.87
N ALA A 348 34.62 -18.48 32.87
CA ALA A 348 35.93 -17.87 33.11
C ALA A 348 36.56 -17.45 31.79
N GLY A 349 37.28 -16.33 31.82
CA GLY A 349 37.93 -15.84 30.61
C GLY A 349 38.10 -14.34 30.60
N ALA A 350 39.02 -13.85 29.76
CA ALA A 350 39.28 -12.43 29.64
C ALA A 350 40.03 -12.13 28.34
N ALA A 351 39.41 -11.35 27.46
CA ALA A 351 40.02 -11.00 26.19
C ALA A 351 39.38 -9.73 25.62
N ALA A 352 39.09 -9.76 24.32
CA ALA A 352 38.48 -8.62 23.63
C ALA A 352 39.37 -7.38 23.71
N SER A 353 40.13 -7.15 22.64
CA SER A 353 41.03 -6.00 22.58
C SER A 353 40.99 -5.36 21.20
N GLU A 354 40.69 -6.17 20.18
CA GLU A 354 40.62 -5.68 18.81
C GLU A 354 39.18 -5.58 18.33
N SER A 355 39.01 -5.26 17.05
CA SER A 355 37.68 -5.12 16.47
C SER A 355 37.73 -5.45 14.98
N LEU A 356 38.29 -4.53 14.19
CA LEU A 356 38.41 -4.72 12.75
C LEU A 356 37.05 -4.87 12.08
N PHE A 357 37.08 -5.02 10.75
CA PHE A 357 35.86 -5.19 9.97
C PHE A 357 36.14 -6.05 8.74
N ILE A 358 35.75 -7.31 8.80
CA ILE A 358 35.97 -8.24 7.70
C ILE A 358 34.65 -8.92 7.30
N SER A 359 34.34 -10.04 7.95
CA SER A 359 33.12 -10.78 7.67
C SER A 359 32.99 -11.11 6.18
N ASN A 360 31.83 -11.66 5.81
CA ASN A 360 31.57 -12.00 4.41
C ASN A 360 30.18 -11.50 4.01
N HIS A 361 29.75 -11.85 2.80
CA HIS A 361 28.45 -11.40 2.30
C HIS A 361 27.52 -12.54 1.90
N ALA A 362 27.57 -13.63 2.66
CA ALA A 362 26.74 -14.79 2.37
C ALA A 362 25.35 -14.69 3.00
N TYR A 363 25.05 -13.51 3.56
CA TYR A 363 23.75 -13.30 4.20
C TYR A 363 22.97 -12.19 3.50
N PRO B 1 -5.43 -30.08 -6.11
CA PRO B 1 -4.31 -29.14 -5.86
C PRO B 1 -4.52 -28.32 -4.60
N HIS B 2 -3.52 -27.51 -4.25
CA HIS B 2 -3.59 -26.66 -3.06
C HIS B 2 -4.66 -25.58 -3.25
N SER B 3 -5.53 -25.43 -2.27
CA SER B 3 -6.59 -24.43 -2.31
C SER B 3 -7.25 -24.25 -0.95
N HIS B 4 -7.43 -23.01 -0.55
CA HIS B 4 -8.05 -22.68 0.74
C HIS B 4 -8.96 -21.45 0.63
N PRO B 5 -10.04 -21.57 -0.15
CA PRO B 5 -11.01 -20.49 -0.34
C PRO B 5 -11.60 -20.07 1.00
N ALA B 6 -12.04 -18.82 1.10
CA ALA B 6 -12.62 -18.34 2.35
C ALA B 6 -14.01 -18.95 2.58
N LEU B 7 -14.76 -19.15 1.50
CA LEU B 7 -16.12 -19.69 1.61
C LEU B 7 -16.40 -20.80 0.61
N THR B 8 -17.39 -21.63 0.93
CA THR B 8 -17.79 -22.73 0.07
C THR B 8 -18.92 -22.18 -0.80
N PRO B 9 -19.29 -22.89 -1.88
CA PRO B 9 -20.40 -22.37 -2.69
C PRO B 9 -21.71 -22.32 -1.91
N GLU B 10 -21.82 -23.16 -0.88
CA GLU B 10 -23.03 -23.18 -0.06
C GLU B 10 -23.08 -21.93 0.81
N GLN B 11 -21.94 -21.54 1.37
CA GLN B 11 -21.86 -20.36 2.21
C GLN B 11 -22.08 -19.10 1.38
N LYS B 12 -21.60 -19.13 0.14
CA LYS B 12 -21.77 -18.00 -0.76
C LYS B 12 -23.25 -17.83 -1.12
N LYS B 13 -23.91 -18.94 -1.47
CA LYS B 13 -25.32 -18.85 -1.83
C LYS B 13 -26.16 -18.30 -0.68
N GLU B 14 -25.87 -18.73 0.55
CA GLU B 14 -26.62 -18.26 1.70
C GLU B 14 -26.44 -16.75 1.89
N LEU B 15 -25.20 -16.28 1.76
CA LEU B 15 -24.91 -14.87 1.91
C LEU B 15 -25.53 -14.05 0.77
N SER B 16 -25.40 -14.55 -0.46
CA SER B 16 -25.95 -13.83 -1.60
C SER B 16 -27.48 -13.74 -1.50
N ASP B 17 -28.12 -14.86 -1.16
CA ASP B 17 -29.57 -14.87 -1.03
C ASP B 17 -30.04 -13.87 0.02
N ILE B 18 -29.34 -13.77 1.14
CA ILE B 18 -29.73 -12.85 2.20
C ILE B 18 -29.61 -11.41 1.72
N ALA B 19 -28.48 -11.09 1.11
CA ALA B 19 -28.22 -9.73 0.62
C ALA B 19 -29.27 -9.27 -0.38
N HIS B 20 -29.64 -10.13 -1.31
CA HIS B 20 -30.66 -9.79 -2.31
C HIS B 20 -32.04 -9.56 -1.67
N ARG B 21 -32.39 -10.36 -0.67
CA ARG B 21 -33.69 -10.20 -0.01
C ARG B 21 -33.85 -8.82 0.59
N ILE B 22 -32.81 -8.37 1.28
CA ILE B 22 -32.82 -7.08 1.95
C ILE B 22 -33.08 -5.90 1.02
N VAL B 23 -32.48 -5.93 -0.16
CA VAL B 23 -32.63 -4.83 -1.11
C VAL B 23 -33.49 -5.16 -2.32
N ALA B 24 -34.39 -6.13 -2.18
CA ALA B 24 -35.28 -6.49 -3.27
C ALA B 24 -36.00 -5.23 -3.72
N PRO B 25 -36.41 -5.17 -4.99
CA PRO B 25 -37.10 -4.00 -5.54
C PRO B 25 -38.14 -3.38 -4.60
N GLY B 26 -38.05 -2.07 -4.43
CA GLY B 26 -38.99 -1.35 -3.58
C GLY B 26 -38.72 -1.44 -2.08
N LYS B 27 -37.70 -2.19 -1.69
CA LYS B 27 -37.40 -2.34 -0.26
C LYS B 27 -36.15 -1.62 0.22
N GLY B 28 -36.17 -1.27 1.50
CA GLY B 28 -35.05 -0.58 2.12
C GLY B 28 -34.87 -1.09 3.53
N ILE B 29 -33.98 -0.44 4.28
CA ILE B 29 -33.70 -0.85 5.65
C ILE B 29 -34.05 0.22 6.68
N LEU B 30 -34.59 -0.22 7.81
CA LEU B 30 -34.89 0.70 8.90
C LEU B 30 -33.73 0.52 9.88
N ALA B 31 -32.92 1.55 10.04
CA ALA B 31 -31.79 1.49 10.96
C ALA B 31 -32.24 2.02 12.32
N ALA B 32 -32.63 1.11 13.21
CA ALA B 32 -33.08 1.46 14.55
C ALA B 32 -32.10 0.90 15.57
N ASP B 33 -30.82 0.88 15.19
CA ASP B 33 -29.77 0.32 16.02
C ASP B 33 -29.02 1.29 16.93
N GLU B 34 -29.66 2.38 17.33
CA GLU B 34 -29.00 3.34 18.21
C GLU B 34 -28.66 2.68 19.55
N SER B 35 -27.42 2.84 19.99
CA SER B 35 -26.97 2.26 21.25
C SER B 35 -27.60 3.01 22.43
N THR B 36 -27.46 2.45 23.62
CA THR B 36 -28.05 3.04 24.83
C THR B 36 -27.78 4.53 24.96
N GLY B 37 -26.51 4.92 24.80
CA GLY B 37 -26.14 6.32 24.92
C GLY B 37 -26.69 7.22 23.82
N SER B 38 -26.85 6.69 22.63
CA SER B 38 -27.37 7.48 21.51
C SER B 38 -28.89 7.63 21.54
N ILE B 39 -29.59 6.55 21.83
CA ILE B 39 -31.04 6.62 21.87
C ILE B 39 -31.45 7.49 23.06
N ALA B 40 -30.59 7.55 24.07
CA ALA B 40 -30.84 8.37 25.26
C ALA B 40 -30.99 9.83 24.87
N LYS B 41 -30.20 10.28 23.90
CA LYS B 41 -30.26 11.66 23.44
C LYS B 41 -31.54 11.88 22.63
N ARG B 42 -31.97 10.86 21.90
CA ARG B 42 -33.18 10.97 21.11
C ARG B 42 -34.39 11.09 22.03
N LEU B 43 -34.44 10.26 23.07
CA LEU B 43 -35.53 10.30 24.01
C LEU B 43 -35.52 11.63 24.78
N GLN B 44 -34.32 12.13 25.03
CA GLN B 44 -34.16 13.39 25.75
C GLN B 44 -34.75 14.55 24.94
N SER B 45 -34.58 14.52 23.63
CA SER B 45 -35.10 15.58 22.78
C SER B 45 -36.62 15.72 22.88
N ILE B 46 -37.28 14.71 23.45
CA ILE B 46 -38.73 14.75 23.62
C ILE B 46 -39.12 14.54 25.09
N GLY B 47 -38.26 15.04 25.98
CA GLY B 47 -38.51 14.93 27.41
C GLY B 47 -38.98 13.58 27.90
N THR B 48 -38.31 12.52 27.46
CA THR B 48 -38.67 11.17 27.87
C THR B 48 -37.49 10.48 28.56
N GLU B 49 -37.70 10.01 29.78
CA GLU B 49 -36.65 9.33 30.53
C GLU B 49 -36.11 8.15 29.73
N ASN B 50 -34.81 7.89 29.89
CA ASN B 50 -34.18 6.78 29.17
C ASN B 50 -34.16 5.50 29.97
N THR B 51 -35.30 4.82 30.02
CA THR B 51 -35.42 3.56 30.73
C THR B 51 -35.52 2.45 29.69
N GLU B 52 -35.28 1.22 30.11
CA GLU B 52 -35.36 0.10 29.18
C GLU B 52 -36.78 -0.04 28.61
N GLU B 53 -37.79 0.19 29.44
CA GLU B 53 -39.17 0.10 28.99
C GLU B 53 -39.52 1.11 27.91
N ASN B 54 -39.04 2.35 28.04
CA ASN B 54 -39.31 3.38 27.04
C ASN B 54 -38.56 3.06 25.74
N ARG B 55 -37.38 2.46 25.86
CA ARG B 55 -36.62 2.09 24.69
C ARG B 55 -37.36 0.93 24.00
N ARG B 56 -37.87 0.00 24.81
CA ARG B 56 -38.61 -1.14 24.28
C ARG B 56 -39.88 -0.70 23.60
N PHE B 57 -40.59 0.24 24.23
CA PHE B 57 -41.85 0.74 23.68
C PHE B 57 -41.65 1.48 22.37
N TYR B 58 -40.60 2.30 22.31
CA TYR B 58 -40.32 3.05 21.10
C TYR B 58 -39.97 2.12 19.96
N ARG B 59 -39.12 1.13 20.23
CA ARG B 59 -38.71 0.16 19.21
C ARG B 59 -39.91 -0.67 18.78
N GLN B 60 -40.76 -1.02 19.74
CA GLN B 60 -41.96 -1.81 19.42
C GLN B 60 -42.87 -0.97 18.53
N LEU B 61 -42.91 0.33 18.79
CA LEU B 61 -43.73 1.26 18.03
C LEU B 61 -43.40 1.19 16.54
N LEU B 62 -42.11 1.19 16.21
CA LEU B 62 -41.67 1.13 14.83
C LEU B 62 -41.84 -0.28 14.24
N LEU B 63 -41.33 -1.27 14.96
CA LEU B 63 -41.39 -2.65 14.50
C LEU B 63 -42.79 -3.23 14.32
N THR B 64 -43.79 -2.67 14.98
CA THR B 64 -45.15 -3.18 14.85
C THR B 64 -46.13 -2.28 14.09
N ALA B 65 -45.60 -1.39 13.25
CA ALA B 65 -46.46 -0.52 12.44
C ALA B 65 -47.24 -1.48 11.53
N ASP B 66 -48.37 -1.04 10.98
CA ASP B 66 -49.18 -1.92 10.14
C ASP B 66 -48.50 -2.46 8.89
N ASP B 67 -49.16 -3.41 8.24
CA ASP B 67 -48.64 -4.08 7.05
C ASP B 67 -48.28 -3.22 5.85
N ARG B 68 -48.62 -1.94 5.86
CA ARG B 68 -48.27 -1.07 4.75
C ARG B 68 -46.75 -0.93 4.63
N VAL B 69 -46.04 -1.22 5.70
CA VAL B 69 -44.57 -1.11 5.67
C VAL B 69 -43.90 -2.38 5.18
N ASN B 70 -44.62 -3.50 5.22
CA ASN B 70 -44.05 -4.78 4.80
C ASN B 70 -43.31 -4.73 3.45
N PRO B 71 -43.94 -4.22 2.40
CA PRO B 71 -43.30 -4.14 1.08
C PRO B 71 -42.17 -3.12 1.05
N CYS B 72 -42.18 -2.21 2.01
CA CYS B 72 -41.17 -1.15 2.09
C CYS B 72 -39.90 -1.54 2.83
N ILE B 73 -40.03 -2.44 3.80
CA ILE B 73 -38.90 -2.83 4.64
C ILE B 73 -38.30 -4.21 4.39
N GLY B 74 -37.13 -4.23 3.74
CA GLY B 74 -36.47 -5.49 3.47
C GLY B 74 -35.64 -5.91 4.67
N GLY B 75 -35.30 -4.94 5.52
CA GLY B 75 -34.51 -5.26 6.70
C GLY B 75 -34.61 -4.23 7.80
N VAL B 76 -34.27 -4.66 9.02
CA VAL B 76 -34.30 -3.80 10.18
C VAL B 76 -33.03 -4.03 11.01
N ILE B 77 -32.27 -2.97 11.26
CA ILE B 77 -31.05 -3.09 12.05
C ILE B 77 -31.38 -2.78 13.50
N LEU B 78 -30.98 -3.68 14.40
CA LEU B 78 -31.25 -3.50 15.82
C LEU B 78 -29.96 -3.44 16.66
N PHE B 79 -30.08 -2.87 17.84
CA PHE B 79 -28.97 -2.78 18.79
C PHE B 79 -29.12 -4.03 19.66
N HIS B 80 -28.01 -4.55 20.19
CA HIS B 80 -28.01 -5.75 21.02
C HIS B 80 -29.21 -5.91 21.96
N GLU B 81 -29.42 -4.91 22.81
CA GLU B 81 -30.52 -4.94 23.76
C GLU B 81 -31.86 -5.29 23.10
N THR B 82 -32.19 -4.56 22.05
CA THR B 82 -33.44 -4.75 21.34
C THR B 82 -33.60 -6.11 20.72
N LEU B 83 -32.50 -6.71 20.26
CA LEU B 83 -32.56 -8.02 19.64
C LEU B 83 -33.14 -9.05 20.61
N TYR B 84 -33.01 -8.77 21.91
CA TYR B 84 -33.49 -9.68 22.94
C TYR B 84 -34.71 -9.19 23.71
N GLN B 85 -35.37 -8.17 23.20
CA GLN B 85 -36.56 -7.65 23.87
C GLN B 85 -37.78 -8.26 23.18
N LYS B 86 -38.95 -8.07 23.78
CA LYS B 86 -40.19 -8.62 23.23
C LYS B 86 -41.31 -7.60 23.15
N ALA B 87 -42.23 -7.82 22.22
CA ALA B 87 -43.38 -6.95 22.04
C ALA B 87 -44.40 -7.29 23.14
N ASP B 88 -45.45 -6.48 23.25
CA ASP B 88 -46.47 -6.71 24.28
C ASP B 88 -47.13 -8.07 24.14
N ASP B 89 -47.08 -8.67 22.95
CA ASP B 89 -47.68 -9.98 22.74
C ASP B 89 -46.73 -11.11 23.08
N GLY B 90 -45.60 -10.75 23.69
CA GLY B 90 -44.62 -11.74 24.08
C GLY B 90 -43.68 -12.21 23.00
N ARG B 91 -43.89 -11.75 21.77
CA ARG B 91 -43.04 -12.15 20.64
C ARG B 91 -41.71 -11.41 20.63
N PRO B 92 -40.60 -12.16 20.49
CA PRO B 92 -39.28 -11.49 20.45
C PRO B 92 -39.30 -10.58 19.22
N PHE B 93 -38.65 -9.41 19.30
CA PHE B 93 -38.65 -8.50 18.18
C PHE B 93 -38.18 -9.13 16.85
N PRO B 94 -37.20 -10.06 16.90
CA PRO B 94 -36.75 -10.68 15.64
C PRO B 94 -37.88 -11.42 14.95
N GLN B 95 -38.76 -12.00 15.74
CA GLN B 95 -39.91 -12.75 15.22
C GLN B 95 -40.92 -11.77 14.62
N VAL B 96 -41.09 -10.63 15.27
CA VAL B 96 -42.02 -9.61 14.79
C VAL B 96 -41.54 -9.13 13.43
N ILE B 97 -40.25 -8.80 13.34
CA ILE B 97 -39.67 -8.32 12.10
C ILE B 97 -39.83 -9.35 10.98
N LYS B 98 -39.45 -10.59 11.26
CA LYS B 98 -39.55 -11.66 10.27
C LYS B 98 -40.98 -11.91 9.80
N SER B 99 -41.93 -11.86 10.72
CA SER B 99 -43.33 -12.10 10.38
C SER B 99 -43.86 -11.03 9.44
N LYS B 100 -43.18 -9.89 9.37
CA LYS B 100 -43.59 -8.81 8.49
C LYS B 100 -42.78 -8.79 7.19
N GLY B 101 -42.01 -9.86 6.98
CA GLY B 101 -41.22 -9.98 5.76
C GLY B 101 -39.84 -9.38 5.79
N GLY B 102 -39.38 -8.94 6.95
CA GLY B 102 -38.07 -8.34 7.04
C GLY B 102 -36.96 -9.23 7.53
N VAL B 103 -35.74 -8.91 7.12
CA VAL B 103 -34.57 -9.67 7.54
C VAL B 103 -34.03 -8.93 8.76
N VAL B 104 -33.65 -9.68 9.79
CA VAL B 104 -33.14 -9.08 11.02
C VAL B 104 -31.64 -8.81 10.94
N GLY B 105 -31.25 -7.58 11.26
CA GLY B 105 -29.85 -7.21 11.24
C GLY B 105 -29.40 -6.77 12.62
N ILE B 106 -28.12 -6.91 12.91
CA ILE B 106 -27.58 -6.53 14.22
C ILE B 106 -26.32 -5.69 14.09
N LYS B 107 -26.29 -4.54 14.77
CA LYS B 107 -25.13 -3.66 14.75
C LYS B 107 -24.09 -4.34 15.66
N VAL B 108 -22.86 -4.48 15.17
CA VAL B 108 -21.84 -5.15 15.97
C VAL B 108 -20.60 -4.34 16.33
N ASP B 109 -20.48 -3.10 15.85
CA ASP B 109 -19.30 -2.31 16.19
C ASP B 109 -19.45 -1.78 17.62
N LYS B 110 -18.34 -1.34 18.21
CA LYS B 110 -18.37 -0.83 19.57
C LYS B 110 -17.95 0.64 19.64
N GLY B 111 -18.38 1.40 18.64
CA GLY B 111 -18.08 2.82 18.62
C GLY B 111 -16.72 3.21 18.09
N VAL B 112 -16.58 4.51 17.82
CA VAL B 112 -15.34 5.06 17.30
C VAL B 112 -14.35 5.30 18.43
N VAL B 113 -13.07 5.34 18.08
CA VAL B 113 -12.00 5.61 19.03
C VAL B 113 -11.03 6.53 18.29
N PRO B 114 -10.41 7.48 19.00
CA PRO B 114 -9.46 8.44 18.41
C PRO B 114 -8.17 7.84 17.83
N LEU B 115 -7.78 8.32 16.64
CA LEU B 115 -6.53 7.87 16.02
C LEU B 115 -5.46 8.87 16.44
N ALA B 116 -4.49 8.41 17.23
CA ALA B 116 -3.43 9.29 17.70
C ALA B 116 -2.60 9.86 16.55
N GLY B 117 -2.28 11.15 16.63
CA GLY B 117 -1.47 11.77 15.59
C GLY B 117 -2.26 12.33 14.42
N THR B 118 -3.59 12.34 14.55
CA THR B 118 -4.44 12.86 13.49
C THR B 118 -5.20 14.06 14.04
N ASN B 119 -5.81 14.85 13.16
CA ASN B 119 -6.57 16.00 13.60
C ASN B 119 -8.00 15.60 13.92
N GLY B 120 -8.16 14.95 15.07
CA GLY B 120 -9.46 14.51 15.52
C GLY B 120 -10.12 13.39 14.72
N GLU B 121 -9.31 12.55 14.07
CA GLU B 121 -9.86 11.45 13.28
C GLU B 121 -10.03 10.19 14.11
N THR B 122 -10.87 9.27 13.63
CA THR B 122 -11.14 8.04 14.35
C THR B 122 -11.14 6.78 13.52
N THR B 123 -11.15 5.65 14.22
CA THR B 123 -11.29 4.36 13.58
C THR B 123 -12.39 3.73 14.43
N THR B 124 -12.75 2.49 14.16
CA THR B 124 -13.82 1.86 14.93
C THR B 124 -13.37 0.55 15.54
N GLN B 125 -13.85 0.28 16.75
CA GLN B 125 -13.49 -0.95 17.46
C GLN B 125 -14.69 -1.90 17.49
N GLY B 126 -14.45 -3.12 17.93
CA GLY B 126 -15.53 -4.09 18.01
C GLY B 126 -15.18 -5.46 17.45
N LEU B 127 -13.93 -5.65 17.04
CA LEU B 127 -13.50 -6.93 16.49
C LEU B 127 -13.29 -8.06 17.51
N ASP B 128 -13.02 -7.71 18.76
CA ASP B 128 -12.76 -8.73 19.77
C ASP B 128 -13.95 -9.64 20.07
N GLY B 129 -13.75 -10.94 19.84
CA GLY B 129 -14.79 -11.92 20.08
C GLY B 129 -15.96 -11.79 19.11
N LEU B 130 -15.77 -11.02 18.04
CA LEU B 130 -16.84 -10.82 17.06
C LEU B 130 -17.36 -12.12 16.44
N SER B 131 -16.46 -13.07 16.20
CA SER B 131 -16.86 -14.33 15.60
C SER B 131 -17.90 -15.06 16.45
N GLU B 132 -17.60 -15.21 17.74
CA GLU B 132 -18.53 -15.88 18.65
C GLU B 132 -19.84 -15.09 18.71
N ARG B 133 -19.74 -13.77 18.80
CA ARG B 133 -20.94 -12.94 18.84
C ARG B 133 -21.80 -13.18 17.60
N CYS B 134 -21.17 -13.18 16.44
CA CYS B 134 -21.89 -13.41 15.18
C CYS B 134 -22.59 -14.76 15.18
N ALA B 135 -21.88 -15.79 15.64
CA ALA B 135 -22.45 -17.13 15.69
C ALA B 135 -23.69 -17.13 16.58
N GLN B 136 -23.64 -16.41 17.70
CA GLN B 136 -24.78 -16.36 18.60
C GLN B 136 -25.94 -15.55 18.00
N TYR B 137 -25.60 -14.42 17.39
CA TYR B 137 -26.60 -13.56 16.76
C TYR B 137 -27.35 -14.30 15.67
N LYS B 138 -26.61 -15.10 14.90
CA LYS B 138 -27.19 -15.88 13.81
C LYS B 138 -28.22 -16.84 14.40
N LYS B 139 -27.83 -17.56 15.45
CA LYS B 139 -28.73 -18.50 16.10
C LYS B 139 -29.94 -17.78 16.67
N ASP B 140 -29.78 -16.50 16.97
CA ASP B 140 -30.89 -15.75 17.55
C ASP B 140 -31.74 -14.98 16.54
N GLY B 141 -31.63 -15.35 15.27
CA GLY B 141 -32.44 -14.69 14.25
C GLY B 141 -31.83 -13.63 13.34
N ALA B 142 -30.59 -13.24 13.59
CA ALA B 142 -29.96 -12.20 12.76
C ALA B 142 -29.31 -12.80 11.51
N ASP B 143 -29.51 -12.15 10.37
CA ASP B 143 -28.92 -12.62 9.12
C ASP B 143 -27.93 -11.64 8.52
N PHE B 144 -27.94 -10.41 9.02
CA PHE B 144 -26.97 -9.44 8.54
C PHE B 144 -26.51 -8.53 9.68
N ALA B 145 -25.43 -7.81 9.44
CA ALA B 145 -24.88 -6.94 10.48
C ALA B 145 -24.51 -5.58 9.94
N LYS B 146 -24.18 -4.66 10.85
CA LYS B 146 -23.80 -3.33 10.46
C LYS B 146 -22.61 -2.87 11.31
N TRP B 147 -21.71 -2.12 10.69
CA TRP B 147 -20.52 -1.61 11.35
C TRP B 147 -20.26 -0.23 10.77
N ARG B 148 -20.14 0.77 11.63
CA ARG B 148 -19.94 2.13 11.16
C ARG B 148 -18.60 2.77 11.44
N CYS B 149 -17.92 3.16 10.36
CA CYS B 149 -16.65 3.85 10.45
C CYS B 149 -17.01 5.28 10.13
N VAL B 150 -16.33 6.24 10.74
CA VAL B 150 -16.63 7.64 10.50
C VAL B 150 -15.39 8.39 10.01
N LEU B 151 -15.57 9.12 8.92
CA LEU B 151 -14.48 9.90 8.34
C LEU B 151 -15.01 11.32 8.18
N LYS B 152 -14.12 12.31 8.26
CA LYS B 152 -14.54 13.70 8.14
C LYS B 152 -13.70 14.50 7.17
N ILE B 153 -14.36 15.37 6.42
CA ILE B 153 -13.67 16.23 5.45
C ILE B 153 -13.25 17.51 6.16
N GLY B 154 -11.96 17.80 6.11
CA GLY B 154 -11.43 18.99 6.74
C GLY B 154 -10.12 19.41 6.10
N GLU B 155 -9.37 20.27 6.79
CA GLU B 155 -8.11 20.77 6.26
C GLU B 155 -7.19 19.65 5.77
N HIS B 156 -6.86 18.71 6.65
CA HIS B 156 -5.99 17.61 6.28
C HIS B 156 -6.67 16.26 6.49
N THR B 157 -8.00 16.23 6.38
CA THR B 157 -8.75 14.99 6.58
C THR B 157 -9.74 14.75 5.45
N PRO B 158 -10.04 13.46 5.16
CA PRO B 158 -9.48 12.29 5.82
C PRO B 158 -8.02 12.09 5.42
N SER B 159 -7.17 11.76 6.38
CA SER B 159 -5.75 11.55 6.12
C SER B 159 -5.55 10.15 5.55
N ALA B 160 -4.36 9.89 5.02
CA ALA B 160 -4.03 8.58 4.47
C ALA B 160 -4.23 7.49 5.52
N LEU B 161 -3.77 7.74 6.74
CA LEU B 161 -3.90 6.77 7.83
C LEU B 161 -5.35 6.43 8.13
N ALA B 162 -6.17 7.46 8.33
CA ALA B 162 -7.58 7.23 8.65
C ALA B 162 -8.26 6.43 7.55
N ILE B 163 -7.98 6.78 6.30
CA ILE B 163 -8.60 6.06 5.18
C ILE B 163 -8.17 4.60 5.17
N MET B 164 -6.87 4.36 5.24
CA MET B 164 -6.35 2.99 5.23
C MET B 164 -6.82 2.15 6.42
N GLU B 165 -6.76 2.74 7.62
CA GLU B 165 -7.16 2.04 8.83
C GLU B 165 -8.64 1.71 8.88
N ASN B 166 -9.49 2.67 8.54
CA ASN B 166 -10.93 2.40 8.56
C ASN B 166 -11.30 1.35 7.52
N ALA B 167 -10.73 1.45 6.32
CA ALA B 167 -11.03 0.47 5.28
C ALA B 167 -10.60 -0.93 5.75
N ASN B 168 -9.45 -1.00 6.41
CA ASN B 168 -8.94 -2.28 6.89
C ASN B 168 -9.84 -2.90 7.96
N VAL B 169 -10.28 -2.11 8.93
CA VAL B 169 -11.12 -2.68 9.98
C VAL B 169 -12.47 -3.12 9.41
N LEU B 170 -12.94 -2.43 8.38
CA LEU B 170 -14.20 -2.79 7.76
C LEU B 170 -14.04 -4.17 7.12
N ALA B 171 -12.87 -4.39 6.51
CA ALA B 171 -12.58 -5.65 5.86
C ALA B 171 -12.51 -6.77 6.88
N ARG B 172 -11.88 -6.51 8.03
CA ARG B 172 -11.79 -7.51 9.07
C ARG B 172 -13.19 -7.87 9.55
N TYR B 173 -14.00 -6.85 9.79
CA TYR B 173 -15.38 -7.04 10.22
C TYR B 173 -16.17 -7.86 9.19
N ALA B 174 -16.07 -7.46 7.92
CA ALA B 174 -16.79 -8.17 6.87
C ALA B 174 -16.37 -9.63 6.80
N SER B 175 -15.06 -9.88 6.93
CA SER B 175 -14.53 -11.23 6.87
C SER B 175 -15.10 -12.12 7.98
N ILE B 176 -15.07 -11.64 9.21
CA ILE B 176 -15.59 -12.42 10.33
C ILE B 176 -17.08 -12.69 10.15
N CYS B 177 -17.83 -11.66 9.73
CA CYS B 177 -19.26 -11.82 9.53
C CYS B 177 -19.59 -12.95 8.55
N GLN B 178 -18.93 -12.94 7.39
CA GLN B 178 -19.19 -13.94 6.36
C GLN B 178 -18.81 -15.37 6.77
N GLN B 179 -17.90 -15.51 7.72
CA GLN B 179 -17.53 -16.84 8.20
C GLN B 179 -18.65 -17.40 9.06
N ASN B 180 -19.57 -16.53 9.46
CA ASN B 180 -20.67 -16.92 10.33
C ASN B 180 -22.05 -16.79 9.71
N GLY B 181 -22.13 -16.80 8.39
CA GLY B 181 -23.41 -16.71 7.70
C GLY B 181 -24.14 -15.39 7.85
N ILE B 182 -23.40 -14.35 8.20
CA ILE B 182 -23.99 -13.03 8.36
C ILE B 182 -23.52 -12.12 7.24
N VAL B 183 -24.47 -11.45 6.60
CA VAL B 183 -24.13 -10.52 5.54
C VAL B 183 -23.69 -9.23 6.21
N PRO B 184 -22.47 -8.77 5.91
CA PRO B 184 -21.98 -7.53 6.51
C PRO B 184 -22.34 -6.30 5.68
N ILE B 185 -22.88 -5.28 6.34
CA ILE B 185 -23.17 -4.03 5.67
C ILE B 185 -21.95 -3.19 6.02
N VAL B 186 -21.24 -2.74 5.00
CA VAL B 186 -20.03 -1.95 5.16
C VAL B 186 -20.42 -0.47 5.17
N GLU B 187 -20.28 0.19 6.32
CA GLU B 187 -20.64 1.60 6.38
C GLU B 187 -19.49 2.55 6.64
N PRO B 188 -18.89 3.10 5.57
CA PRO B 188 -17.79 4.04 5.72
C PRO B 188 -18.41 5.41 5.52
N GLU B 189 -19.01 5.96 6.59
CA GLU B 189 -19.66 7.26 6.49
C GLU B 189 -18.73 8.47 6.52
N ILE B 190 -18.85 9.29 5.49
CA ILE B 190 -18.09 10.53 5.40
C ILE B 190 -19.10 11.58 5.86
N LEU B 191 -18.86 12.17 7.03
CA LEU B 191 -19.76 13.19 7.58
C LEU B 191 -19.94 14.38 6.64
N PRO B 192 -21.08 15.07 6.74
CA PRO B 192 -21.37 16.24 5.90
C PRO B 192 -20.82 17.51 6.53
N ASP B 193 -20.34 17.40 7.77
CA ASP B 193 -19.81 18.53 8.52
C ASP B 193 -18.79 19.34 7.73
N GLY B 194 -18.87 20.68 7.84
CA GLY B 194 -17.91 21.52 7.14
C GLY B 194 -18.52 22.35 6.02
N ASP B 195 -17.69 23.18 5.39
CA ASP B 195 -18.14 24.04 4.32
C ASP B 195 -17.62 23.65 2.94
N HIS B 196 -17.20 22.39 2.81
CA HIS B 196 -16.69 21.89 1.53
C HIS B 196 -17.83 21.83 0.52
N ASP B 197 -17.51 21.92 -0.76
CA ASP B 197 -18.55 21.86 -1.79
C ASP B 197 -18.81 20.45 -2.30
N LEU B 198 -19.70 20.35 -3.27
CA LEU B 198 -20.08 19.08 -3.84
C LEU B 198 -18.94 18.29 -4.47
N LYS B 199 -18.11 18.96 -5.27
CA LYS B 199 -17.01 18.25 -5.90
C LYS B 199 -15.98 17.73 -4.90
N ARG B 200 -15.82 18.43 -3.79
CA ARG B 200 -14.88 17.97 -2.75
C ARG B 200 -15.42 16.70 -2.12
N CYS B 201 -16.72 16.66 -1.84
CA CYS B 201 -17.30 15.45 -1.23
C CYS B 201 -17.22 14.28 -2.21
N GLN B 202 -17.48 14.55 -3.49
CA GLN B 202 -17.44 13.48 -4.48
C GLN B 202 -16.02 12.92 -4.59
N TYR B 203 -15.04 13.80 -4.53
CA TYR B 203 -13.63 13.41 -4.62
C TYR B 203 -13.23 12.53 -3.44
N VAL B 204 -13.54 12.99 -2.23
CA VAL B 204 -13.22 12.24 -1.02
C VAL B 204 -13.96 10.90 -1.03
N THR B 205 -15.22 10.90 -1.45
CA THR B 205 -16.00 9.67 -1.51
C THR B 205 -15.37 8.67 -2.48
N GLU B 206 -14.90 9.15 -3.63
CA GLU B 206 -14.27 8.26 -4.60
C GLU B 206 -12.98 7.66 -4.01
N LYS B 207 -12.21 8.47 -3.29
CA LYS B 207 -10.97 7.95 -2.72
C LYS B 207 -11.24 6.96 -1.58
N VAL B 208 -12.23 7.26 -0.76
CA VAL B 208 -12.57 6.38 0.34
C VAL B 208 -13.12 5.05 -0.13
N LEU B 209 -14.05 5.07 -1.08
CA LEU B 209 -14.61 3.81 -1.57
C LEU B 209 -13.59 2.95 -2.31
N ALA B 210 -12.64 3.59 -3.01
CA ALA B 210 -11.62 2.83 -3.71
C ALA B 210 -10.78 2.08 -2.67
N ALA B 211 -10.48 2.75 -1.55
CA ALA B 211 -9.70 2.13 -0.49
C ALA B 211 -10.48 0.99 0.14
N VAL B 212 -11.77 1.23 0.37
CA VAL B 212 -12.63 0.22 0.97
C VAL B 212 -12.62 -1.07 0.16
N TYR B 213 -12.83 -0.97 -1.16
CA TYR B 213 -12.86 -2.15 -1.99
C TYR B 213 -11.53 -2.84 -2.20
N LYS B 214 -10.43 -2.09 -2.16
CA LYS B 214 -9.13 -2.73 -2.29
C LYS B 214 -8.90 -3.54 -1.02
N ALA B 215 -9.33 -3.00 0.12
CA ALA B 215 -9.19 -3.71 1.40
C ALA B 215 -10.08 -4.96 1.40
N LEU B 216 -11.31 -4.82 0.92
CA LEU B 216 -12.23 -5.95 0.88
C LEU B 216 -11.64 -7.07 0.01
N SER B 217 -10.91 -6.70 -1.04
CA SER B 217 -10.28 -7.67 -1.94
C SER B 217 -9.10 -8.36 -1.25
N ASP B 218 -8.24 -7.55 -0.62
CA ASP B 218 -7.07 -8.09 0.09
C ASP B 218 -7.51 -9.07 1.16
N HIS B 219 -8.65 -8.82 1.80
CA HIS B 219 -9.16 -9.68 2.86
C HIS B 219 -10.07 -10.81 2.35
N HIS B 220 -10.10 -10.98 1.04
CA HIS B 220 -10.87 -12.04 0.39
C HIS B 220 -12.38 -11.99 0.68
N ILE B 221 -12.96 -10.79 0.61
CA ILE B 221 -14.38 -10.62 0.87
C ILE B 221 -15.24 -10.94 -0.35
N TYR B 222 -16.31 -11.70 -0.11
CA TYR B 222 -17.27 -12.10 -1.15
C TYR B 222 -18.26 -10.96 -1.32
N LEU B 223 -18.02 -10.10 -2.30
CA LEU B 223 -18.84 -8.92 -2.54
C LEU B 223 -20.32 -9.15 -2.76
N GLU B 224 -20.67 -10.26 -3.41
CA GLU B 224 -22.07 -10.56 -3.67
C GLU B 224 -22.78 -10.82 -2.34
N GLY B 225 -22.00 -11.14 -1.31
CA GLY B 225 -22.57 -11.38 0.00
C GLY B 225 -22.43 -10.17 0.92
N THR B 226 -22.39 -8.97 0.35
CA THR B 226 -22.27 -7.74 1.15
C THR B 226 -23.18 -6.65 0.62
N LEU B 227 -23.27 -5.58 1.40
CA LEU B 227 -24.04 -4.39 1.03
C LEU B 227 -23.19 -3.19 1.43
N LEU B 228 -23.25 -2.13 0.64
CA LEU B 228 -22.49 -0.92 0.93
C LEU B 228 -23.46 0.12 1.48
N LYS B 229 -23.08 0.75 2.58
CA LYS B 229 -23.91 1.80 3.19
C LYS B 229 -23.06 3.06 3.24
N PRO B 230 -23.07 3.84 2.17
CA PRO B 230 -22.27 5.07 2.15
C PRO B 230 -23.11 6.32 2.33
N ASN B 231 -22.43 7.45 2.39
CA ASN B 231 -23.10 8.74 2.46
C ASN B 231 -23.42 9.06 1.00
N MET B 232 -24.45 9.85 0.76
CA MET B 232 -24.75 10.25 -0.62
C MET B 232 -23.69 11.33 -0.82
N VAL B 233 -23.46 11.74 -2.05
CA VAL B 233 -22.47 12.80 -2.26
C VAL B 233 -23.26 14.12 -2.23
N THR B 234 -22.98 14.93 -1.21
CA THR B 234 -23.67 16.20 -1.05
C THR B 234 -22.69 17.29 -0.62
N PRO B 235 -23.08 18.56 -0.80
CA PRO B 235 -22.16 19.62 -0.37
C PRO B 235 -22.08 19.55 1.16
N GLY B 236 -21.12 20.26 1.74
CA GLY B 236 -21.00 20.26 3.19
C GLY B 236 -22.22 20.91 3.82
N HIS B 237 -22.46 20.56 5.08
CA HIS B 237 -23.58 21.10 5.85
C HIS B 237 -23.59 22.63 5.84
N ALA B 238 -22.40 23.23 5.81
CA ALA B 238 -22.29 24.69 5.82
C ALA B 238 -21.77 25.27 4.52
N CYS B 239 -21.82 24.50 3.44
CA CYS B 239 -21.34 24.98 2.15
C CYS B 239 -22.15 26.18 1.65
N THR B 240 -21.47 27.28 1.36
CA THR B 240 -22.14 28.48 0.88
C THR B 240 -22.75 28.26 -0.50
N GLN B 241 -22.06 27.52 -1.35
CA GLN B 241 -22.59 27.24 -2.68
C GLN B 241 -23.77 26.29 -2.53
N LYS B 242 -24.79 26.48 -3.37
CA LYS B 242 -25.98 25.63 -3.30
C LYS B 242 -26.07 24.73 -4.52
N TYR B 243 -26.80 23.63 -4.38
CA TYR B 243 -26.96 22.66 -5.46
C TYR B 243 -28.38 22.13 -5.57
N SER B 244 -28.68 21.50 -6.70
CA SER B 244 -30.00 20.93 -6.94
C SER B 244 -29.95 19.44 -6.64
N HIS B 245 -31.11 18.82 -6.54
CA HIS B 245 -31.17 17.39 -6.26
C HIS B 245 -30.54 16.58 -7.38
N GLU B 246 -30.71 17.05 -8.62
CA GLU B 246 -30.15 16.37 -9.79
C GLU B 246 -28.63 16.35 -9.74
N GLU B 247 -28.03 17.44 -9.26
CA GLU B 247 -26.60 17.54 -9.16
C GLU B 247 -26.10 16.58 -8.09
N ILE B 248 -26.78 16.58 -6.94
CA ILE B 248 -26.44 15.69 -5.85
C ILE B 248 -26.52 14.27 -6.37
N ALA B 249 -27.59 13.97 -7.10
CA ALA B 249 -27.80 12.64 -7.66
C ALA B 249 -26.69 12.26 -8.64
N MET B 250 -26.29 13.20 -9.50
CA MET B 250 -25.25 12.94 -10.49
C MET B 250 -23.89 12.70 -9.84
N ALA B 251 -23.58 13.50 -8.83
CA ALA B 251 -22.31 13.38 -8.12
C ALA B 251 -22.24 12.04 -7.38
N THR B 252 -23.35 11.65 -6.76
CA THR B 252 -23.42 10.40 -6.01
C THR B 252 -23.28 9.19 -6.92
N VAL B 253 -24.12 9.13 -7.95
CA VAL B 253 -24.08 8.02 -8.89
C VAL B 253 -22.74 7.93 -9.61
N THR B 254 -22.16 9.07 -9.95
CA THR B 254 -20.87 9.07 -10.64
C THR B 254 -19.79 8.48 -9.73
N ALA B 255 -19.73 8.94 -8.48
CA ALA B 255 -18.75 8.44 -7.53
C ALA B 255 -18.88 6.92 -7.36
N LEU B 256 -20.11 6.44 -7.20
CA LEU B 256 -20.35 5.01 -7.03
C LEU B 256 -19.93 4.20 -8.27
N ARG B 257 -20.25 4.71 -9.45
CA ARG B 257 -19.90 4.02 -10.69
C ARG B 257 -18.40 3.89 -10.88
N ARG B 258 -17.64 4.82 -10.31
CA ARG B 258 -16.20 4.81 -10.45
C ARG B 258 -15.48 4.00 -9.38
N THR B 259 -16.21 3.46 -8.41
CA THR B 259 -15.57 2.74 -7.31
C THR B 259 -16.19 1.42 -6.83
N VAL B 260 -17.50 1.27 -7.02
CA VAL B 260 -18.18 0.07 -6.53
C VAL B 260 -18.40 -1.00 -7.59
N PRO B 261 -17.68 -2.13 -7.47
CA PRO B 261 -17.80 -3.23 -8.44
C PRO B 261 -19.26 -3.66 -8.55
N PRO B 262 -19.72 -3.99 -9.77
CA PRO B 262 -21.11 -4.40 -9.98
C PRO B 262 -21.51 -5.62 -9.15
N ALA B 263 -20.53 -6.39 -8.69
CA ALA B 263 -20.79 -7.58 -7.88
C ALA B 263 -21.47 -7.23 -6.55
N VAL B 264 -21.23 -6.02 -6.04
CA VAL B 264 -21.86 -5.62 -4.78
C VAL B 264 -23.36 -5.66 -5.01
N THR B 265 -24.06 -6.43 -4.17
CA THR B 265 -25.49 -6.61 -4.33
C THR B 265 -26.35 -5.36 -4.16
N GLY B 266 -25.95 -4.46 -3.28
CA GLY B 266 -26.75 -3.25 -3.11
C GLY B 266 -26.07 -2.14 -2.34
N VAL B 267 -26.58 -0.93 -2.57
CA VAL B 267 -26.09 0.28 -1.92
C VAL B 267 -27.27 0.82 -1.12
N THR B 268 -27.11 0.87 0.20
CA THR B 268 -28.17 1.36 1.09
C THR B 268 -27.68 2.62 1.77
N PHE B 269 -28.11 3.76 1.24
CA PHE B 269 -27.70 5.07 1.75
C PHE B 269 -28.14 5.42 3.16
N LEU B 270 -27.23 6.04 3.91
CA LEU B 270 -27.51 6.51 5.25
C LEU B 270 -28.10 7.91 4.98
N SER B 271 -28.95 8.42 5.88
CA SER B 271 -29.53 9.74 5.66
C SER B 271 -28.61 10.89 6.10
N GLY B 272 -27.67 10.57 6.98
CA GLY B 272 -26.68 11.52 7.47
C GLY B 272 -27.06 12.90 7.97
N GLY B 273 -28.28 13.08 8.46
CA GLY B 273 -28.67 14.38 8.96
C GLY B 273 -29.67 15.10 8.06
N GLN B 274 -29.85 14.59 6.85
CA GLN B 274 -30.80 15.20 5.92
C GLN B 274 -32.21 15.06 6.49
N SER B 275 -33.07 16.03 6.22
CA SER B 275 -34.44 15.96 6.71
C SER B 275 -35.09 14.76 6.05
N GLU B 276 -36.22 14.31 6.59
CA GLU B 276 -36.94 13.16 6.05
C GLU B 276 -37.25 13.36 4.57
N GLU B 277 -37.71 14.55 4.22
CA GLU B 277 -38.05 14.86 2.84
C GLU B 277 -36.85 14.91 1.92
N GLU B 278 -35.81 15.62 2.34
CA GLU B 278 -34.59 15.75 1.56
C GLU B 278 -34.00 14.37 1.24
N ALA B 279 -34.02 13.49 2.23
CA ALA B 279 -33.48 12.14 2.07
C ALA B 279 -34.26 11.36 1.02
N SER B 280 -35.58 11.49 1.04
CA SER B 280 -36.43 10.79 0.07
C SER B 280 -36.26 11.40 -1.32
N ILE B 281 -36.22 12.73 -1.40
CA ILE B 281 -36.08 13.38 -2.70
C ILE B 281 -34.75 13.02 -3.35
N ASN B 282 -33.67 13.10 -2.58
CA ASN B 282 -32.36 12.77 -3.14
C ASN B 282 -32.28 11.33 -3.58
N LEU B 283 -32.83 10.41 -2.78
CA LEU B 283 -32.80 9.00 -3.13
C LEU B 283 -33.57 8.77 -4.43
N ASN B 284 -34.65 9.54 -4.61
CA ASN B 284 -35.47 9.43 -5.83
C ASN B 284 -34.68 9.93 -7.03
N ALA B 285 -33.99 11.06 -6.87
CA ALA B 285 -33.19 11.64 -7.94
C ALA B 285 -32.05 10.67 -8.32
N ILE B 286 -31.45 10.05 -7.31
CA ILE B 286 -30.38 9.09 -7.54
C ILE B 286 -30.88 7.96 -8.43
N ASN B 287 -32.08 7.46 -8.13
CA ASN B 287 -32.63 6.37 -8.92
C ASN B 287 -33.11 6.79 -10.30
N LYS B 288 -33.26 8.10 -10.51
CA LYS B 288 -33.68 8.59 -11.81
C LYS B 288 -32.51 9.12 -12.62
N CYS B 289 -31.32 9.11 -12.02
CA CYS B 289 -30.11 9.56 -12.70
C CYS B 289 -29.97 8.73 -13.96
N PRO B 290 -29.71 9.37 -15.11
CA PRO B 290 -29.54 8.77 -16.43
C PRO B 290 -28.43 7.71 -16.59
N LEU B 291 -27.49 7.68 -15.66
CA LEU B 291 -26.38 6.73 -15.75
C LEU B 291 -26.80 5.30 -15.41
N LEU B 292 -26.03 4.33 -15.87
CA LEU B 292 -26.30 2.92 -15.61
C LEU B 292 -25.84 2.58 -14.19
N LYS B 293 -26.75 2.05 -13.37
CA LYS B 293 -26.45 1.66 -12.00
C LYS B 293 -26.69 0.16 -11.84
N PRO B 294 -25.62 -0.64 -11.84
CA PRO B 294 -25.68 -2.10 -11.71
C PRO B 294 -25.98 -2.69 -10.33
N TRP B 295 -26.42 -1.85 -9.38
CA TRP B 295 -26.75 -2.34 -8.04
C TRP B 295 -27.98 -1.60 -7.53
N ALA B 296 -28.71 -2.22 -6.62
CA ALA B 296 -29.88 -1.58 -6.05
C ALA B 296 -29.38 -0.34 -5.32
N LEU B 297 -30.14 0.75 -5.44
CA LEU B 297 -29.81 2.00 -4.78
C LEU B 297 -31.02 2.31 -3.91
N THR B 298 -30.91 1.97 -2.64
CA THR B 298 -32.01 2.17 -1.73
C THR B 298 -31.59 2.85 -0.43
N PHE B 299 -32.38 2.67 0.61
CA PHE B 299 -32.13 3.30 1.90
C PHE B 299 -31.87 2.40 3.10
N SER B 300 -31.14 2.97 4.06
CA SER B 300 -30.86 2.33 5.35
C SER B 300 -30.88 3.57 6.21
N TYR B 301 -32.08 4.05 6.49
CA TYR B 301 -32.26 5.26 7.26
C TYR B 301 -32.57 5.10 8.74
N GLY B 302 -32.02 6.03 9.51
CA GLY B 302 -32.25 6.05 10.94
C GLY B 302 -33.11 7.27 11.18
N ARG B 303 -32.48 8.44 11.24
CA ARG B 303 -33.19 9.69 11.46
C ARG B 303 -34.28 9.98 10.42
N ALA B 304 -33.97 9.76 9.14
CA ALA B 304 -34.92 10.02 8.06
C ALA B 304 -36.18 9.15 8.05
N LEU B 305 -36.25 8.16 8.94
CA LEU B 305 -37.43 7.32 9.02
C LEU B 305 -38.11 7.46 10.39
N GLN B 306 -37.39 8.04 11.34
CA GLN B 306 -37.89 8.19 12.71
C GLN B 306 -38.17 9.62 13.20
N ALA B 307 -37.62 10.61 12.50
CA ALA B 307 -37.78 12.01 12.91
C ALA B 307 -39.19 12.40 13.34
N SER B 308 -40.15 12.28 12.42
CA SER B 308 -41.54 12.65 12.71
C SER B 308 -42.22 11.68 13.68
N ALA B 309 -41.85 10.41 13.65
CA ALA B 309 -42.46 9.43 14.53
C ALA B 309 -42.09 9.70 15.99
N LEU B 310 -40.81 9.97 16.23
CA LEU B 310 -40.34 10.24 17.57
C LEU B 310 -41.09 11.43 18.17
N LYS B 311 -41.21 12.49 17.37
CA LYS B 311 -41.90 13.71 17.79
C LYS B 311 -43.39 13.51 18.07
N ALA B 312 -44.07 12.78 17.19
CA ALA B 312 -45.51 12.53 17.35
C ALA B 312 -45.78 11.69 18.59
N TRP B 313 -44.85 10.79 18.92
CA TRP B 313 -45.00 9.94 20.08
C TRP B 313 -44.88 10.76 21.35
N GLY B 314 -43.82 11.59 21.41
CA GLY B 314 -43.60 12.43 22.58
C GLY B 314 -43.50 11.69 23.89
N GLY B 315 -43.23 10.39 23.84
CA GLY B 315 -43.11 9.60 25.05
C GLY B 315 -44.44 9.27 25.70
N LYS B 316 -45.53 9.49 24.96
CA LYS B 316 -46.87 9.22 25.48
C LYS B 316 -47.53 8.05 24.76
N LYS B 317 -47.90 7.04 25.53
CA LYS B 317 -48.54 5.84 24.98
C LYS B 317 -49.80 6.11 24.17
N GLU B 318 -50.48 7.21 24.47
CA GLU B 318 -51.72 7.56 23.77
C GLU B 318 -51.43 8.06 22.35
N ASN B 319 -50.16 8.31 22.05
CA ASN B 319 -49.76 8.80 20.73
C ASN B 319 -49.24 7.68 19.83
N LEU B 320 -49.37 6.44 20.28
CA LEU B 320 -48.90 5.28 19.53
C LEU B 320 -49.24 5.32 18.05
N LYS B 321 -50.54 5.30 17.74
CA LYS B 321 -51.03 5.31 16.36
C LYS B 321 -50.49 6.47 15.53
N ALA B 322 -50.64 7.69 16.05
CA ALA B 322 -50.18 8.87 15.35
C ALA B 322 -48.69 8.80 15.00
N ALA B 323 -47.91 8.26 15.93
CA ALA B 323 -46.47 8.13 15.72
C ALA B 323 -46.17 7.10 14.64
N GLN B 324 -46.82 5.94 14.75
CA GLN B 324 -46.61 4.88 13.78
C GLN B 324 -47.00 5.35 12.37
N GLU B 325 -48.01 6.22 12.30
CA GLU B 325 -48.47 6.73 11.01
C GLU B 325 -47.38 7.56 10.34
N GLU B 326 -46.63 8.31 11.14
CA GLU B 326 -45.56 9.14 10.58
C GLU B 326 -44.45 8.26 10.00
N TYR B 327 -44.14 7.17 10.70
CA TYR B 327 -43.11 6.23 10.25
C TYR B 327 -43.56 5.58 8.94
N VAL B 328 -44.81 5.11 8.91
CA VAL B 328 -45.35 4.47 7.71
C VAL B 328 -45.21 5.45 6.56
N LYS B 329 -45.56 6.71 6.81
CA LYS B 329 -45.48 7.76 5.83
C LYS B 329 -44.10 7.82 5.17
N ARG B 330 -43.04 7.75 5.99
CA ARG B 330 -41.69 7.80 5.44
C ARG B 330 -41.26 6.48 4.82
N ALA B 331 -41.73 5.37 5.35
CA ALA B 331 -41.38 4.07 4.80
C ALA B 331 -41.94 4.00 3.38
N LEU B 332 -43.17 4.49 3.23
CA LEU B 332 -43.85 4.52 1.94
C LEU B 332 -43.16 5.44 0.96
N ALA B 333 -42.77 6.62 1.43
CA ALA B 333 -42.10 7.60 0.58
C ALA B 333 -40.78 7.05 0.05
N ASN B 334 -39.95 6.52 0.93
CA ASN B 334 -38.66 5.99 0.51
C ASN B 334 -38.75 4.73 -0.33
N SER B 335 -39.83 3.96 -0.14
CA SER B 335 -40.01 2.75 -0.94
C SER B 335 -40.17 3.18 -2.39
N LEU B 336 -40.98 4.23 -2.59
CA LEU B 336 -41.20 4.75 -3.93
C LEU B 336 -39.91 5.37 -4.43
N ALA B 337 -39.22 6.08 -3.53
CA ALA B 337 -37.97 6.74 -3.88
C ALA B 337 -36.88 5.79 -4.41
N CYS B 338 -36.71 4.64 -3.77
CA CYS B 338 -35.68 3.70 -4.22
C CYS B 338 -36.03 3.06 -5.55
N GLN B 339 -37.19 3.43 -6.10
CA GLN B 339 -37.64 2.94 -7.40
C GLN B 339 -37.75 4.12 -8.35
N GLY B 340 -37.46 5.32 -7.84
CA GLY B 340 -37.55 6.51 -8.65
C GLY B 340 -38.98 6.90 -8.98
N LYS B 341 -39.92 6.48 -8.13
CA LYS B 341 -41.34 6.78 -8.34
C LYS B 341 -41.89 7.70 -7.27
N TYR B 342 -41.01 8.44 -6.60
CA TYR B 342 -41.46 9.34 -5.55
C TYR B 342 -41.76 10.75 -6.02
N THR B 343 -42.97 11.20 -5.73
CA THR B 343 -43.38 12.56 -6.06
C THR B 343 -43.70 13.15 -4.69
N PRO B 344 -42.94 14.14 -4.24
CA PRO B 344 -43.26 14.69 -2.92
C PRO B 344 -44.52 15.52 -3.02
N SER B 345 -45.56 15.08 -2.31
CA SER B 345 -46.86 15.73 -2.33
C SER B 345 -47.83 14.94 -1.47
N GLY B 346 -48.37 13.87 -2.04
CA GLY B 346 -49.30 13.01 -1.33
C GLY B 346 -48.90 11.55 -1.40
N GLN B 347 -48.98 10.97 -2.60
CA GLN B 347 -48.66 9.56 -2.81
C GLN B 347 -48.93 9.15 -4.24
N ALA B 348 -49.78 9.94 -4.92
CA ALA B 348 -50.12 9.66 -6.31
C ALA B 348 -49.24 10.52 -7.21
N GLY B 349 -49.04 10.06 -8.45
CA GLY B 349 -48.21 10.82 -9.38
C GLY B 349 -48.67 10.71 -10.82
N ALA B 350 -47.73 10.86 -11.75
CA ALA B 350 -48.03 10.78 -13.18
C ALA B 350 -46.74 10.70 -13.99
N ALA B 351 -46.09 11.84 -14.16
CA ALA B 351 -44.84 11.90 -14.92
C ALA B 351 -43.63 11.72 -14.00
N ALA B 352 -42.52 11.28 -14.59
CA ALA B 352 -41.28 11.06 -13.85
C ALA B 352 -40.09 11.00 -14.80
N SER B 353 -39.57 12.18 -15.16
CA SER B 353 -38.43 12.26 -16.07
C SER B 353 -37.84 13.67 -16.07
N GLU B 354 -36.73 13.83 -16.78
CA GLU B 354 -36.05 15.12 -16.88
C GLU B 354 -35.26 15.20 -18.19
N SER B 355 -35.99 15.21 -19.31
CA SER B 355 -35.36 15.27 -20.63
C SER B 355 -34.61 16.58 -20.86
N LEU B 356 -33.91 16.66 -21.98
CA LEU B 356 -33.14 17.84 -22.35
C LEU B 356 -32.19 18.28 -21.24
N PHE B 357 -31.27 17.38 -20.88
CA PHE B 357 -30.28 17.66 -19.84
C PHE B 357 -29.20 16.59 -19.83
N ILE B 358 -28.12 16.83 -20.57
CA ILE B 358 -27.02 15.89 -20.65
C ILE B 358 -25.77 16.52 -20.06
N SER B 359 -24.63 16.30 -20.70
CA SER B 359 -23.35 16.84 -20.24
C SER B 359 -23.12 16.67 -18.75
N ASN B 360 -22.57 15.52 -18.37
CA ASN B 360 -22.30 15.23 -16.97
C ASN B 360 -20.79 15.01 -16.78
N HIS B 361 -20.01 15.55 -17.72
CA HIS B 361 -18.56 15.43 -17.66
C HIS B 361 -18.00 16.47 -16.71
N ALA B 362 -18.89 17.24 -16.09
CA ALA B 362 -18.49 18.26 -15.14
C ALA B 362 -18.33 17.60 -13.77
N TYR B 363 -18.47 16.28 -13.76
CA TYR B 363 -18.35 15.49 -12.55
C TYR B 363 -17.14 14.56 -12.60
N PRO C 1 -3.57 16.96 0.20
CA PRO C 1 -3.89 16.65 -1.21
C PRO C 1 -5.15 17.39 -1.69
N HIS C 2 -5.97 16.72 -2.49
CA HIS C 2 -7.19 17.32 -3.02
C HIS C 2 -6.78 18.65 -3.66
N SER C 3 -5.77 18.61 -4.53
CA SER C 3 -5.30 19.84 -5.15
C SER C 3 -5.15 19.78 -6.67
N HIS C 4 -5.99 20.54 -7.35
CA HIS C 4 -5.98 20.64 -8.81
C HIS C 4 -6.39 19.35 -9.54
N PRO C 5 -7.57 19.35 -10.17
CA PRO C 5 -8.07 18.19 -10.91
C PRO C 5 -7.13 17.92 -12.08
N ALA C 6 -6.96 16.65 -12.43
CA ALA C 6 -6.08 16.30 -13.54
C ALA C 6 -6.65 16.70 -14.88
N LEU C 7 -7.99 16.64 -15.01
CA LEU C 7 -8.64 16.96 -16.27
C LEU C 7 -9.80 17.94 -16.18
N THR C 8 -9.94 18.78 -17.21
CA THR C 8 -11.03 19.75 -17.27
C THR C 8 -12.23 19.01 -17.86
N PRO C 9 -13.45 19.56 -17.68
CA PRO C 9 -14.63 18.90 -18.24
C PRO C 9 -14.49 18.66 -19.75
N GLU C 10 -13.76 19.55 -20.42
CA GLU C 10 -13.56 19.45 -21.88
C GLU C 10 -12.70 18.23 -22.23
N GLN C 11 -11.58 18.07 -21.53
CA GLN C 11 -10.68 16.95 -21.78
C GLN C 11 -11.40 15.65 -21.47
N LYS C 12 -12.17 15.64 -20.39
CA LYS C 12 -12.93 14.46 -20.00
C LYS C 12 -13.88 14.05 -21.12
N LYS C 13 -14.64 15.01 -21.63
CA LYS C 13 -15.58 14.72 -22.69
C LYS C 13 -14.90 14.11 -23.91
N GLU C 14 -13.75 14.67 -24.28
CA GLU C 14 -13.00 14.17 -25.44
C GLU C 14 -12.57 12.72 -25.26
N LEU C 15 -12.00 12.41 -24.10
CA LEU C 15 -11.53 11.06 -23.80
C LEU C 15 -12.70 10.07 -23.75
N SER C 16 -13.81 10.48 -23.15
CA SER C 16 -14.98 9.61 -23.05
C SER C 16 -15.60 9.31 -24.41
N ASP C 17 -15.71 10.33 -25.25
CA ASP C 17 -16.29 10.15 -26.59
C ASP C 17 -15.43 9.21 -27.43
N ILE C 18 -14.11 9.34 -27.30
CA ILE C 18 -13.21 8.47 -28.04
C ILE C 18 -13.38 7.02 -27.58
N ALA C 19 -13.35 6.81 -26.27
CA ALA C 19 -13.48 5.47 -25.70
C ALA C 19 -14.78 4.80 -26.15
N HIS C 20 -15.87 5.55 -26.12
CA HIS C 20 -17.16 4.99 -26.53
C HIS C 20 -17.20 4.65 -28.01
N ARG C 21 -16.57 5.47 -28.84
CA ARG C 21 -16.57 5.21 -30.28
C ARG C 21 -15.89 3.88 -30.56
N ILE C 22 -14.78 3.67 -29.87
CA ILE C 22 -14.01 2.44 -30.06
C ILE C 22 -14.82 1.20 -29.78
N VAL C 23 -15.60 1.20 -28.69
CA VAL C 23 -16.36 0.00 -28.34
C VAL C 23 -17.86 0.05 -28.60
N ALA C 24 -18.27 0.90 -29.54
CA ALA C 24 -19.69 1.01 -29.91
C ALA C 24 -20.24 -0.38 -30.24
N PRO C 25 -21.56 -0.58 -30.04
CA PRO C 25 -22.20 -1.86 -30.32
C PRO C 25 -21.76 -2.54 -31.60
N GLY C 26 -21.27 -3.78 -31.48
CA GLY C 26 -20.82 -4.52 -32.64
C GLY C 26 -19.40 -4.25 -33.08
N LYS C 27 -18.70 -3.35 -32.42
CA LYS C 27 -17.32 -3.05 -32.82
C LYS C 27 -16.26 -3.57 -31.87
N GLY C 28 -15.11 -3.89 -32.44
CA GLY C 28 -13.98 -4.39 -31.67
C GLY C 28 -12.70 -3.76 -32.19
N ILE C 29 -11.55 -4.24 -31.71
CA ILE C 29 -10.29 -3.66 -32.12
C ILE C 29 -9.36 -4.65 -32.81
N LEU C 30 -8.73 -4.19 -33.88
CA LEU C 30 -7.76 -5.00 -34.60
C LEU C 30 -6.42 -4.64 -33.96
N ALA C 31 -5.75 -5.62 -33.38
CA ALA C 31 -4.45 -5.38 -32.74
C ALA C 31 -3.35 -5.81 -33.69
N ALA C 32 -2.88 -4.86 -34.50
CA ALA C 32 -1.83 -5.13 -35.47
C ALA C 32 -0.58 -4.35 -35.08
N ASP C 33 -0.38 -4.17 -33.77
CA ASP C 33 0.73 -3.39 -33.24
C ASP C 33 2.02 -4.16 -32.94
N GLU C 34 2.21 -5.31 -33.59
CA GLU C 34 3.42 -6.09 -33.35
C GLU C 34 4.67 -5.31 -33.73
N SER C 35 5.63 -5.26 -32.80
CA SER C 35 6.88 -4.55 -33.03
C SER C 35 7.70 -5.30 -34.09
N THR C 36 8.64 -4.59 -34.70
CA THR C 36 9.49 -5.17 -35.74
C THR C 36 10.01 -6.56 -35.35
N GLY C 37 10.43 -6.72 -34.10
CA GLY C 37 10.93 -8.00 -33.66
C GLY C 37 9.88 -9.09 -33.61
N SER C 38 8.68 -8.75 -33.16
CA SER C 38 7.59 -9.70 -33.05
C SER C 38 6.96 -10.03 -34.41
N ILE C 39 6.93 -9.05 -35.31
CA ILE C 39 6.35 -9.28 -36.62
C ILE C 39 7.28 -10.17 -37.43
N ALA C 40 8.56 -10.18 -37.06
CA ALA C 40 9.56 -10.99 -37.73
C ALA C 40 9.21 -12.46 -37.54
N LYS C 41 8.70 -12.78 -36.35
CA LYS C 41 8.30 -14.13 -36.01
C LYS C 41 7.13 -14.56 -36.89
N ARG C 42 6.16 -13.67 -37.04
CA ARG C 42 4.99 -13.96 -37.87
C ARG C 42 5.39 -14.16 -39.32
N LEU C 43 6.18 -13.23 -39.87
CA LEU C 43 6.60 -13.34 -41.25
C LEU C 43 7.45 -14.59 -41.45
N GLN C 44 8.32 -14.87 -40.50
CA GLN C 44 9.18 -16.04 -40.57
C GLN C 44 8.33 -17.31 -40.59
N SER C 45 7.17 -17.25 -39.94
CA SER C 45 6.27 -18.40 -39.88
C SER C 45 5.56 -18.68 -41.20
N ILE C 46 5.83 -17.86 -42.21
CA ILE C 46 5.23 -18.07 -43.53
C ILE C 46 6.29 -17.91 -44.61
N GLY C 47 7.54 -18.19 -44.25
CA GLY C 47 8.64 -18.08 -45.20
C GLY C 47 8.69 -16.76 -45.95
N THR C 48 8.67 -15.66 -45.22
CA THR C 48 8.71 -14.33 -45.82
C THR C 48 9.76 -13.46 -45.14
N GLU C 49 10.56 -12.77 -45.95
CA GLU C 49 11.62 -11.91 -45.41
C GLU C 49 11.01 -10.75 -44.63
N ASN C 50 11.66 -10.39 -43.52
CA ASN C 50 11.16 -9.30 -42.70
C ASN C 50 11.74 -7.96 -43.14
N THR C 51 11.18 -7.42 -44.23
CA THR C 51 11.59 -6.15 -44.79
C THR C 51 10.50 -5.12 -44.48
N GLU C 52 10.87 -3.84 -44.48
CA GLU C 52 9.88 -2.81 -44.20
C GLU C 52 8.77 -2.82 -45.25
N GLU C 53 9.10 -3.21 -46.47
CA GLU C 53 8.10 -3.27 -47.53
C GLU C 53 7.10 -4.40 -47.31
N ASN C 54 7.58 -5.54 -46.85
CA ASN C 54 6.69 -6.67 -46.60
C ASN C 54 5.79 -6.36 -45.40
N ARG C 55 6.34 -5.66 -44.41
CA ARG C 55 5.54 -5.30 -43.24
C ARG C 55 4.45 -4.35 -43.71
N ARG C 56 4.81 -3.39 -44.56
CA ARG C 56 3.85 -2.42 -45.07
C ARG C 56 2.76 -3.11 -45.88
N PHE C 57 3.17 -4.01 -46.77
CA PHE C 57 2.21 -4.73 -47.59
C PHE C 57 1.22 -5.49 -46.71
N TYR C 58 1.75 -6.23 -45.74
CA TYR C 58 0.89 -7.01 -44.85
C TYR C 58 -0.11 -6.12 -44.11
N ARG C 59 0.39 -5.07 -43.45
CA ARG C 59 -0.49 -4.17 -42.73
C ARG C 59 -1.50 -3.55 -43.70
N GLN C 60 -1.06 -3.25 -44.92
CA GLN C 60 -1.95 -2.67 -45.92
C GLN C 60 -3.06 -3.67 -46.22
N LEU C 61 -2.68 -4.94 -46.30
CA LEU C 61 -3.62 -6.02 -46.58
C LEU C 61 -4.78 -5.99 -45.58
N LEU C 62 -4.45 -5.88 -44.30
CA LEU C 62 -5.46 -5.83 -43.25
C LEU C 62 -6.26 -4.53 -43.23
N LEU C 63 -5.57 -3.40 -43.29
CA LEU C 63 -6.23 -2.10 -43.24
C LEU C 63 -7.14 -1.76 -44.41
N THR C 64 -6.81 -2.26 -45.59
CA THR C 64 -7.61 -1.95 -46.77
C THR C 64 -8.63 -3.04 -47.13
N ALA C 65 -8.95 -3.91 -46.17
CA ALA C 65 -9.94 -4.96 -46.40
C ALA C 65 -11.21 -4.20 -46.80
N ASP C 66 -12.10 -4.85 -47.55
CA ASP C 66 -13.33 -4.19 -48.02
C ASP C 66 -14.23 -3.65 -46.92
N ASP C 67 -15.20 -2.83 -47.34
CA ASP C 67 -16.17 -2.16 -46.47
C ASP C 67 -16.94 -3.05 -45.48
N ARG C 68 -16.86 -4.37 -45.63
CA ARG C 68 -17.55 -5.26 -44.71
C ARG C 68 -17.03 -5.14 -43.28
N VAL C 69 -15.77 -4.73 -43.13
CA VAL C 69 -15.17 -4.61 -41.80
C VAL C 69 -15.51 -3.32 -41.07
N ASN C 70 -15.93 -2.30 -41.82
CA ASN C 70 -16.26 -1.00 -41.24
C ASN C 70 -17.08 -1.06 -39.95
N PRO C 71 -18.24 -1.73 -39.97
CA PRO C 71 -19.04 -1.79 -38.73
C PRO C 71 -18.48 -2.74 -37.67
N CYS C 72 -17.49 -3.53 -38.05
CA CYS C 72 -16.88 -4.49 -37.12
C CYS C 72 -15.67 -3.92 -36.38
N ILE C 73 -15.01 -2.95 -36.99
CA ILE C 73 -13.81 -2.36 -36.42
C ILE C 73 -13.98 -0.95 -35.89
N GLY C 74 -13.97 -0.81 -34.56
CA GLY C 74 -14.10 0.50 -33.94
C GLY C 74 -12.72 1.12 -33.76
N GLY C 75 -11.68 0.30 -33.81
CA GLY C 75 -10.34 0.82 -33.64
C GLY C 75 -9.25 -0.09 -34.17
N VAL C 76 -8.09 0.50 -34.45
CA VAL C 76 -6.96 -0.28 -34.94
C VAL C 76 -5.69 0.15 -34.21
N ILE C 77 -5.03 -0.81 -33.58
CA ILE C 77 -3.79 -0.51 -32.85
C ILE C 77 -2.59 -0.70 -33.79
N LEU C 78 -1.76 0.32 -33.90
CA LEU C 78 -0.59 0.25 -34.77
C LEU C 78 0.71 0.43 -34.03
N PHE C 79 1.78 -0.13 -34.59
CA PHE C 79 3.11 0.00 -34.05
C PHE C 79 3.62 1.30 -34.69
N HIS C 80 4.54 1.98 -34.02
CA HIS C 80 5.09 3.25 -34.50
C HIS C 80 5.34 3.29 -36.02
N GLU C 81 6.15 2.36 -36.52
CA GLU C 81 6.49 2.29 -37.94
C GLU C 81 5.29 2.45 -38.87
N THR C 82 4.27 1.63 -38.62
CA THR C 82 3.07 1.59 -39.43
C THR C 82 2.24 2.87 -39.38
N LEU C 83 2.30 3.59 -38.27
CA LEU C 83 1.52 4.82 -38.13
C LEU C 83 2.01 5.84 -39.16
N TYR C 84 3.25 5.70 -39.61
CA TYR C 84 3.81 6.63 -40.58
C TYR C 84 4.00 6.05 -41.98
N GLN C 85 3.35 4.93 -42.26
CA GLN C 85 3.46 4.33 -43.59
C GLN C 85 2.21 4.71 -44.40
N LYS C 86 2.27 4.49 -45.71
CA LYS C 86 1.16 4.85 -46.58
C LYS C 86 0.71 3.68 -47.46
N ALA C 87 -0.55 3.70 -47.86
CA ALA C 87 -1.10 2.66 -48.73
C ALA C 87 -0.59 2.92 -50.15
N ASP C 88 -0.89 2.01 -51.07
CA ASP C 88 -0.44 2.15 -52.45
C ASP C 88 -0.97 3.43 -53.11
N ASP C 89 -2.13 3.90 -52.67
CA ASP C 89 -2.71 5.12 -53.23
C ASP C 89 -2.13 6.39 -52.61
N GLY C 90 -1.11 6.23 -51.76
CA GLY C 90 -0.49 7.38 -51.14
C GLY C 90 -1.14 7.87 -49.85
N ARG C 91 -2.24 7.26 -49.44
CA ARG C 91 -2.91 7.68 -48.22
C ARG C 91 -2.25 7.13 -46.96
N PRO C 92 -1.99 8.00 -45.97
CA PRO C 92 -1.37 7.51 -44.73
C PRO C 92 -2.30 6.46 -44.12
N PHE C 93 -1.74 5.42 -43.51
CA PHE C 93 -2.58 4.40 -42.92
C PHE C 93 -3.61 4.96 -41.93
N PRO C 94 -3.23 5.95 -41.13
CA PRO C 94 -4.24 6.49 -40.21
C PRO C 94 -5.46 7.01 -40.95
N GLN C 95 -5.24 7.64 -42.11
CA GLN C 95 -6.34 8.17 -42.92
C GLN C 95 -7.18 7.01 -43.46
N VAL C 96 -6.51 5.94 -43.84
CA VAL C 96 -7.19 4.75 -44.35
C VAL C 96 -8.10 4.18 -43.27
N ILE C 97 -7.58 4.10 -42.05
CA ILE C 97 -8.35 3.59 -40.92
C ILE C 97 -9.56 4.47 -40.62
N LYS C 98 -9.33 5.78 -40.51
CA LYS C 98 -10.40 6.73 -40.22
C LYS C 98 -11.48 6.77 -41.31
N SER C 99 -11.07 6.60 -42.57
CA SER C 99 -12.02 6.65 -43.67
C SER C 99 -12.99 5.48 -43.61
N LYS C 100 -12.61 4.43 -42.90
CA LYS C 100 -13.45 3.25 -42.75
C LYS C 100 -14.22 3.28 -41.42
N GLY C 101 -14.13 4.41 -40.73
CA GLY C 101 -14.83 4.57 -39.47
C GLY C 101 -14.11 4.11 -38.23
N GLY C 102 -12.83 3.78 -38.36
CA GLY C 102 -12.10 3.31 -37.19
C GLY C 102 -11.29 4.39 -36.50
N VAL C 103 -11.06 4.22 -35.21
CA VAL C 103 -10.26 5.17 -34.45
C VAL C 103 -8.85 4.60 -34.50
N VAL C 104 -7.86 5.47 -34.69
CA VAL C 104 -6.47 5.03 -34.77
C VAL C 104 -5.81 4.95 -33.40
N GLY C 105 -5.14 3.83 -33.15
CA GLY C 105 -4.46 3.61 -31.89
C GLY C 105 -2.96 3.39 -32.08
N ILE C 106 -2.19 3.61 -31.03
CA ILE C 106 -0.75 3.44 -31.10
C ILE C 106 -0.19 2.75 -29.85
N LYS C 107 0.64 1.72 -30.05
CA LYS C 107 1.25 1.03 -28.92
C LYS C 107 2.41 1.90 -28.46
N VAL C 108 2.49 2.17 -27.17
CA VAL C 108 3.55 3.03 -26.66
C VAL C 108 4.54 2.45 -25.65
N ASP C 109 4.35 1.19 -25.26
CA ASP C 109 5.29 0.59 -24.31
C ASP C 109 6.56 0.16 -25.03
N LYS C 110 7.62 -0.07 -24.26
CA LYS C 110 8.88 -0.47 -24.84
C LYS C 110 9.33 -1.85 -24.41
N GLY C 111 8.36 -2.76 -24.30
CA GLY C 111 8.68 -4.13 -23.93
C GLY C 111 8.81 -4.37 -22.45
N VAL C 112 8.89 -5.64 -22.08
CA VAL C 112 9.03 -6.02 -20.69
C VAL C 112 10.50 -6.06 -20.31
N VAL C 113 10.77 -5.98 -19.01
CA VAL C 113 12.12 -6.04 -18.47
C VAL C 113 12.02 -6.86 -17.19
N PRO C 114 13.05 -7.66 -16.88
CA PRO C 114 13.03 -8.48 -15.67
C PRO C 114 13.01 -7.73 -14.35
N LEU C 115 12.26 -8.26 -13.39
CA LEU C 115 12.18 -7.68 -12.05
C LEU C 115 13.14 -8.48 -11.20
N ALA C 116 14.21 -7.83 -10.74
CA ALA C 116 15.20 -8.50 -9.91
C ALA C 116 14.57 -9.05 -8.63
N GLY C 117 15.04 -10.22 -8.20
CA GLY C 117 14.52 -10.82 -6.98
C GLY C 117 13.23 -11.60 -7.15
N THR C 118 12.78 -11.78 -8.39
CA THR C 118 11.55 -12.54 -8.65
C THR C 118 11.86 -13.78 -9.46
N ASN C 119 10.88 -14.67 -9.56
CA ASN C 119 11.04 -15.90 -10.31
C ASN C 119 10.66 -15.69 -11.77
N GLY C 120 11.51 -14.98 -12.50
CA GLY C 120 11.25 -14.74 -13.91
C GLY C 120 10.11 -13.80 -14.23
N GLU C 121 9.78 -12.90 -13.30
CA GLU C 121 8.70 -11.94 -13.51
C GLU C 121 9.23 -10.64 -14.10
N THR C 122 8.33 -9.85 -14.67
CA THR C 122 8.71 -8.60 -15.31
C THR C 122 7.75 -7.46 -15.01
N THR C 123 8.17 -6.27 -15.47
CA THR C 123 7.36 -5.08 -15.43
C THR C 123 7.60 -4.55 -16.85
N THR C 124 6.91 -3.47 -17.23
CA THR C 124 7.07 -2.94 -18.58
C THR C 124 7.65 -1.53 -18.56
N GLN C 125 8.52 -1.23 -19.53
CA GLN C 125 9.13 0.09 -19.61
C GLN C 125 8.55 0.90 -20.77
N GLY C 126 8.83 2.20 -20.77
CA GLY C 126 8.32 3.06 -21.84
C GLY C 126 7.74 4.38 -21.39
N LEU C 127 7.98 4.76 -20.14
CA LEU C 127 7.45 6.02 -19.61
C LEU C 127 8.31 7.23 -20.00
N ASP C 128 9.59 7.00 -20.29
CA ASP C 128 10.49 8.10 -20.63
C ASP C 128 10.08 8.83 -21.89
N GLY C 129 9.87 10.14 -21.76
CA GLY C 129 9.47 10.96 -22.88
C GLY C 129 8.10 10.60 -23.44
N LEU C 130 7.29 9.89 -22.65
CA LEU C 130 5.98 9.47 -23.13
C LEU C 130 5.01 10.61 -23.43
N SER C 131 5.01 11.64 -22.59
CA SER C 131 4.11 12.77 -22.82
C SER C 131 4.38 13.41 -24.19
N GLU C 132 5.66 13.59 -24.52
CA GLU C 132 6.04 14.16 -25.80
C GLU C 132 5.60 13.25 -26.94
N ARG C 133 5.81 11.95 -26.77
CA ARG C 133 5.43 10.98 -27.79
C ARG C 133 3.92 11.01 -28.02
N CYS C 134 3.15 11.13 -26.93
CA CYS C 134 1.70 11.17 -27.01
C CYS C 134 1.19 12.43 -27.70
N ALA C 135 1.81 13.56 -27.41
CA ALA C 135 1.41 14.81 -28.04
C ALA C 135 1.65 14.67 -29.55
N GLN C 136 2.78 14.09 -29.94
CA GLN C 136 3.10 13.91 -31.35
C GLN C 136 2.15 12.91 -32.02
N TYR C 137 1.89 11.78 -31.37
CA TYR C 137 0.99 10.78 -31.93
C TYR C 137 -0.41 11.34 -32.12
N LYS C 138 -0.87 12.11 -31.14
CA LYS C 138 -2.19 12.74 -31.20
C LYS C 138 -2.25 13.61 -32.44
N LYS C 139 -1.23 14.45 -32.60
CA LYS C 139 -1.12 15.34 -33.74
C LYS C 139 -1.11 14.56 -35.05
N ASP C 140 -0.51 13.37 -35.03
CA ASP C 140 -0.43 12.56 -36.23
C ASP C 140 -1.57 11.56 -36.45
N GLY C 141 -2.72 11.82 -35.83
CA GLY C 141 -3.86 10.95 -36.04
C GLY C 141 -4.29 9.91 -35.01
N ALA C 142 -3.48 9.67 -33.98
CA ALA C 142 -3.85 8.66 -32.98
C ALA C 142 -4.72 9.26 -31.87
N ASP C 143 -5.75 8.51 -31.46
CA ASP C 143 -6.65 8.96 -30.41
C ASP C 143 -6.61 8.04 -29.18
N PHE C 144 -6.00 6.87 -29.31
CA PHE C 144 -5.86 5.98 -28.17
C PHE C 144 -4.52 5.26 -28.22
N ALA C 145 -4.11 4.70 -27.08
CA ALA C 145 -2.84 4.00 -27.00
C ALA C 145 -3.02 2.68 -26.30
N LYS C 146 -1.99 1.85 -26.33
CA LYS C 146 -2.04 0.55 -25.69
C LYS C 146 -0.70 0.27 -25.03
N TRP C 147 -0.75 -0.27 -23.82
CA TRP C 147 0.44 -0.60 -23.05
C TRP C 147 0.20 -1.97 -22.43
N ARG C 148 1.12 -2.90 -22.69
CA ARG C 148 0.99 -4.26 -22.19
C ARG C 148 1.95 -4.65 -21.08
N CYS C 149 1.37 -5.16 -19.99
CA CYS C 149 2.13 -5.66 -18.86
C CYS C 149 1.87 -7.16 -18.92
N VAL C 150 2.85 -7.95 -18.50
CA VAL C 150 2.71 -9.41 -18.54
C VAL C 150 2.97 -10.06 -17.19
N LEU C 151 2.04 -10.91 -16.78
CA LEU C 151 2.13 -11.61 -15.51
C LEU C 151 1.93 -13.09 -15.76
N LYS C 152 2.53 -13.93 -14.93
CA LYS C 152 2.39 -15.36 -15.13
C LYS C 152 1.95 -16.07 -13.86
N ILE C 153 1.16 -17.11 -14.08
CA ILE C 153 0.68 -17.93 -12.99
C ILE C 153 1.67 -19.08 -12.81
N GLY C 154 2.23 -19.17 -11.60
CA GLY C 154 3.19 -20.21 -11.30
C GLY C 154 3.19 -20.53 -9.82
N GLU C 155 4.06 -21.42 -9.39
CA GLU C 155 4.11 -21.81 -7.99
C GLU C 155 4.17 -20.63 -7.01
N HIS C 156 4.86 -19.56 -7.40
CA HIS C 156 4.97 -18.38 -6.54
C HIS C 156 4.80 -17.08 -7.31
N THR C 157 4.11 -17.15 -8.46
CA THR C 157 3.78 -15.96 -9.24
C THR C 157 2.29 -15.96 -9.58
N PRO C 158 1.70 -14.76 -9.76
CA PRO C 158 2.30 -13.43 -9.68
C PRO C 158 2.61 -13.03 -8.24
N SER C 159 3.80 -12.50 -7.99
CA SER C 159 4.19 -12.09 -6.63
C SER C 159 3.57 -10.74 -6.28
N ALA C 160 3.60 -10.39 -5.01
CA ALA C 160 3.06 -9.12 -4.54
C ALA C 160 3.76 -7.97 -5.25
N LEU C 161 5.07 -8.07 -5.42
CA LEU C 161 5.85 -7.02 -6.09
C LEU C 161 5.47 -6.88 -7.55
N ALA C 162 5.34 -7.97 -8.25
CA ALA C 162 4.97 -7.94 -9.66
C ALA C 162 3.60 -7.30 -9.84
N ILE C 163 2.65 -7.70 -9.01
CA ILE C 163 1.31 -7.15 -9.08
C ILE C 163 1.33 -5.64 -8.84
N MET C 164 1.98 -5.24 -7.75
CA MET C 164 2.08 -3.83 -7.37
C MET C 164 2.77 -2.95 -8.43
N GLU C 165 3.97 -3.36 -8.84
CA GLU C 165 4.75 -2.62 -9.84
C GLU C 165 4.06 -2.48 -11.19
N ASN C 166 3.51 -3.58 -11.70
CA ASN C 166 2.83 -3.53 -13.00
C ASN C 166 1.59 -2.65 -12.96
N ALA C 167 0.87 -2.71 -11.85
CA ALA C 167 -0.34 -1.90 -11.69
C ALA C 167 0.09 -0.44 -11.66
N ASN C 168 1.16 -0.14 -10.94
CA ASN C 168 1.64 1.23 -10.83
C ASN C 168 2.12 1.79 -12.17
N VAL C 169 2.90 1.01 -12.91
CA VAL C 169 3.41 1.50 -14.20
C VAL C 169 2.24 1.73 -15.16
N LEU C 170 1.24 0.85 -15.11
CA LEU C 170 0.07 1.02 -15.97
C LEU C 170 -0.64 2.34 -15.62
N ALA C 171 -0.69 2.66 -14.34
CA ALA C 171 -1.33 3.90 -13.90
C ALA C 171 -0.56 5.13 -14.40
N ARG C 172 0.77 5.08 -14.32
CA ARG C 172 1.59 6.19 -14.80
C ARG C 172 1.33 6.39 -16.29
N TYR C 173 1.36 5.29 -17.03
CA TYR C 173 1.12 5.30 -18.47
C TYR C 173 -0.22 5.96 -18.81
N ALA C 174 -1.28 5.52 -18.12
CA ALA C 174 -2.61 6.05 -18.36
C ALA C 174 -2.69 7.55 -18.02
N SER C 175 -2.05 7.95 -16.93
CA SER C 175 -2.07 9.35 -16.54
C SER C 175 -1.48 10.27 -17.62
N ILE C 176 -0.33 9.87 -18.16
CA ILE C 176 0.35 10.65 -19.20
C ILE C 176 -0.50 10.72 -20.47
N CYS C 177 -1.10 9.59 -20.85
CA CYS C 177 -1.96 9.54 -22.02
C CYS C 177 -3.13 10.54 -21.90
N GLN C 178 -3.81 10.51 -20.77
CA GLN C 178 -4.97 11.38 -20.58
C GLN C 178 -4.63 12.86 -20.57
N GLN C 179 -3.39 13.19 -20.25
CA GLN C 179 -2.97 14.60 -20.25
C GLN C 179 -2.77 15.07 -21.68
N ASN C 180 -2.71 14.11 -22.61
CA ASN C 180 -2.48 14.42 -24.01
C ASN C 180 -3.62 14.06 -24.95
N GLY C 181 -4.84 14.00 -24.43
CA GLY C 181 -5.99 13.68 -25.26
C GLY C 181 -6.00 12.27 -25.85
N ILE C 182 -5.26 11.36 -25.24
CA ILE C 182 -5.22 9.98 -25.71
C ILE C 182 -5.88 9.03 -24.73
N VAL C 183 -6.78 8.18 -25.24
CA VAL C 183 -7.46 7.20 -24.40
C VAL C 183 -6.53 6.01 -24.18
N PRO C 184 -6.22 5.72 -22.91
CA PRO C 184 -5.32 4.59 -22.68
C PRO C 184 -6.03 3.25 -22.50
N ILE C 185 -5.58 2.26 -23.25
CA ILE C 185 -6.11 0.90 -23.09
C ILE C 185 -5.14 0.25 -22.09
N VAL C 186 -5.66 -0.14 -20.93
CA VAL C 186 -4.85 -0.76 -19.89
C VAL C 186 -4.82 -2.27 -20.11
N GLU C 187 -3.66 -2.82 -20.45
CA GLU C 187 -3.56 -4.27 -20.68
C GLU C 187 -2.71 -5.06 -19.70
N PRO C 188 -3.33 -5.59 -18.64
CA PRO C 188 -2.62 -6.38 -17.64
C PRO C 188 -2.87 -7.84 -18.02
N GLU C 189 -2.04 -8.37 -18.92
CA GLU C 189 -2.23 -9.74 -19.36
C GLU C 189 -1.64 -10.81 -18.46
N ILE C 190 -2.49 -11.75 -18.05
CA ILE C 190 -2.06 -12.86 -17.23
C ILE C 190 -1.95 -14.03 -18.21
N LEU C 191 -0.72 -14.45 -18.49
CA LEU C 191 -0.45 -15.55 -19.41
C LEU C 191 -1.23 -16.82 -19.07
N PRO C 192 -1.65 -17.60 -20.09
CA PRO C 192 -2.39 -18.83 -19.85
C PRO C 192 -1.48 -20.04 -19.61
N ASP C 193 -0.18 -19.80 -19.69
CA ASP C 193 0.83 -20.85 -19.52
C ASP C 193 0.78 -21.56 -18.16
N GLY C 194 0.94 -22.88 -18.19
CA GLY C 194 0.91 -23.65 -16.96
C GLY C 194 -0.23 -24.65 -16.91
N ASP C 195 -0.32 -25.38 -15.79
CA ASP C 195 -1.37 -26.37 -15.63
C ASP C 195 -2.41 -26.00 -14.58
N HIS C 196 -2.44 -24.73 -14.18
CA HIS C 196 -3.41 -24.25 -13.20
C HIS C 196 -4.80 -24.39 -13.80
N ASP C 197 -5.83 -24.48 -12.95
CA ASP C 197 -7.20 -24.62 -13.45
C ASP C 197 -7.92 -23.28 -13.60
N LEU C 198 -9.20 -23.36 -13.96
CA LEU C 198 -10.03 -22.17 -14.17
C LEU C 198 -10.18 -21.33 -12.91
N LYS C 199 -10.44 -21.98 -11.78
CA LYS C 199 -10.62 -21.30 -10.50
C LYS C 199 -9.37 -20.51 -10.12
N ARG C 200 -8.20 -21.07 -10.39
CA ARG C 200 -6.96 -20.41 -10.06
C ARG C 200 -6.77 -19.16 -10.93
N CYS C 201 -7.11 -19.27 -12.22
CA CYS C 201 -6.98 -18.12 -13.11
C CYS C 201 -7.95 -17.02 -12.69
N GLN C 202 -9.16 -17.42 -12.29
CA GLN C 202 -10.16 -16.45 -11.87
C GLN C 202 -9.68 -15.71 -10.62
N TYR C 203 -9.10 -16.46 -9.70
CA TYR C 203 -8.58 -15.90 -8.46
C TYR C 203 -7.52 -14.84 -8.75
N VAL C 204 -6.50 -15.23 -9.50
CA VAL C 204 -5.39 -14.33 -9.86
C VAL C 204 -5.87 -13.11 -10.65
N THR C 205 -6.78 -13.33 -11.59
CA THR C 205 -7.30 -12.23 -12.39
C THR C 205 -8.01 -11.24 -11.48
N GLU C 206 -8.76 -11.75 -10.52
CA GLU C 206 -9.46 -10.89 -9.57
C GLU C 206 -8.51 -10.05 -8.73
N LYS C 207 -7.41 -10.66 -8.28
CA LYS C 207 -6.44 -9.94 -7.46
C LYS C 207 -5.70 -8.89 -8.28
N VAL C 208 -5.33 -9.26 -9.50
CA VAL C 208 -4.62 -8.34 -10.38
C VAL C 208 -5.47 -7.12 -10.70
N LEU C 209 -6.71 -7.36 -11.12
CA LEU C 209 -7.59 -6.25 -11.47
C LEU C 209 -7.91 -5.33 -10.29
N ALA C 210 -8.02 -5.89 -9.09
CA ALA C 210 -8.30 -5.07 -7.93
C ALA C 210 -7.11 -4.13 -7.73
N ALA C 211 -5.91 -4.64 -7.97
CA ALA C 211 -4.69 -3.85 -7.82
C ALA C 211 -4.61 -2.81 -8.92
N VAL C 212 -4.97 -3.21 -10.13
CA VAL C 212 -4.95 -2.30 -11.26
C VAL C 212 -5.86 -1.09 -11.00
N TYR C 213 -7.08 -1.34 -10.53
CA TYR C 213 -7.99 -0.23 -10.29
C TYR C 213 -7.69 0.61 -9.06
N LYS C 214 -7.05 0.03 -8.06
CA LYS C 214 -6.66 0.82 -6.89
C LYS C 214 -5.58 1.80 -7.34
N ALA C 215 -4.64 1.32 -8.15
CA ALA C 215 -3.56 2.17 -8.66
C ALA C 215 -4.11 3.29 -9.55
N LEU C 216 -5.05 2.95 -10.42
CA LEU C 216 -5.63 3.95 -11.31
C LEU C 216 -6.26 5.03 -10.45
N SER C 217 -6.90 4.63 -9.35
CA SER C 217 -7.51 5.59 -8.44
C SER C 217 -6.44 6.46 -7.79
N ASP C 218 -5.37 5.83 -7.31
CA ASP C 218 -4.29 6.57 -6.66
C ASP C 218 -3.67 7.60 -7.58
N HIS C 219 -3.60 7.28 -8.87
CA HIS C 219 -3.01 8.17 -9.88
C HIS C 219 -4.02 9.09 -10.53
N HIS C 220 -5.24 9.13 -9.98
CA HIS C 220 -6.30 10.01 -10.46
C HIS C 220 -6.72 9.79 -11.91
N ILE C 221 -6.78 8.52 -12.32
CA ILE C 221 -7.17 8.21 -13.68
C ILE C 221 -8.67 8.33 -13.92
N TYR C 222 -9.04 8.96 -15.04
CA TYR C 222 -10.43 9.15 -15.41
C TYR C 222 -10.88 7.85 -16.09
N LEU C 223 -11.56 6.99 -15.32
CA LEU C 223 -11.99 5.70 -15.83
C LEU C 223 -12.87 5.70 -17.07
N GLU C 224 -13.77 6.67 -17.17
CA GLU C 224 -14.65 6.76 -18.33
C GLU C 224 -13.83 7.00 -19.60
N GLY C 225 -12.61 7.50 -19.42
CA GLY C 225 -11.74 7.76 -20.54
C GLY C 225 -10.68 6.70 -20.72
N THR C 226 -11.00 5.46 -20.34
CA THR C 226 -10.06 4.34 -20.45
C THR C 226 -10.79 3.09 -20.93
N LEU C 227 -10.01 2.09 -21.31
CA LEU C 227 -10.56 0.79 -21.71
C LEU C 227 -9.67 -0.23 -21.01
N LEU C 228 -10.22 -1.40 -20.71
CA LEU C 228 -9.45 -2.46 -20.07
C LEU C 228 -9.24 -3.59 -21.07
N LYS C 229 -8.01 -4.07 -21.15
CA LYS C 229 -7.68 -5.17 -22.06
C LYS C 229 -7.09 -6.32 -21.26
N PRO C 230 -7.95 -7.16 -20.67
CA PRO C 230 -7.48 -8.30 -19.88
C PRO C 230 -7.60 -9.62 -20.62
N ASN C 231 -7.01 -10.65 -20.03
CA ASN C 231 -7.09 -11.99 -20.56
C ASN C 231 -8.47 -12.47 -20.15
N MET C 232 -9.04 -13.40 -20.90
CA MET C 232 -10.31 -13.95 -20.49
C MET C 232 -9.87 -14.87 -19.36
N VAL C 233 -10.81 -15.35 -18.57
CA VAL C 233 -10.44 -16.26 -17.50
C VAL C 233 -10.58 -17.68 -18.04
N THR C 234 -9.46 -18.36 -18.20
CA THR C 234 -9.46 -19.73 -18.73
C THR C 234 -8.50 -20.60 -17.95
N PRO C 235 -8.62 -21.94 -18.10
CA PRO C 235 -7.71 -22.82 -17.39
C PRO C 235 -6.34 -22.68 -18.07
N GLY C 236 -5.29 -23.15 -17.41
CA GLY C 236 -3.97 -23.05 -18.00
C GLY C 236 -3.89 -23.91 -19.25
N HIS C 237 -2.88 -23.66 -20.09
CA HIS C 237 -2.74 -24.44 -21.33
C HIS C 237 -2.54 -25.93 -21.05
N ALA C 238 -1.73 -26.24 -20.04
CA ALA C 238 -1.45 -27.63 -19.69
C ALA C 238 -2.43 -28.24 -18.71
N CYS C 239 -3.53 -27.56 -18.43
CA CYS C 239 -4.53 -28.07 -17.49
C CYS C 239 -5.25 -29.27 -18.08
N THR C 240 -5.27 -30.38 -17.34
CA THR C 240 -5.93 -31.59 -17.81
C THR C 240 -7.45 -31.49 -17.76
N GLN C 241 -7.99 -30.84 -16.73
CA GLN C 241 -9.44 -30.70 -16.61
C GLN C 241 -10.01 -29.87 -17.76
N LYS C 242 -11.15 -30.32 -18.28
CA LYS C 242 -11.81 -29.63 -19.38
C LYS C 242 -13.00 -28.79 -18.91
N TYR C 243 -13.20 -27.65 -19.55
CA TYR C 243 -14.29 -26.75 -19.21
C TYR C 243 -15.08 -26.38 -20.47
N SER C 244 -16.30 -25.90 -20.27
CA SER C 244 -17.15 -25.49 -21.37
C SER C 244 -17.00 -23.99 -21.57
N HIS C 245 -17.52 -23.48 -22.68
CA HIS C 245 -17.43 -22.06 -22.96
C HIS C 245 -18.27 -21.29 -21.95
N GLU C 246 -19.34 -21.93 -21.48
CA GLU C 246 -20.23 -21.30 -20.50
C GLU C 246 -19.49 -21.11 -19.17
N GLU C 247 -18.61 -22.04 -18.86
CA GLU C 247 -17.83 -21.97 -17.62
C GLU C 247 -16.76 -20.90 -17.73
N ILE C 248 -16.15 -20.79 -18.90
CA ILE C 248 -15.12 -19.79 -19.14
C ILE C 248 -15.80 -18.41 -19.11
N ALA C 249 -16.98 -18.33 -19.71
CA ALA C 249 -17.73 -17.08 -19.73
C ALA C 249 -18.12 -16.67 -18.32
N MET C 250 -18.65 -17.63 -17.56
CA MET C 250 -19.07 -17.36 -16.19
C MET C 250 -17.90 -16.92 -15.32
N ALA C 251 -16.77 -17.61 -15.43
CA ALA C 251 -15.59 -17.29 -14.64
C ALA C 251 -15.06 -15.90 -15.02
N THR C 252 -15.09 -15.60 -16.32
CA THR C 252 -14.61 -14.32 -16.82
C THR C 252 -15.49 -13.16 -16.36
N VAL C 253 -16.78 -13.27 -16.61
CA VAL C 253 -17.72 -12.22 -16.24
C VAL C 253 -17.78 -12.00 -14.71
N THR C 254 -17.68 -13.08 -13.96
CA THR C 254 -17.69 -12.97 -12.50
C THR C 254 -16.46 -12.19 -12.04
N ALA C 255 -15.29 -12.56 -12.54
CA ALA C 255 -14.05 -11.86 -12.17
C ALA C 255 -14.17 -10.37 -12.45
N LEU C 256 -14.62 -10.02 -13.65
CA LEU C 256 -14.76 -8.61 -14.02
C LEU C 256 -15.79 -7.86 -13.15
N ARG C 257 -16.91 -8.50 -12.85
CA ARG C 257 -17.96 -7.88 -12.05
C ARG C 257 -17.48 -7.62 -10.62
N ARG C 258 -16.52 -8.39 -10.15
CA ARG C 258 -16.00 -8.21 -8.80
C ARG C 258 -14.86 -7.19 -8.71
N THR C 259 -14.38 -6.71 -9.86
CA THR C 259 -13.24 -5.80 -9.85
C THR C 259 -13.28 -4.55 -10.72
N VAL C 260 -14.01 -4.60 -11.84
CA VAL C 260 -14.04 -3.46 -12.75
C VAL C 260 -15.20 -2.50 -12.52
N PRO C 261 -14.89 -1.25 -12.10
CA PRO C 261 -15.95 -0.27 -11.87
C PRO C 261 -16.78 -0.05 -13.13
N PRO C 262 -18.10 0.21 -12.97
CA PRO C 262 -19.00 0.43 -14.10
C PRO C 262 -18.59 1.65 -14.94
N ALA C 263 -17.76 2.52 -14.36
CA ALA C 263 -17.30 3.72 -15.06
C ALA C 263 -16.43 3.37 -16.25
N VAL C 264 -15.75 2.22 -16.18
CA VAL C 264 -14.90 1.80 -17.27
C VAL C 264 -15.81 1.62 -18.49
N THR C 265 -15.49 2.38 -19.54
CA THR C 265 -16.27 2.37 -20.77
C THR C 265 -16.37 1.02 -21.48
N GLY C 266 -15.30 0.25 -21.44
CA GLY C 266 -15.35 -1.05 -22.10
C GLY C 266 -14.18 -1.97 -21.80
N VAL C 267 -14.43 -3.27 -22.01
CA VAL C 267 -13.43 -4.30 -21.82
C VAL C 267 -13.19 -4.91 -23.19
N THR C 268 -11.93 -4.88 -23.64
CA THR C 268 -11.57 -5.42 -24.95
C THR C 268 -10.58 -6.56 -24.73
N PHE C 269 -11.09 -7.79 -24.80
CA PHE C 269 -10.30 -8.99 -24.56
C PHE C 269 -9.18 -9.28 -25.56
N LEU C 270 -8.06 -9.77 -25.04
CA LEU C 270 -6.93 -10.17 -25.87
C LEU C 270 -7.24 -11.65 -26.15
N SER C 271 -6.74 -12.20 -27.25
CA SER C 271 -7.04 -13.60 -27.55
C SER C 271 -6.07 -14.56 -26.85
N GLY C 272 -4.91 -14.03 -26.48
CA GLY C 272 -3.92 -14.80 -25.76
C GLY C 272 -3.54 -16.20 -26.23
N GLY C 273 -3.59 -16.46 -27.54
CA GLY C 273 -3.22 -17.77 -28.01
C GLY C 273 -4.37 -18.70 -28.36
N GLN C 274 -5.59 -18.28 -28.06
CA GLN C 274 -6.76 -19.09 -28.39
C GLN C 274 -6.84 -19.11 -29.91
N SER C 275 -7.42 -20.17 -30.47
CA SER C 275 -7.56 -20.24 -31.92
C SER C 275 -8.56 -19.17 -32.28
N GLU C 276 -8.64 -18.82 -33.55
CA GLU C 276 -9.57 -17.80 -34.02
C GLU C 276 -11.02 -18.13 -33.63
N GLU C 277 -11.43 -19.37 -33.87
CA GLU C 277 -12.78 -19.79 -33.55
C GLU C 277 -13.04 -19.84 -32.04
N GLU C 278 -12.04 -20.30 -31.29
CA GLU C 278 -12.15 -20.40 -29.84
C GLU C 278 -12.33 -19.01 -29.24
N ALA C 279 -11.58 -18.04 -29.74
CA ALA C 279 -11.67 -16.66 -29.27
C ALA C 279 -13.03 -16.06 -29.57
N SER C 280 -13.62 -16.43 -30.71
CA SER C 280 -14.92 -15.91 -31.08
C SER C 280 -16.04 -16.54 -30.24
N ILE C 281 -15.96 -17.85 -30.07
CA ILE C 281 -16.97 -18.56 -29.29
C ILE C 281 -16.98 -18.11 -27.82
N ASN C 282 -15.81 -17.99 -27.20
CA ASN C 282 -15.77 -17.56 -25.82
C ASN C 282 -16.29 -16.14 -25.66
N LEU C 283 -15.95 -15.28 -26.63
CA LEU C 283 -16.39 -13.90 -26.58
C LEU C 283 -17.91 -13.88 -26.67
N ASN C 284 -18.46 -14.76 -27.51
CA ASN C 284 -19.91 -14.85 -27.67
C ASN C 284 -20.56 -15.33 -26.38
N ALA C 285 -19.98 -16.36 -25.78
CA ALA C 285 -20.50 -16.91 -24.53
C ALA C 285 -20.44 -15.86 -23.42
N ILE C 286 -19.39 -15.04 -23.43
CA ILE C 286 -19.22 -13.99 -22.44
C ILE C 286 -20.38 -12.99 -22.53
N ASN C 287 -20.73 -12.59 -23.75
CA ASN C 287 -21.82 -11.66 -23.93
C ASN C 287 -23.21 -12.28 -23.67
N LYS C 288 -23.27 -13.61 -23.68
CA LYS C 288 -24.53 -14.30 -23.41
C LYS C 288 -24.68 -14.69 -21.94
N CYS C 289 -23.60 -14.56 -21.18
CA CYS C 289 -23.64 -14.87 -19.75
C CYS C 289 -24.76 -14.04 -19.12
N PRO C 290 -25.71 -14.69 -18.45
CA PRO C 290 -26.86 -14.05 -17.78
C PRO C 290 -26.61 -12.92 -16.78
N LEU C 291 -25.44 -12.89 -16.16
CA LEU C 291 -25.14 -11.84 -15.18
C LEU C 291 -25.12 -10.45 -15.80
N LEU C 292 -25.34 -9.43 -14.96
CA LEU C 292 -25.35 -8.05 -15.42
C LEU C 292 -23.93 -7.58 -15.71
N LYS C 293 -23.73 -7.01 -16.90
CA LYS C 293 -22.43 -6.53 -17.36
C LYS C 293 -22.56 -5.07 -17.76
N PRO C 294 -22.11 -4.15 -16.87
CA PRO C 294 -22.16 -2.70 -17.08
C PRO C 294 -21.18 -2.05 -18.04
N TRP C 295 -20.43 -2.84 -18.80
CA TRP C 295 -19.49 -2.30 -19.78
C TRP C 295 -19.51 -3.13 -21.04
N ALA C 296 -19.08 -2.54 -22.15
CA ALA C 296 -19.03 -3.25 -23.41
C ALA C 296 -18.02 -4.38 -23.24
N LEU C 297 -18.35 -5.55 -23.77
CA LEU C 297 -17.45 -6.70 -23.70
C LEU C 297 -17.15 -7.08 -25.13
N THR C 298 -16.04 -6.58 -25.65
CA THR C 298 -15.68 -6.86 -27.03
C THR C 298 -14.25 -7.38 -27.20
N PHE C 299 -13.74 -7.30 -28.42
CA PHE C 299 -12.42 -7.80 -28.74
C PHE C 299 -11.38 -6.76 -29.12
N SER C 300 -10.13 -7.16 -28.94
CA SER C 300 -8.96 -6.37 -29.30
C SER C 300 -8.00 -7.51 -29.61
N TYR C 301 -8.28 -8.21 -30.70
CA TYR C 301 -7.51 -9.37 -31.10
C TYR C 301 -6.37 -9.16 -32.07
N GLY C 302 -5.30 -9.91 -31.86
CA GLY C 302 -4.14 -9.85 -32.73
C GLY C 302 -4.13 -11.15 -33.53
N ARG C 303 -3.69 -12.22 -32.88
CA ARG C 303 -3.64 -13.53 -33.51
C ARG C 303 -5.02 -14.04 -33.95
N ALA C 304 -6.02 -13.81 -33.10
CA ALA C 304 -7.39 -14.26 -33.38
C ALA C 304 -8.03 -13.59 -34.61
N LEU C 305 -7.41 -12.54 -35.13
CA LEU C 305 -7.94 -11.86 -36.30
C LEU C 305 -7.01 -11.99 -37.51
N GLN C 306 -5.77 -12.41 -37.26
CA GLN C 306 -4.76 -12.50 -38.32
C GLN C 306 -4.24 -13.91 -38.70
N ALA C 307 -4.36 -14.88 -37.80
CA ALA C 307 -3.84 -16.22 -38.06
C ALA C 307 -4.08 -16.75 -39.49
N SER C 308 -5.34 -16.87 -39.88
CA SER C 308 -5.67 -17.37 -41.21
C SER C 308 -5.30 -16.44 -42.36
N ALA C 309 -5.41 -15.13 -42.13
CA ALA C 309 -5.07 -14.16 -43.16
C ALA C 309 -3.58 -14.28 -43.50
N LEU C 310 -2.77 -14.32 -42.45
CA LEU C 310 -1.31 -14.43 -42.61
C LEU C 310 -0.95 -15.69 -43.40
N LYS C 311 -1.60 -16.80 -43.05
CA LYS C 311 -1.34 -18.08 -43.70
C LYS C 311 -1.72 -18.09 -45.18
N ALA C 312 -2.91 -17.59 -45.49
CA ALA C 312 -3.39 -17.54 -46.87
C ALA C 312 -2.51 -16.62 -47.72
N TRP C 313 -2.01 -15.55 -47.12
CA TRP C 313 -1.15 -14.61 -47.84
C TRP C 313 0.16 -15.29 -48.20
N GLY C 314 0.86 -15.80 -47.19
CA GLY C 314 2.12 -16.49 -47.44
C GLY C 314 3.19 -15.62 -48.08
N GLY C 315 3.02 -14.31 -47.98
CA GLY C 315 3.99 -13.40 -48.56
C GLY C 315 3.87 -13.25 -50.07
N LYS C 316 2.85 -13.89 -50.64
CA LYS C 316 2.64 -13.85 -52.08
C LYS C 316 1.60 -12.81 -52.48
N LYS C 317 2.02 -11.87 -53.32
CA LYS C 317 1.17 -10.80 -53.82
C LYS C 317 -0.16 -11.34 -54.34
N GLU C 318 -0.10 -12.47 -55.03
CA GLU C 318 -1.27 -13.09 -55.62
C GLU C 318 -2.36 -13.46 -54.61
N ASN C 319 -1.95 -13.83 -53.40
CA ASN C 319 -2.92 -14.23 -52.37
C ASN C 319 -3.53 -13.07 -51.58
N LEU C 320 -3.26 -11.85 -51.99
CA LEU C 320 -3.79 -10.68 -51.29
C LEU C 320 -5.29 -10.79 -51.02
N LYS C 321 -6.06 -11.04 -52.07
CA LYS C 321 -7.51 -11.13 -51.95
C LYS C 321 -7.99 -12.28 -51.06
N ALA C 322 -7.31 -13.43 -51.15
CA ALA C 322 -7.68 -14.59 -50.33
C ALA C 322 -7.36 -14.30 -48.87
N ALA C 323 -6.23 -13.65 -48.64
CA ALA C 323 -5.79 -13.32 -47.29
C ALA C 323 -6.78 -12.37 -46.62
N GLN C 324 -7.27 -11.40 -47.37
CA GLN C 324 -8.22 -10.42 -46.84
C GLN C 324 -9.56 -11.03 -46.48
N GLU C 325 -10.00 -12.03 -47.24
CA GLU C 325 -11.28 -12.68 -46.98
C GLU C 325 -11.22 -13.42 -45.65
N GLU C 326 -10.05 -13.96 -45.31
CA GLU C 326 -9.88 -14.67 -44.05
C GLU C 326 -9.99 -13.70 -42.87
N TYR C 327 -9.40 -12.52 -43.03
CA TYR C 327 -9.44 -11.49 -42.01
C TYR C 327 -10.86 -10.94 -41.85
N VAL C 328 -11.51 -10.66 -42.97
CA VAL C 328 -12.87 -10.15 -42.95
C VAL C 328 -13.79 -11.16 -42.26
N LYS C 329 -13.56 -12.45 -42.53
CA LYS C 329 -14.39 -13.48 -41.90
C LYS C 329 -14.32 -13.42 -40.38
N ARG C 330 -13.13 -13.22 -39.83
CA ARG C 330 -13.00 -13.15 -38.38
C ARG C 330 -13.56 -11.83 -37.86
N ALA C 331 -13.40 -10.77 -38.64
CA ALA C 331 -13.91 -9.46 -38.26
C ALA C 331 -15.42 -9.55 -38.08
N LEU C 332 -16.07 -10.22 -39.03
CA LEU C 332 -17.52 -10.38 -38.97
C LEU C 332 -17.93 -11.28 -37.80
N ALA C 333 -17.20 -12.39 -37.63
CA ALA C 333 -17.50 -13.33 -36.55
C ALA C 333 -17.44 -12.68 -35.17
N ASN C 334 -16.36 -11.94 -34.90
CA ASN C 334 -16.21 -11.28 -33.61
C ASN C 334 -17.17 -10.12 -33.41
N SER C 335 -17.54 -9.45 -34.50
CA SER C 335 -18.50 -8.36 -34.43
C SER C 335 -19.80 -8.94 -33.88
N LEU C 336 -20.18 -10.12 -34.37
CA LEU C 336 -21.41 -10.76 -33.89
C LEU C 336 -21.21 -11.23 -32.45
N ALA C 337 -20.03 -11.79 -32.18
CA ALA C 337 -19.70 -12.28 -30.85
C ALA C 337 -19.79 -11.22 -29.76
N CYS C 338 -19.29 -10.01 -30.03
CA CYS C 338 -19.33 -8.96 -29.02
C CYS C 338 -20.75 -8.46 -28.79
N GLN C 339 -21.71 -9.11 -29.45
CA GLN C 339 -23.12 -8.76 -29.30
C GLN C 339 -23.89 -10.01 -28.85
N GLY C 340 -23.18 -11.12 -28.74
CA GLY C 340 -23.80 -12.37 -28.35
C GLY C 340 -24.70 -12.89 -29.44
N LYS C 341 -24.42 -12.50 -30.69
CA LYS C 341 -25.24 -12.93 -31.82
C LYS C 341 -24.47 -13.84 -32.77
N TYR C 342 -23.37 -14.42 -32.29
CA TYR C 342 -22.58 -15.30 -33.13
C TYR C 342 -23.12 -16.72 -33.14
N THR C 343 -23.51 -17.21 -34.31
CA THR C 343 -23.99 -18.59 -34.43
C THR C 343 -23.16 -19.14 -35.59
N PRO C 344 -22.94 -20.47 -35.65
CA PRO C 344 -22.14 -20.81 -36.84
C PRO C 344 -22.80 -20.53 -38.21
N SER C 345 -24.10 -20.33 -38.23
CA SER C 345 -24.79 -20.04 -39.48
C SER C 345 -24.26 -18.72 -40.04
N GLY C 346 -24.37 -17.66 -39.25
CA GLY C 346 -23.89 -16.36 -39.70
C GLY C 346 -24.84 -15.20 -39.42
N GLN C 347 -25.62 -14.80 -40.42
CA GLN C 347 -26.55 -13.68 -40.26
C GLN C 347 -27.76 -14.08 -39.43
N ALA C 348 -28.22 -15.32 -39.63
CA ALA C 348 -29.38 -15.83 -38.91
C ALA C 348 -29.07 -15.91 -37.41
N GLY C 349 -30.08 -15.64 -36.59
CA GLY C 349 -29.88 -15.68 -35.15
C GLY C 349 -31.14 -16.06 -34.39
N ALA C 350 -31.46 -17.35 -34.37
CA ALA C 350 -32.63 -17.83 -33.67
C ALA C 350 -32.24 -18.52 -32.36
N ALA C 351 -31.16 -19.29 -32.42
CA ALA C 351 -30.67 -20.01 -31.25
C ALA C 351 -29.96 -19.06 -30.29
N ALA C 352 -30.65 -18.64 -29.24
CA ALA C 352 -30.09 -17.73 -28.25
C ALA C 352 -30.71 -17.94 -26.88
N SER C 353 -30.06 -17.39 -25.86
CA SER C 353 -30.55 -17.50 -24.49
C SER C 353 -30.70 -18.96 -24.06
N GLU C 354 -29.85 -19.83 -24.60
CA GLU C 354 -29.90 -21.25 -24.29
C GLU C 354 -29.71 -21.47 -22.78
N SER C 355 -30.57 -22.31 -22.21
CA SER C 355 -30.51 -22.62 -20.78
C SER C 355 -30.69 -21.36 -19.94
N LEU C 356 -30.71 -21.54 -18.62
CA LEU C 356 -30.88 -20.43 -17.70
C LEU C 356 -30.76 -20.91 -16.25
N PHE C 357 -31.23 -22.12 -15.99
CA PHE C 357 -31.16 -22.70 -14.65
C PHE C 357 -29.71 -23.02 -14.31
N ILE C 358 -29.02 -22.06 -13.72
CA ILE C 358 -27.61 -22.24 -13.35
C ILE C 358 -27.27 -21.58 -12.03
N SER C 359 -26.06 -21.86 -11.53
CA SER C 359 -25.59 -21.31 -10.27
C SER C 359 -24.21 -20.66 -10.44
N ASN C 360 -24.10 -19.41 -10.02
CA ASN C 360 -22.84 -18.67 -10.13
C ASN C 360 -22.08 -18.67 -8.81
N HIS C 361 -22.66 -19.34 -7.80
CA HIS C 361 -22.04 -19.41 -6.49
C HIS C 361 -20.86 -20.36 -6.50
N ALA C 362 -20.67 -21.06 -7.61
CA ALA C 362 -19.57 -22.00 -7.75
C ALA C 362 -18.31 -21.25 -8.20
N TYR C 363 -18.46 -19.97 -8.48
CA TYR C 363 -17.35 -19.13 -8.91
C TYR C 363 -17.03 -18.07 -7.88
N PRO D 1 5.93 -16.73 -2.32
CA PRO D 1 6.47 -15.69 -1.40
C PRO D 1 7.85 -16.08 -0.89
N HIS D 2 8.55 -16.91 -1.65
CA HIS D 2 9.88 -17.36 -1.27
C HIS D 2 10.96 -16.40 -1.75
N SER D 3 12.21 -16.75 -1.47
CA SER D 3 13.35 -15.94 -1.86
C SER D 3 13.92 -16.38 -3.20
N HIS D 4 14.18 -15.39 -4.05
CA HIS D 4 14.74 -15.63 -5.38
C HIS D 4 15.88 -14.65 -5.49
N PRO D 5 17.00 -14.93 -4.80
CA PRO D 5 18.20 -14.11 -4.77
C PRO D 5 18.38 -13.16 -5.94
N ALA D 6 18.19 -11.87 -5.67
CA ALA D 6 18.37 -10.86 -6.71
C ALA D 6 19.86 -10.75 -6.98
N LEU D 7 20.65 -10.99 -5.93
CA LEU D 7 22.11 -10.89 -6.02
C LEU D 7 22.84 -12.09 -5.42
N THR D 8 24.02 -12.39 -5.98
CA THR D 8 24.84 -13.48 -5.48
C THR D 8 25.74 -12.91 -4.39
N PRO D 9 26.40 -13.78 -3.61
CA PRO D 9 27.28 -13.26 -2.57
C PRO D 9 28.41 -12.42 -3.18
N GLU D 10 28.88 -12.83 -4.35
CA GLU D 10 29.95 -12.13 -5.04
C GLU D 10 29.51 -10.73 -5.47
N GLN D 11 28.30 -10.64 -6.01
CA GLN D 11 27.77 -9.35 -6.45
C GLN D 11 27.61 -8.43 -5.24
N LYS D 12 27.11 -8.99 -4.14
CA LYS D 12 26.92 -8.20 -2.91
C LYS D 12 28.23 -7.60 -2.43
N LYS D 13 29.29 -8.41 -2.40
CA LYS D 13 30.59 -7.94 -1.94
C LYS D 13 31.07 -6.76 -2.78
N GLU D 14 30.96 -6.89 -4.10
CA GLU D 14 31.37 -5.84 -5.02
C GLU D 14 30.65 -4.52 -4.73
N LEU D 15 29.33 -4.59 -4.60
CA LEU D 15 28.52 -3.40 -4.33
C LEU D 15 28.87 -2.83 -2.95
N SER D 16 28.96 -3.69 -1.96
CA SER D 16 29.30 -3.23 -0.61
C SER D 16 30.69 -2.60 -0.58
N ASP D 17 31.66 -3.25 -1.22
CA ASP D 17 33.02 -2.71 -1.23
C ASP D 17 33.06 -1.31 -1.85
N ILE D 18 32.30 -1.13 -2.93
CA ILE D 18 32.24 0.16 -3.60
C ILE D 18 31.62 1.23 -2.71
N ALA D 19 30.48 0.91 -2.12
CA ALA D 19 29.79 1.87 -1.26
C ALA D 19 30.68 2.36 -0.13
N HIS D 20 31.35 1.44 0.56
CA HIS D 20 32.23 1.82 1.66
C HIS D 20 33.40 2.68 1.19
N ARG D 21 33.90 2.38 0.00
CA ARG D 21 35.03 3.11 -0.57
C ARG D 21 34.67 4.58 -0.74
N ILE D 22 33.48 4.83 -1.28
CA ILE D 22 33.02 6.20 -1.51
C ILE D 22 32.89 7.05 -0.27
N VAL D 23 32.40 6.46 0.82
CA VAL D 23 32.23 7.21 2.07
C VAL D 23 33.23 6.84 3.16
N ALA D 24 34.44 6.45 2.75
CA ALA D 24 35.49 6.11 3.72
C ALA D 24 35.72 7.33 4.61
N PRO D 25 36.22 7.11 5.83
CA PRO D 25 36.47 8.22 6.76
C PRO D 25 37.12 9.44 6.14
N GLY D 26 36.52 10.60 6.38
CA GLY D 26 37.04 11.85 5.86
C GLY D 26 36.74 12.11 4.39
N LYS D 27 36.04 11.18 3.74
CA LYS D 27 35.74 11.35 2.32
C LYS D 27 34.30 11.70 1.99
N GLY D 28 34.14 12.47 0.92
CA GLY D 28 32.82 12.88 0.46
C GLY D 28 32.71 12.82 -1.05
N ILE D 29 31.59 13.28 -1.58
CA ILE D 29 31.36 13.24 -3.01
C ILE D 29 31.27 14.61 -3.66
N LEU D 30 31.87 14.72 -4.85
CA LEU D 30 31.79 15.94 -5.63
C LEU D 30 30.70 15.67 -6.65
N ALA D 31 29.60 16.43 -6.55
CA ALA D 31 28.49 16.25 -7.47
C ALA D 31 28.62 17.29 -8.58
N ALA D 32 29.20 16.87 -9.70
CA ALA D 32 29.40 17.74 -10.85
C ALA D 32 28.59 17.23 -12.02
N ASP D 33 27.45 16.61 -11.72
CA ASP D 33 26.58 16.02 -12.73
C ASP D 33 25.47 16.91 -13.27
N GLU D 34 25.69 18.22 -13.32
CA GLU D 34 24.67 19.11 -13.85
C GLU D 34 24.50 18.84 -15.34
N SER D 35 23.25 18.70 -15.80
CA SER D 35 23.00 18.44 -17.21
C SER D 35 23.17 19.69 -18.06
N THR D 36 23.26 19.51 -19.37
CA THR D 36 23.44 20.59 -20.32
C THR D 36 22.63 21.85 -20.02
N GLY D 37 21.35 21.66 -19.72
CA GLY D 37 20.49 22.80 -19.43
C GLY D 37 20.70 23.41 -18.06
N SER D 38 21.08 22.59 -17.09
CA SER D 38 21.30 23.07 -15.72
C SER D 38 22.68 23.70 -15.57
N ILE D 39 23.67 23.15 -16.25
CA ILE D 39 25.02 23.69 -16.17
C ILE D 39 25.06 25.00 -16.95
N ALA D 40 24.31 25.05 -18.05
CA ALA D 40 24.23 26.23 -18.90
C ALA D 40 23.87 27.47 -18.07
N LYS D 41 23.00 27.29 -17.09
CA LYS D 41 22.57 28.39 -16.24
C LYS D 41 23.70 28.85 -15.32
N ARG D 42 24.58 27.93 -14.93
CA ARG D 42 25.70 28.25 -14.07
C ARG D 42 26.75 29.03 -14.86
N LEU D 43 26.86 28.73 -16.15
CA LEU D 43 27.82 29.40 -17.01
C LEU D 43 27.34 30.81 -17.34
N GLN D 44 26.04 31.02 -17.27
CA GLN D 44 25.45 32.32 -17.56
C GLN D 44 25.55 33.27 -16.37
N SER D 45 25.77 32.71 -15.18
CA SER D 45 25.90 33.52 -13.98
C SER D 45 27.30 34.13 -13.95
N ILE D 46 28.08 33.83 -14.98
CA ILE D 46 29.44 34.34 -15.10
C ILE D 46 29.74 34.74 -16.54
N GLY D 47 28.69 35.14 -17.25
CA GLY D 47 28.83 35.57 -18.63
C GLY D 47 29.57 34.62 -19.54
N THR D 48 29.58 33.34 -19.20
CA THR D 48 30.28 32.34 -20.01
C THR D 48 29.28 31.63 -20.91
N GLU D 49 29.63 31.52 -22.20
CA GLU D 49 28.76 30.85 -23.16
C GLU D 49 28.70 29.37 -22.86
N ASN D 50 27.55 28.75 -23.10
CA ASN D 50 27.38 27.32 -22.85
C ASN D 50 27.83 26.49 -24.04
N THR D 51 29.13 26.22 -24.11
CA THR D 51 29.70 25.43 -25.20
C THR D 51 30.29 24.15 -24.62
N GLU D 52 30.42 23.12 -25.45
CA GLU D 52 30.97 21.85 -24.97
C GLU D 52 32.36 22.05 -24.37
N GLU D 53 33.16 22.90 -25.02
CA GLU D 53 34.51 23.17 -24.55
C GLU D 53 34.51 23.86 -23.19
N ASN D 54 33.61 24.82 -23.00
CA ASN D 54 33.54 25.52 -21.73
C ASN D 54 33.10 24.58 -20.62
N ARG D 55 32.17 23.68 -20.93
CA ARG D 55 31.71 22.71 -19.95
C ARG D 55 32.90 21.79 -19.63
N ARG D 56 33.60 21.36 -20.68
CA ARG D 56 34.75 20.48 -20.49
C ARG D 56 35.81 21.16 -19.63
N PHE D 57 36.17 22.39 -20.00
CA PHE D 57 37.19 23.12 -19.26
C PHE D 57 36.81 23.27 -17.80
N TYR D 58 35.55 23.60 -17.54
CA TYR D 58 35.10 23.78 -16.15
C TYR D 58 35.22 22.47 -15.39
N ARG D 59 34.75 21.38 -16.00
CA ARG D 59 34.82 20.08 -15.36
C ARG D 59 36.28 19.69 -15.12
N GLN D 60 37.15 20.00 -16.08
CA GLN D 60 38.56 19.67 -15.93
C GLN D 60 39.11 20.44 -14.73
N LEU D 61 38.69 21.68 -14.60
CA LEU D 61 39.13 22.54 -13.50
C LEU D 61 38.91 21.89 -12.13
N LEU D 62 37.71 21.36 -11.91
CA LEU D 62 37.37 20.71 -10.64
C LEU D 62 38.07 19.36 -10.47
N LEU D 63 38.00 18.54 -11.51
CA LEU D 63 38.58 17.21 -11.46
C LEU D 63 40.10 17.15 -11.39
N THR D 64 40.76 18.17 -11.92
CA THR D 64 42.23 18.17 -11.91
C THR D 64 42.86 19.06 -10.84
N ALA D 65 42.16 19.22 -9.71
CA ALA D 65 42.69 20.03 -8.62
C ALA D 65 43.85 19.27 -7.99
N ASP D 66 44.76 19.99 -7.32
CA ASP D 66 45.92 19.35 -6.71
C ASP D 66 45.58 18.20 -5.76
N ASP D 67 46.57 17.36 -5.49
CA ASP D 67 46.41 16.18 -4.64
C ASP D 67 45.81 16.39 -3.26
N ARG D 68 45.69 17.62 -2.80
CA ARG D 68 45.11 17.86 -1.48
C ARG D 68 43.66 17.39 -1.41
N VAL D 69 43.01 17.26 -2.56
CA VAL D 69 41.60 16.83 -2.60
C VAL D 69 41.47 15.31 -2.56
N ASN D 70 42.55 14.60 -2.86
CA ASN D 70 42.53 13.15 -2.87
C ASN D 70 41.94 12.51 -1.62
N PRO D 71 42.38 12.95 -0.43
CA PRO D 71 41.84 12.37 0.81
C PRO D 71 40.42 12.83 1.11
N CYS D 72 40.01 13.94 0.49
CA CYS D 72 38.70 14.53 0.70
C CYS D 72 37.60 13.98 -0.22
N ILE D 73 37.97 13.61 -1.43
CA ILE D 73 37.00 13.12 -2.42
C ILE D 73 36.99 11.60 -2.63
N GLY D 74 35.93 10.96 -2.14
CA GLY D 74 35.80 9.52 -2.29
C GLY D 74 35.13 9.19 -3.62
N GLY D 75 34.41 10.15 -4.17
CA GLY D 75 33.75 9.92 -5.44
C GLY D 75 33.35 11.20 -6.14
N VAL D 76 33.09 11.10 -7.44
CA VAL D 76 32.69 12.25 -8.24
C VAL D 76 31.55 11.83 -9.18
N ILE D 77 30.43 12.53 -9.10
CA ILE D 77 29.29 12.22 -9.95
C ILE D 77 29.38 13.08 -11.21
N LEU D 78 29.23 12.46 -12.36
CA LEU D 78 29.33 13.19 -13.63
C LEU D 78 28.06 13.02 -14.45
N PHE D 79 27.88 13.92 -15.41
CA PHE D 79 26.76 13.88 -16.33
C PHE D 79 27.30 13.05 -17.51
N HIS D 80 26.39 12.45 -18.28
CA HIS D 80 26.79 11.63 -19.42
C HIS D 80 27.91 12.24 -20.27
N GLU D 81 27.69 13.44 -20.78
CA GLU D 81 28.69 14.11 -21.63
C GLU D 81 30.10 14.08 -21.05
N THR D 82 30.23 14.56 -19.83
CA THR D 82 31.51 14.63 -19.15
C THR D 82 32.19 13.28 -18.96
N LEU D 83 31.39 12.22 -18.81
CA LEU D 83 31.96 10.89 -18.62
C LEU D 83 32.83 10.50 -19.79
N TYR D 84 32.48 11.00 -20.97
CA TYR D 84 33.22 10.68 -22.18
C TYR D 84 34.11 11.82 -22.67
N GLN D 85 34.42 12.76 -21.78
CA GLN D 85 35.29 13.87 -22.14
C GLN D 85 36.70 13.61 -21.61
N LYS D 86 37.68 14.30 -22.18
CA LYS D 86 39.08 14.12 -21.78
C LYS D 86 39.71 15.41 -21.30
N ALA D 87 40.73 15.27 -20.47
CA ALA D 87 41.45 16.43 -19.94
C ALA D 87 42.46 16.86 -21.01
N ASP D 88 43.09 18.01 -20.80
CA ASP D 88 44.06 18.53 -21.77
C ASP D 88 45.19 17.54 -22.07
N ASP D 89 45.46 16.63 -21.15
CA ASP D 89 46.53 15.65 -21.35
C ASP D 89 46.05 14.41 -22.08
N GLY D 90 44.81 14.45 -22.58
CA GLY D 90 44.27 13.33 -23.32
C GLY D 90 43.63 12.23 -22.47
N ARG D 91 43.74 12.35 -21.15
CA ARG D 91 43.16 11.35 -20.27
C ARG D 91 41.66 11.51 -20.08
N PRO D 92 40.90 10.42 -20.24
CA PRO D 92 39.45 10.48 -20.06
C PRO D 92 39.19 10.93 -18.62
N PHE D 93 38.17 11.74 -18.39
CA PHE D 93 37.90 12.20 -17.03
C PHE D 93 37.77 11.07 -15.99
N PRO D 94 37.26 9.90 -16.39
CA PRO D 94 37.14 8.81 -15.40
C PRO D 94 38.53 8.36 -14.92
N GLN D 95 39.47 8.28 -15.86
CA GLN D 95 40.83 7.89 -15.53
C GLN D 95 41.42 8.93 -14.59
N VAL D 96 41.16 10.20 -14.88
CA VAL D 96 41.65 11.29 -14.04
C VAL D 96 41.13 11.11 -12.62
N ILE D 97 39.82 10.94 -12.49
CA ILE D 97 39.17 10.76 -11.20
C ILE D 97 39.75 9.57 -10.45
N LYS D 98 39.92 8.46 -11.16
CA LYS D 98 40.44 7.23 -10.56
C LYS D 98 41.90 7.38 -10.11
N SER D 99 42.71 8.05 -10.91
CA SER D 99 44.13 8.22 -10.58
C SER D 99 44.30 9.02 -9.29
N LYS D 100 43.28 9.79 -8.92
CA LYS D 100 43.33 10.58 -7.68
C LYS D 100 42.68 9.81 -6.54
N GLY D 101 42.40 8.54 -6.78
CA GLY D 101 41.79 7.71 -5.76
C GLY D 101 40.29 7.87 -5.58
N GLY D 102 39.64 8.47 -6.58
CA GLY D 102 38.20 8.66 -6.47
C GLY D 102 37.40 7.66 -7.27
N VAL D 103 36.17 7.41 -6.82
CA VAL D 103 35.29 6.49 -7.52
C VAL D 103 34.44 7.31 -8.48
N VAL D 104 34.25 6.80 -9.68
CA VAL D 104 33.46 7.50 -10.68
C VAL D 104 31.99 7.13 -10.59
N GLY D 105 31.13 8.15 -10.59
CA GLY D 105 29.70 7.94 -10.52
C GLY D 105 29.04 8.62 -11.71
N ILE D 106 27.89 8.09 -12.12
CA ILE D 106 27.18 8.65 -13.26
C ILE D 106 25.70 8.93 -12.94
N LYS D 107 25.25 10.14 -13.24
CA LYS D 107 23.85 10.49 -13.02
C LYS D 107 23.08 9.79 -14.15
N VAL D 108 22.01 9.09 -13.81
CA VAL D 108 21.27 8.37 -14.83
C VAL D 108 19.80 8.74 -15.02
N ASP D 109 19.25 9.59 -14.14
CA ASP D 109 17.85 9.97 -14.30
C ASP D 109 17.72 10.92 -15.48
N LYS D 110 16.50 11.08 -15.97
CA LYS D 110 16.25 11.97 -17.10
C LYS D 110 15.35 13.14 -16.77
N GLY D 111 15.49 13.65 -15.55
CA GLY D 111 14.71 14.79 -15.11
C GLY D 111 13.35 14.47 -14.52
N VAL D 112 12.72 15.48 -13.94
CA VAL D 112 11.42 15.32 -13.34
C VAL D 112 10.33 15.57 -14.37
N VAL D 113 9.15 15.00 -14.12
CA VAL D 113 7.99 15.17 -14.98
C VAL D 113 6.81 15.36 -14.03
N PRO D 114 5.82 16.17 -14.44
CA PRO D 114 4.63 16.44 -13.63
C PRO D 114 3.67 15.28 -13.38
N LEU D 115 3.16 15.20 -12.16
CA LEU D 115 2.19 14.18 -11.79
C LEU D 115 0.83 14.83 -11.91
N ALA D 116 0.04 14.40 -12.89
CA ALA D 116 -1.28 14.96 -13.10
C ALA D 116 -2.13 14.78 -11.84
N GLY D 117 -3.03 15.73 -11.60
CA GLY D 117 -3.89 15.65 -10.44
C GLY D 117 -3.24 16.10 -9.14
N THR D 118 -2.02 16.61 -9.22
CA THR D 118 -1.33 17.08 -8.02
C THR D 118 -1.11 18.59 -8.08
N ASN D 119 -0.70 19.16 -6.96
CA ASN D 119 -0.43 20.59 -6.92
C ASN D 119 1.02 20.87 -7.25
N GLY D 120 1.35 20.74 -8.53
CA GLY D 120 2.69 21.00 -8.99
C GLY D 120 3.74 20.00 -8.53
N GLU D 121 3.32 18.78 -8.22
CA GLU D 121 4.26 17.75 -7.77
C GLU D 121 4.80 16.94 -8.95
N THR D 122 5.94 16.31 -8.75
CA THR D 122 6.57 15.53 -9.80
C THR D 122 7.09 14.17 -9.37
N THR D 123 7.50 13.40 -10.37
CA THR D 123 8.15 12.11 -10.15
C THR D 123 9.33 12.24 -11.10
N THR D 124 10.15 11.20 -11.22
CA THR D 124 11.32 11.27 -12.08
C THR D 124 11.37 10.16 -13.11
N GLN D 125 11.77 10.50 -14.34
CA GLN D 125 11.87 9.51 -15.41
C GLN D 125 13.31 9.12 -15.66
N GLY D 126 13.50 8.05 -16.43
CA GLY D 126 14.84 7.60 -16.75
C GLY D 126 15.09 6.10 -16.70
N LEU D 127 14.02 5.32 -16.45
CA LEU D 127 14.17 3.86 -16.37
C LEU D 127 14.36 3.12 -17.70
N ASP D 128 13.78 3.66 -18.77
CA ASP D 128 13.87 3.01 -20.08
C ASP D 128 15.30 2.76 -20.54
N GLY D 129 15.61 1.50 -20.82
CA GLY D 129 16.94 1.14 -21.26
C GLY D 129 18.01 1.36 -20.20
N LEU D 130 17.60 1.54 -18.95
CA LEU D 130 18.56 1.80 -17.89
C LEU D 130 19.54 0.63 -17.66
N SER D 131 19.06 -0.60 -17.81
CA SER D 131 19.94 -1.75 -17.62
C SER D 131 21.11 -1.72 -18.59
N GLU D 132 20.83 -1.50 -19.87
CA GLU D 132 21.88 -1.45 -20.87
C GLU D 132 22.83 -0.28 -20.63
N ARG D 133 22.27 0.87 -20.26
CA ARG D 133 23.08 2.06 -19.99
C ARG D 133 24.02 1.80 -18.82
N CYS D 134 23.51 1.14 -17.78
CA CYS D 134 24.34 0.84 -16.62
C CYS D 134 25.47 -0.10 -17.00
N ALA D 135 25.17 -1.12 -17.79
CA ALA D 135 26.19 -2.08 -18.23
C ALA D 135 27.32 -1.38 -18.97
N GLN D 136 26.96 -0.43 -19.83
CA GLN D 136 27.95 0.31 -20.60
C GLN D 136 28.72 1.29 -19.72
N TYR D 137 28.03 1.93 -18.79
CA TYR D 137 28.70 2.88 -17.89
C TYR D 137 29.70 2.12 -17.03
N LYS D 138 29.34 0.92 -16.60
CA LYS D 138 30.23 0.09 -15.79
C LYS D 138 31.51 -0.20 -16.59
N LYS D 139 31.34 -0.64 -17.83
CA LYS D 139 32.50 -0.94 -18.67
C LYS D 139 33.35 0.30 -18.89
N ASP D 140 32.71 1.46 -18.89
CA ASP D 140 33.44 2.71 -19.11
C ASP D 140 34.01 3.38 -17.88
N GLY D 141 34.03 2.68 -16.76
CA GLY D 141 34.62 3.25 -15.55
C GLY D 141 33.77 3.67 -14.37
N ALA D 142 32.46 3.74 -14.53
CA ALA D 142 31.59 4.16 -13.43
C ALA D 142 31.23 2.98 -12.52
N ASP D 143 31.28 3.22 -11.21
CA ASP D 143 30.95 2.18 -10.24
C ASP D 143 29.70 2.50 -9.41
N PHE D 144 29.21 3.74 -9.49
CA PHE D 144 27.98 4.09 -8.80
C PHE D 144 27.17 5.05 -9.66
N ALA D 145 25.92 5.28 -9.27
CA ALA D 145 25.06 6.19 -10.02
C ALA D 145 24.23 7.04 -9.07
N LYS D 146 23.54 8.02 -9.64
CA LYS D 146 22.71 8.91 -8.86
C LYS D 146 21.41 9.19 -9.62
N TRP D 147 20.32 9.21 -8.88
CA TRP D 147 18.99 9.46 -9.44
C TRP D 147 18.30 10.40 -8.47
N ARG D 148 17.80 11.52 -8.97
CA ARG D 148 17.16 12.52 -8.13
C ARG D 148 15.65 12.66 -8.24
N CYS D 149 14.97 12.52 -7.12
CA CYS D 149 13.52 12.71 -7.06
C CYS D 149 13.35 13.99 -6.28
N VAL D 150 12.32 14.76 -6.60
CA VAL D 150 12.09 16.03 -5.94
C VAL D 150 10.70 16.16 -5.32
N LEU D 151 10.67 16.48 -4.03
CA LEU D 151 9.43 16.63 -3.29
C LEU D 151 9.40 18.02 -2.68
N LYS D 152 8.20 18.58 -2.50
CA LYS D 152 8.08 19.92 -1.94
C LYS D 152 7.10 19.99 -0.79
N ILE D 153 7.47 20.74 0.24
CA ILE D 153 6.61 20.91 1.41
C ILE D 153 5.73 22.14 1.20
N GLY D 154 4.43 21.96 1.39
CA GLY D 154 3.50 23.05 1.22
C GLY D 154 2.11 22.60 1.62
N GLU D 155 1.10 23.33 1.14
CA GLU D 155 -0.27 22.94 1.45
C GLU D 155 -0.63 21.73 0.60
N HIS D 156 -0.84 20.60 1.27
CA HIS D 156 -1.23 19.35 0.60
C HIS D 156 -0.07 18.57 -0.04
N THR D 157 1.16 19.07 0.11
CA THR D 157 2.32 18.38 -0.44
C THR D 157 3.36 18.18 0.66
N PRO D 158 4.12 17.07 0.60
CA PRO D 158 4.03 16.03 -0.44
C PRO D 158 2.79 15.16 -0.26
N SER D 159 2.07 14.91 -1.36
CA SER D 159 0.87 14.09 -1.32
C SER D 159 1.22 12.61 -1.18
N ALA D 160 0.24 11.81 -0.75
CA ALA D 160 0.44 10.38 -0.59
C ALA D 160 0.94 9.80 -1.91
N LEU D 161 0.35 10.24 -3.03
CA LEU D 161 0.76 9.75 -4.34
C LEU D 161 2.21 10.12 -4.66
N ALA D 162 2.56 11.38 -4.47
CA ALA D 162 3.92 11.82 -4.75
C ALA D 162 4.95 11.01 -3.97
N ILE D 163 4.65 10.76 -2.70
CA ILE D 163 5.56 9.99 -1.85
C ILE D 163 5.67 8.53 -2.32
N MET D 164 4.52 7.91 -2.58
CA MET D 164 4.47 6.52 -3.04
C MET D 164 5.20 6.34 -4.37
N GLU D 165 4.83 7.15 -5.36
CA GLU D 165 5.41 7.07 -6.70
C GLU D 165 6.92 7.35 -6.77
N ASN D 166 7.36 8.40 -6.10
CA ASN D 166 8.79 8.71 -6.12
C ASN D 166 9.59 7.62 -5.41
N ALA D 167 9.03 7.06 -4.34
CA ALA D 167 9.72 5.99 -3.61
C ALA D 167 9.83 4.74 -4.46
N ASN D 168 8.78 4.47 -5.23
CA ASN D 168 8.75 3.28 -6.09
C ASN D 168 9.73 3.38 -7.26
N VAL D 169 9.79 4.54 -7.90
CA VAL D 169 10.71 4.68 -9.04
C VAL D 169 12.17 4.65 -8.56
N LEU D 170 12.42 5.16 -7.36
CA LEU D 170 13.77 5.13 -6.82
C LEU D 170 14.15 3.66 -6.61
N ALA D 171 13.18 2.88 -6.14
CA ALA D 171 13.40 1.46 -5.90
C ALA D 171 13.71 0.75 -7.20
N ARG D 172 12.96 1.06 -8.25
CA ARG D 172 13.18 0.45 -9.57
C ARG D 172 14.58 0.82 -10.06
N TYR D 173 14.92 2.10 -9.92
CA TYR D 173 16.23 2.59 -10.33
C TYR D 173 17.33 1.83 -9.58
N ALA D 174 17.17 1.70 -8.27
CA ALA D 174 18.17 1.01 -7.45
C ALA D 174 18.32 -0.47 -7.82
N SER D 175 17.20 -1.11 -8.15
CA SER D 175 17.22 -2.52 -8.53
C SER D 175 18.01 -2.76 -9.81
N ILE D 176 17.74 -1.96 -10.84
CA ILE D 176 18.44 -2.10 -12.10
C ILE D 176 19.93 -1.83 -11.93
N CYS D 177 20.26 -0.82 -11.11
CA CYS D 177 21.65 -0.49 -10.86
C CYS D 177 22.44 -1.65 -10.26
N GLN D 178 21.88 -2.27 -9.21
CA GLN D 178 22.56 -3.35 -8.52
C GLN D 178 22.72 -4.61 -9.37
N GLN D 179 21.87 -4.76 -10.38
CA GLN D 179 21.97 -5.89 -11.29
C GLN D 179 23.16 -5.72 -12.23
N ASN D 180 23.69 -4.50 -12.30
CA ASN D 180 24.81 -4.23 -13.20
C ASN D 180 26.11 -3.81 -12.50
N GLY D 181 26.22 -4.13 -11.22
CA GLY D 181 27.43 -3.81 -10.46
C GLY D 181 27.63 -2.34 -10.12
N ILE D 182 26.55 -1.57 -10.17
CA ILE D 182 26.60 -0.14 -9.87
C ILE D 182 25.87 0.14 -8.58
N VAL D 183 26.54 0.88 -7.68
CA VAL D 183 25.98 1.25 -6.40
C VAL D 183 25.03 2.43 -6.63
N PRO D 184 23.75 2.30 -6.23
CA PRO D 184 22.86 3.43 -6.45
C PRO D 184 22.75 4.39 -5.28
N ILE D 185 22.91 5.67 -5.56
CA ILE D 185 22.75 6.69 -4.55
C ILE D 185 21.29 7.09 -4.69
N VAL D 186 20.50 6.83 -3.65
CA VAL D 186 19.09 7.16 -3.68
C VAL D 186 18.88 8.57 -3.16
N GLU D 187 18.43 9.47 -4.03
CA GLU D 187 18.23 10.85 -3.64
C GLU D 187 16.78 11.34 -3.67
N PRO D 188 16.11 11.33 -2.51
CA PRO D 188 14.73 11.78 -2.42
C PRO D 188 14.84 13.18 -1.80
N GLU D 189 15.05 14.19 -2.64
CA GLU D 189 15.20 15.54 -2.10
C GLU D 189 13.91 16.26 -1.79
N ILE D 190 13.78 16.69 -0.55
CA ILE D 190 12.63 17.45 -0.12
C ILE D 190 13.16 18.88 -0.15
N LEU D 191 12.61 19.68 -1.07
CA LEU D 191 13.04 21.07 -1.25
C LEU D 191 12.85 21.93 -0.01
N PRO D 192 13.76 22.90 0.20
CA PRO D 192 13.69 23.81 1.35
C PRO D 192 12.69 24.95 1.14
N ASP D 193 12.20 25.08 -0.09
CA ASP D 193 11.25 26.15 -0.44
C ASP D 193 10.04 26.18 0.49
N GLY D 194 9.69 27.37 0.98
CA GLY D 194 8.55 27.49 1.86
C GLY D 194 8.86 28.14 3.19
N ASP D 195 7.82 28.44 3.96
CA ASP D 195 7.99 29.08 5.26
C ASP D 195 7.71 28.14 6.43
N HIS D 196 7.81 26.83 6.20
CA HIS D 196 7.58 25.85 7.24
C HIS D 196 8.76 25.86 8.22
N ASP D 197 8.53 25.43 9.45
CA ASP D 197 9.59 25.41 10.45
C ASP D 197 10.38 24.10 10.46
N LEU D 198 11.27 23.98 11.43
CA LEU D 198 12.12 22.80 11.57
C LEU D 198 11.36 21.50 11.81
N LYS D 199 10.45 21.50 12.78
CA LYS D 199 9.71 20.27 13.07
C LYS D 199 8.88 19.79 11.89
N ARG D 200 8.43 20.71 11.05
CA ARG D 200 7.64 20.31 9.89
C ARG D 200 8.52 19.58 8.88
N CYS D 201 9.72 20.11 8.64
CA CYS D 201 10.63 19.47 7.71
C CYS D 201 11.04 18.11 8.26
N GLN D 202 11.22 18.02 9.57
CA GLN D 202 11.61 16.76 10.19
C GLN D 202 10.49 15.73 10.01
N TYR D 203 9.26 16.17 10.23
CA TYR D 203 8.09 15.31 10.09
C TYR D 203 8.03 14.72 8.68
N VAL D 204 8.05 15.60 7.67
CA VAL D 204 7.98 15.16 6.28
C VAL D 204 9.18 14.30 5.89
N THR D 205 10.36 14.65 6.38
CA THR D 205 11.55 13.85 6.04
C THR D 205 11.39 12.43 6.58
N GLU D 206 10.84 12.29 7.79
CA GLU D 206 10.63 10.97 8.38
C GLU D 206 9.62 10.15 7.57
N LYS D 207 8.53 10.78 7.13
CA LYS D 207 7.52 10.08 6.35
C LYS D 207 8.05 9.68 4.99
N VAL D 208 8.84 10.57 4.39
CA VAL D 208 9.40 10.28 3.07
C VAL D 208 10.41 9.13 3.15
N LEU D 209 11.33 9.20 4.10
CA LEU D 209 12.33 8.15 4.22
C LEU D 209 11.72 6.81 4.60
N ALA D 210 10.66 6.82 5.40
CA ALA D 210 10.01 5.58 5.78
C ALA D 210 9.47 4.94 4.51
N ALA D 211 8.88 5.76 3.64
CA ALA D 211 8.33 5.27 2.38
C ALA D 211 9.44 4.75 1.46
N VAL D 212 10.55 5.47 1.43
CA VAL D 212 11.66 5.06 0.58
C VAL D 212 12.19 3.69 0.97
N TYR D 213 12.36 3.44 2.26
CA TYR D 213 12.90 2.15 2.66
C TYR D 213 11.93 0.99 2.56
N LYS D 214 10.64 1.26 2.68
CA LYS D 214 9.67 0.18 2.54
C LYS D 214 9.69 -0.25 1.07
N ALA D 215 9.80 0.73 0.18
CA ALA D 215 9.84 0.50 -1.26
C ALA D 215 11.10 -0.26 -1.63
N LEU D 216 12.23 0.14 -1.04
CA LEU D 216 13.49 -0.54 -1.31
C LEU D 216 13.37 -1.99 -0.88
N SER D 217 12.69 -2.23 0.25
CA SER D 217 12.49 -3.58 0.74
C SER D 217 11.61 -4.38 -0.23
N ASP D 218 10.47 -3.82 -0.62
CA ASP D 218 9.57 -4.50 -1.55
C ASP D 218 10.24 -4.90 -2.87
N HIS D 219 11.21 -4.09 -3.30
CA HIS D 219 11.92 -4.36 -4.55
C HIS D 219 13.21 -5.17 -4.35
N HIS D 220 13.37 -5.72 -3.15
CA HIS D 220 14.53 -6.56 -2.84
C HIS D 220 15.88 -5.88 -2.99
N ILE D 221 15.99 -4.65 -2.53
CA ILE D 221 17.24 -3.91 -2.64
C ILE D 221 18.22 -4.26 -1.52
N TYR D 222 19.49 -4.35 -1.88
CA TYR D 222 20.58 -4.66 -0.95
C TYR D 222 21.09 -3.33 -0.39
N LEU D 223 20.64 -2.99 0.81
CA LEU D 223 21.00 -1.72 1.45
C LEU D 223 22.48 -1.46 1.66
N GLU D 224 23.24 -2.50 1.99
CA GLU D 224 24.66 -2.33 2.21
C GLU D 224 25.32 -1.90 0.90
N GLY D 225 24.65 -2.17 -0.21
CA GLY D 225 25.16 -1.79 -1.51
C GLY D 225 24.52 -0.53 -2.03
N THR D 226 24.08 0.34 -1.13
CA THR D 226 23.44 1.60 -1.50
C THR D 226 23.95 2.76 -0.64
N LEU D 227 23.56 3.97 -1.05
CA LEU D 227 23.90 5.18 -0.33
C LEU D 227 22.64 6.04 -0.37
N LEU D 228 22.40 6.81 0.69
CA LEU D 228 21.25 7.67 0.76
C LEU D 228 21.71 9.12 0.63
N LYS D 229 21.06 9.87 -0.25
CA LYS D 229 21.39 11.28 -0.45
C LYS D 229 20.16 12.12 -0.12
N PRO D 230 19.95 12.43 1.16
CA PRO D 230 18.79 13.22 1.56
C PRO D 230 19.12 14.68 1.83
N ASN D 231 18.07 15.46 2.06
CA ASN D 231 18.20 16.86 2.40
C ASN D 231 18.44 16.85 3.91
N MET D 232 19.21 17.81 4.42
CA MET D 232 19.40 17.88 5.85
C MET D 232 18.05 18.36 6.33
N VAL D 233 17.74 18.20 7.60
CA VAL D 233 16.47 18.67 8.12
C VAL D 233 16.69 20.12 8.58
N THR D 234 16.06 21.06 7.88
CA THR D 234 16.21 22.48 8.20
C THR D 234 14.87 23.18 8.06
N PRO D 235 14.76 24.40 8.58
CA PRO D 235 13.48 25.12 8.45
C PRO D 235 13.37 25.55 6.99
N GLY D 236 12.18 26.00 6.59
CA GLY D 236 12.00 26.45 5.22
C GLY D 236 12.78 27.72 4.96
N HIS D 237 13.18 27.93 3.71
CA HIS D 237 13.95 29.10 3.30
C HIS D 237 13.32 30.42 3.76
N ALA D 238 11.99 30.43 3.85
CA ALA D 238 11.26 31.63 4.25
C ALA D 238 10.74 31.58 5.68
N CYS D 239 11.19 30.61 6.47
CA CYS D 239 10.74 30.51 7.85
C CYS D 239 11.27 31.70 8.64
N THR D 240 10.44 32.22 9.56
CA THR D 240 10.82 33.36 10.37
C THR D 240 11.61 32.89 11.59
N GLN D 241 11.15 31.82 12.22
CA GLN D 241 11.82 31.28 13.40
C GLN D 241 13.25 30.87 13.04
N LYS D 242 14.19 31.29 13.88
CA LYS D 242 15.60 30.98 13.65
C LYS D 242 16.00 29.73 14.43
N TYR D 243 17.01 29.02 13.93
CA TYR D 243 17.48 27.81 14.59
C TYR D 243 19.01 27.77 14.58
N SER D 244 19.58 27.08 15.57
CA SER D 244 21.03 26.94 15.65
C SER D 244 21.44 25.74 14.82
N HIS D 245 22.75 25.57 14.64
CA HIS D 245 23.26 24.44 13.87
C HIS D 245 23.08 23.16 14.66
N GLU D 246 23.09 23.27 15.99
CA GLU D 246 22.92 22.11 16.85
C GLU D 246 21.50 21.56 16.74
N GLU D 247 20.53 22.45 16.58
CA GLU D 247 19.14 22.04 16.45
C GLU D 247 18.91 21.39 15.10
N ILE D 248 19.54 21.95 14.07
CA ILE D 248 19.43 21.41 12.72
C ILE D 248 20.04 20.01 12.72
N ALA D 249 21.19 19.87 13.36
CA ALA D 249 21.88 18.59 13.46
C ALA D 249 21.04 17.57 14.21
N MET D 250 20.39 18.01 15.29
CA MET D 250 19.56 17.14 16.11
C MET D 250 18.34 16.63 15.34
N ALA D 251 17.68 17.54 14.62
CA ALA D 251 16.50 17.18 13.84
C ALA D 251 16.87 16.25 12.70
N THR D 252 18.04 16.49 12.10
CA THR D 252 18.53 15.69 10.99
C THR D 252 18.86 14.27 11.44
N VAL D 253 19.71 14.16 12.46
CA VAL D 253 20.12 12.85 12.96
C VAL D 253 18.94 12.07 13.52
N THR D 254 18.01 12.77 14.15
CA THR D 254 16.85 12.10 14.72
C THR D 254 15.98 11.51 13.62
N ALA D 255 15.68 12.30 12.59
CA ALA D 255 14.87 11.81 11.50
C ALA D 255 15.54 10.60 10.86
N LEU D 256 16.87 10.66 10.71
CA LEU D 256 17.62 9.55 10.12
C LEU D 256 17.61 8.30 11.00
N ARG D 257 17.80 8.50 12.30
CA ARG D 257 17.79 7.37 13.23
C ARG D 257 16.44 6.67 13.24
N ARG D 258 15.38 7.43 12.99
CA ARG D 258 14.02 6.90 12.99
C ARG D 258 13.57 6.23 11.70
N THR D 259 14.40 6.26 10.66
CA THR D 259 14.00 5.68 9.39
C THR D 259 15.04 4.89 8.59
N VAL D 260 16.31 5.29 8.71
CA VAL D 260 17.38 4.64 7.95
C VAL D 260 18.01 3.42 8.65
N PRO D 261 17.81 2.23 8.08
CA PRO D 261 18.37 1.00 8.65
C PRO D 261 19.89 1.07 8.75
N PRO D 262 20.47 0.48 9.81
CA PRO D 262 21.93 0.48 10.00
C PRO D 262 22.68 -0.13 8.82
N ALA D 263 22.03 -1.03 8.10
CA ALA D 263 22.66 -1.69 6.96
C ALA D 263 23.08 -0.69 5.87
N VAL D 264 22.38 0.45 5.79
CA VAL D 264 22.74 1.44 4.79
C VAL D 264 24.17 1.85 5.09
N THR D 265 25.04 1.76 4.08
CA THR D 265 26.45 2.09 4.24
C THR D 265 26.77 3.54 4.54
N GLY D 266 26.06 4.47 3.91
CA GLY D 266 26.34 5.87 4.18
C GLY D 266 25.29 6.86 3.75
N VAL D 267 25.29 8.01 4.40
CA VAL D 267 24.36 9.09 4.10
C VAL D 267 25.21 10.24 3.57
N THR D 268 24.96 10.63 2.33
CA THR D 268 25.70 11.72 1.70
C THR D 268 24.76 12.87 1.41
N PHE D 269 24.78 13.87 2.29
CA PHE D 269 23.89 15.01 2.19
C PHE D 269 24.09 15.93 0.98
N LEU D 270 22.97 16.37 0.40
CA LEU D 270 22.97 17.32 -0.70
C LEU D 270 23.01 18.65 0.04
N SER D 271 23.53 19.71 -0.58
CA SER D 271 23.58 21.01 0.11
C SER D 271 22.30 21.83 -0.05
N GLY D 272 21.54 21.52 -1.11
CA GLY D 272 20.28 22.18 -1.36
C GLY D 272 20.12 23.69 -1.31
N GLY D 273 21.14 24.44 -1.73
CA GLY D 273 21.01 25.89 -1.71
C GLY D 273 21.72 26.58 -0.57
N GLN D 274 22.13 25.83 0.44
CA GLN D 274 22.84 26.43 1.56
C GLN D 274 24.16 26.99 1.04
N SER D 275 24.76 27.91 1.78
CA SER D 275 26.05 28.48 1.40
C SER D 275 27.11 27.42 1.66
N GLU D 276 28.28 27.60 1.07
CA GLU D 276 29.37 26.65 1.25
C GLU D 276 29.71 26.51 2.73
N GLU D 277 29.71 27.64 3.44
CA GLU D 277 30.03 27.65 4.86
C GLU D 277 28.94 27.02 5.71
N GLU D 278 27.68 27.33 5.41
CA GLU D 278 26.57 26.77 6.17
C GLU D 278 26.49 25.26 5.99
N ALA D 279 26.66 24.81 4.74
CA ALA D 279 26.62 23.38 4.44
C ALA D 279 27.69 22.63 5.21
N SER D 280 28.89 23.22 5.29
CA SER D 280 29.99 22.60 6.01
C SER D 280 29.71 22.59 7.51
N ILE D 281 29.35 23.76 8.05
CA ILE D 281 29.06 23.87 9.47
C ILE D 281 27.96 22.90 9.90
N ASN D 282 26.89 22.82 9.12
CA ASN D 282 25.82 21.90 9.48
C ASN D 282 26.29 20.45 9.43
N LEU D 283 27.01 20.07 8.37
CA LEU D 283 27.51 18.71 8.28
C LEU D 283 28.38 18.40 9.49
N ASN D 284 29.09 19.42 9.97
CA ASN D 284 29.97 19.26 11.12
C ASN D 284 29.17 19.07 12.41
N ALA D 285 28.10 19.85 12.58
CA ALA D 285 27.27 19.75 13.77
C ALA D 285 26.59 18.38 13.77
N ILE D 286 26.24 17.90 12.59
CA ILE D 286 25.60 16.60 12.43
C ILE D 286 26.52 15.48 12.92
N ASN D 287 27.79 15.53 12.52
CA ASN D 287 28.73 14.49 12.95
C ASN D 287 29.09 14.61 14.43
N LYS D 288 28.85 15.77 15.02
CA LYS D 288 29.14 15.99 16.43
C LYS D 288 27.94 15.69 17.30
N CYS D 289 26.78 15.45 16.68
CA CYS D 289 25.55 15.13 17.41
C CYS D 289 25.77 13.90 18.29
N PRO D 290 25.50 14.02 19.60
CA PRO D 290 25.65 12.96 20.61
C PRO D 290 24.99 11.62 20.31
N LEU D 291 23.87 11.65 19.59
CA LEU D 291 23.13 10.44 19.26
C LEU D 291 23.93 9.42 18.46
N LEU D 292 23.58 8.14 18.61
CA LEU D 292 24.24 7.06 17.89
C LEU D 292 23.91 7.17 16.41
N LYS D 293 24.94 7.15 15.58
CA LYS D 293 24.80 7.24 14.13
C LYS D 293 25.54 6.06 13.51
N PRO D 294 24.80 4.99 13.19
CA PRO D 294 25.33 3.75 12.60
C PRO D 294 25.76 3.78 11.13
N TRP D 295 25.77 4.96 10.53
CA TRP D 295 26.18 5.08 9.14
C TRP D 295 27.08 6.30 8.96
N ALA D 296 27.93 6.25 7.94
CA ALA D 296 28.81 7.37 7.66
C ALA D 296 27.90 8.55 7.34
N LEU D 297 28.29 9.74 7.80
CA LEU D 297 27.52 10.95 7.56
C LEU D 297 28.45 11.94 6.88
N THR D 298 28.30 12.08 5.57
CA THR D 298 29.18 12.96 4.82
C THR D 298 28.44 13.79 3.78
N PHE D 299 29.19 14.28 2.79
CA PHE D 299 28.63 15.12 1.76
C PHE D 299 28.68 14.60 0.34
N SER D 300 27.80 15.17 -0.47
CA SER D 300 27.70 14.89 -1.90
C SER D 300 27.19 16.24 -2.38
N TYR D 301 28.08 17.24 -2.36
CA TYR D 301 27.73 18.60 -2.73
C TYR D 301 27.95 19.04 -4.17
N GLY D 302 27.00 19.83 -4.66
CA GLY D 302 27.09 20.38 -5.99
C GLY D 302 27.47 21.83 -5.80
N ARG D 303 26.47 22.66 -5.49
CA ARG D 303 26.68 24.08 -5.28
C ARG D 303 27.65 24.41 -4.15
N ALA D 304 27.53 23.72 -3.02
CA ALA D 304 28.39 23.96 -1.87
C ALA D 304 29.87 23.65 -2.07
N LEU D 305 30.22 23.09 -3.21
CA LEU D 305 31.63 22.79 -3.49
C LEU D 305 32.11 23.60 -4.68
N GLN D 306 31.17 24.17 -5.44
CA GLN D 306 31.50 24.93 -6.63
C GLN D 306 31.23 26.44 -6.62
N ALA D 307 30.50 26.91 -5.62
CA ALA D 307 30.15 28.33 -5.53
C ALA D 307 31.32 29.28 -5.81
N SER D 308 32.28 29.30 -4.89
CA SER D 308 33.44 30.17 -5.01
C SER D 308 34.28 29.90 -6.25
N ALA D 309 34.45 28.63 -6.60
CA ALA D 309 35.26 28.25 -7.75
C ALA D 309 34.66 28.79 -9.05
N LEU D 310 33.38 28.56 -9.26
CA LEU D 310 32.72 29.04 -10.46
C LEU D 310 32.91 30.55 -10.59
N LYS D 311 32.86 31.23 -9.45
CA LYS D 311 33.03 32.67 -9.40
C LYS D 311 34.45 33.11 -9.74
N ALA D 312 35.42 32.54 -9.03
CA ALA D 312 36.82 32.88 -9.27
C ALA D 312 37.26 32.60 -10.70
N TRP D 313 36.62 31.63 -11.33
CA TRP D 313 36.94 31.27 -12.71
C TRP D 313 36.46 32.33 -13.70
N GLY D 314 35.16 32.61 -13.68
CA GLY D 314 34.61 33.61 -14.57
C GLY D 314 34.79 33.30 -16.05
N GLY D 315 35.03 32.03 -16.37
CA GLY D 315 35.21 31.65 -17.76
C GLY D 315 36.56 32.02 -18.33
N LYS D 316 37.36 32.73 -17.55
CA LYS D 316 38.69 33.15 -17.99
C LYS D 316 39.72 32.13 -17.56
N LYS D 317 40.36 31.50 -18.55
CA LYS D 317 41.37 30.48 -18.30
C LYS D 317 42.51 30.92 -17.38
N GLU D 318 42.83 32.21 -17.41
CA GLU D 318 43.91 32.74 -16.57
C GLU D 318 43.61 32.54 -15.09
N ASN D 319 42.33 32.40 -14.77
CA ASN D 319 41.89 32.23 -13.39
C ASN D 319 41.82 30.75 -12.97
N LEU D 320 42.40 29.87 -13.78
CA LEU D 320 42.38 28.45 -13.49
C LEU D 320 42.84 28.13 -12.06
N LYS D 321 44.05 28.57 -11.72
CA LYS D 321 44.62 28.32 -10.39
C LYS D 321 43.76 28.89 -9.27
N ALA D 322 43.35 30.15 -9.41
CA ALA D 322 42.53 30.79 -8.40
C ALA D 322 41.25 30.01 -8.15
N ALA D 323 40.58 29.64 -9.23
CA ALA D 323 39.34 28.88 -9.16
C ALA D 323 39.56 27.54 -8.44
N GLN D 324 40.55 26.78 -8.91
CA GLN D 324 40.85 25.48 -8.32
C GLN D 324 41.18 25.59 -6.83
N GLU D 325 41.77 26.71 -6.42
CA GLU D 325 42.14 26.92 -5.03
C GLU D 325 40.89 27.04 -4.15
N GLU D 326 39.83 27.63 -4.70
CA GLU D 326 38.59 27.78 -3.96
C GLU D 326 37.89 26.44 -3.76
N TYR D 327 37.98 25.57 -4.77
CA TYR D 327 37.39 24.25 -4.71
C TYR D 327 38.09 23.43 -3.62
N VAL D 328 39.43 23.45 -3.66
CA VAL D 328 40.20 22.71 -2.68
C VAL D 328 39.83 23.16 -1.27
N LYS D 329 39.57 24.47 -1.13
CA LYS D 329 39.21 25.04 0.17
C LYS D 329 37.98 24.34 0.75
N ARG D 330 36.95 24.17 -0.07
CA ARG D 330 35.72 23.55 0.38
C ARG D 330 35.83 22.03 0.57
N ALA D 331 36.67 21.38 -0.24
CA ALA D 331 36.85 19.94 -0.10
C ALA D 331 37.49 19.64 1.26
N LEU D 332 38.52 20.40 1.59
CA LEU D 332 39.20 20.22 2.88
C LEU D 332 38.27 20.51 4.03
N ALA D 333 37.51 21.59 3.91
CA ALA D 333 36.56 21.99 4.94
C ALA D 333 35.53 20.88 5.17
N ASN D 334 34.97 20.36 4.10
CA ASN D 334 33.98 19.31 4.21
C ASN D 334 34.58 17.97 4.62
N SER D 335 35.85 17.76 4.27
CA SER D 335 36.53 16.54 4.65
C SER D 335 36.61 16.50 6.17
N LEU D 336 36.90 17.65 6.77
CA LEU D 336 36.99 17.76 8.22
C LEU D 336 35.60 17.72 8.86
N ALA D 337 34.64 18.32 8.16
CA ALA D 337 33.27 18.37 8.64
C ALA D 337 32.71 16.97 8.85
N CYS D 338 32.84 16.11 7.83
CA CYS D 338 32.32 14.75 7.93
C CYS D 338 33.08 13.89 8.94
N GLN D 339 33.95 14.54 9.72
CA GLN D 339 34.72 13.86 10.76
C GLN D 339 34.45 14.58 12.07
N GLY D 340 33.65 15.64 12.01
CA GLY D 340 33.32 16.42 13.19
C GLY D 340 34.53 17.21 13.69
N LYS D 341 35.41 17.58 12.77
CA LYS D 341 36.62 18.32 13.14
C LYS D 341 36.78 19.65 12.40
N TYR D 342 35.66 20.22 11.94
CA TYR D 342 35.72 21.48 11.21
C TYR D 342 35.30 22.63 12.13
N THR D 343 36.08 23.72 12.02
CA THR D 343 35.94 24.99 12.74
C THR D 343 36.09 25.99 11.62
N PRO D 344 35.16 26.94 11.48
CA PRO D 344 35.43 27.84 10.35
C PRO D 344 36.74 28.59 10.28
N SER D 345 37.21 28.73 9.05
CA SER D 345 38.45 29.41 8.69
C SER D 345 38.28 30.93 8.86
N GLY D 346 37.36 31.53 8.12
CA GLY D 346 37.16 32.97 8.23
C GLY D 346 37.99 33.75 7.23
N GLN D 347 38.55 33.05 6.24
CA GLN D 347 39.40 33.65 5.21
C GLN D 347 38.63 33.93 3.93
N ALA D 348 38.37 32.88 3.16
CA ALA D 348 37.64 33.00 1.90
C ALA D 348 36.14 33.16 2.16
N GLY D 349 35.69 34.42 2.19
CA GLY D 349 34.28 34.69 2.41
C GLY D 349 33.71 35.60 1.35
N ALA D 350 34.26 35.50 0.14
CA ALA D 350 33.79 36.32 -0.97
C ALA D 350 32.51 35.73 -1.57
N ALA D 351 32.35 34.43 -1.42
CA ALA D 351 31.17 33.73 -1.93
C ALA D 351 30.94 32.42 -1.18
N ALA D 352 31.52 32.32 0.01
CA ALA D 352 31.38 31.11 0.83
C ALA D 352 30.24 31.25 1.82
N SER D 353 29.66 32.45 1.91
CA SER D 353 28.56 32.71 2.82
C SER D 353 27.31 33.13 2.05
N GLU D 354 27.47 33.32 0.74
CA GLU D 354 26.36 33.72 -0.12
C GLU D 354 25.30 32.63 -0.14
N SER D 355 24.03 33.03 -0.16
CA SER D 355 22.93 32.07 -0.20
C SER D 355 22.77 31.52 -1.61
N LEU D 356 23.04 30.23 -1.76
CA LEU D 356 22.93 29.57 -3.06
C LEU D 356 21.55 28.99 -3.32
N PHE D 357 20.53 29.58 -2.68
CA PHE D 357 19.17 29.11 -2.85
C PHE D 357 18.67 29.53 -4.24
N ILE D 358 17.85 28.68 -4.86
CA ILE D 358 17.31 28.97 -6.18
C ILE D 358 15.83 28.65 -6.22
N SER D 359 15.03 29.59 -6.75
CA SER D 359 13.59 29.41 -6.85
C SER D 359 13.25 28.12 -7.60
N ASN D 360 12.12 27.52 -7.25
CA ASN D 360 11.68 26.29 -7.90
C ASN D 360 10.21 26.35 -8.30
N HIS D 361 9.97 26.37 -9.60
CA HIS D 361 8.62 26.42 -10.14
C HIS D 361 8.65 26.17 -11.64
N ALA D 362 7.53 25.73 -12.20
CA ALA D 362 7.44 25.46 -13.63
C ALA D 362 8.50 24.44 -14.04
N TYR D 363 8.96 24.54 -15.27
CA TYR D 363 9.98 23.62 -15.79
C TYR D 363 11.34 23.99 -15.21
C1 M2P E . 8.08 -15.32 24.83
C5 M2P E . 3.35 -15.76 25.91
C6 M2P E . 2.08 -16.20 25.20
C4 M2P E . 4.41 -15.38 24.88
C3 M2P E . 5.70 -14.88 25.52
C2 M2P E . 6.78 -14.62 24.46
O12 M2P E . 10.39 -17.09 25.31
P1 M2P E . 9.02 -17.79 24.84
O13 M2P E . 9.13 -17.95 23.24
O11 M2P E . 8.76 -19.07 25.54
O1 M2P E . 7.85 -16.70 25.08
O2 M2P E . 6.32 -15.08 23.19
O3 M2P E . 5.44 -13.65 26.22
O4 M2P E . 3.87 -14.36 24.02
O5 M2P E . 3.84 -16.83 26.72
O6 M2P E . 1.01 -16.44 26.13
P6 M2P E . -0.41 -16.92 25.56
O62 M2P E . -1.37 -17.02 26.85
O63 M2P E . -0.18 -18.42 25.01
O61 M2P E . -0.93 -16.01 24.53
C1 M2P F . -27.84 5.42 9.52
C5 M2P F . -26.30 4.34 14.10
C6 M2P F . -25.17 4.69 15.09
C4 M2P F . -25.89 4.72 12.67
C3 M2P F . -27.03 4.43 11.68
C2 M2P F . -26.64 4.81 10.24
O12 M2P F . -29.68 8.66 10.68
P1 M2P F . -28.78 7.90 9.59
O13 M2P F . -29.77 7.51 8.38
O11 M2P F . -27.62 8.71 9.14
O1 M2P F . -28.34 6.52 10.28
O2 M2P F . -25.55 5.73 10.25
O3 M2P F . -27.35 3.04 11.72
O4 M2P F . -24.71 4.00 12.30
O5 M2P F . -27.48 5.05 14.47
O6 M2P F . -25.55 4.29 16.40
P6 M2P F . -24.53 4.47 17.64
O62 M2P F . -24.60 6.04 18.03
O63 M2P F . -23.04 4.21 17.08
O61 M2P F . -24.87 3.58 18.76
C1 M2P G . -3.44 -8.78 -28.16
C5 M2P G . 1.07 -6.98 -28.97
C6 M2P G . 2.48 -7.08 -28.38
C4 M2P G . 0.03 -7.43 -27.96
C3 M2P G . -1.39 -7.37 -28.53
C2 M2P G . -2.43 -7.84 -27.50
O12 M2P G . -3.28 -12.09 -27.58
P1 M2P G . -3.51 -11.29 -28.96
O13 M2P G . -2.67 -12.09 -30.07
O11 M2P G . -4.94 -11.13 -29.31
O1 M2P G . -2.75 -9.88 -28.76
O2 M2P G . -1.78 -8.51 -26.41
O3 M2P G . -1.69 -6.03 -28.91
O4 M2P G . 0.11 -6.62 -26.78
O5 M2P G . 0.99 -7.79 -30.15
O6 M2P G . 3.45 -6.65 -29.32
P6 M2P G . 5.01 -6.75 -28.95
O62 M2P G . 5.17 -6.16 -27.47
O63 M2P G . 5.78 -5.74 -29.95
O61 M2P G . 5.52 -8.14 -29.06
C1 M2P H . 23.20 17.90 -5.03
C5 M2P H . 22.02 17.60 -9.81
C6 M2P H . 20.82 17.77 -10.74
C4 M2P H . 21.57 17.39 -8.37
C3 M2P H . 22.77 17.24 -7.42
C2 M2P H . 22.32 17.08 -5.97
O12 M2P H . 24.51 19.99 -3.34
P1 M2P H . 23.37 20.46 -4.37
O13 M2P H . 21.98 20.49 -3.53
O11 M2P H . 23.66 21.77 -5.00
O1 M2P H . 23.20 19.28 -5.44
O2 M2P H . 20.96 17.47 -5.81
O3 M2P H . 23.53 16.10 -7.82
O4 M2P H . 20.75 16.22 -8.28
O5 M2P H . 22.86 18.75 -9.88
O6 M2P H . 21.26 17.95 -12.09
P6 M2P H . 20.18 18.25 -13.25
O62 M2P H . 19.66 19.75 -12.97
O63 M2P H . 18.94 17.26 -12.98
O61 M2P H . 20.75 18.08 -14.60
#